data_3M0Y
#
_entry.id   3M0Y
#
_cell.length_a   74.723
_cell.length_b   104.943
_cell.length_c   114.992
_cell.angle_alpha   90.00
_cell.angle_beta   108.06
_cell.angle_gamma   90.00
#
_symmetry.space_group_name_H-M   'P 1 21 1'
#
loop_
_entity.id
_entity.type
_entity.pdbx_description
1 polymer 'L-rhamnose isomerase'
2 non-polymer 'MANGANESE (II) ION'
3 non-polymer L-RHAMNOSE
4 water water
#
_entity_poly.entity_id   1
_entity_poly.type   'polypeptide(L)'
_entity_poly.pdbx_seq_one_letter_code
;MAEFRIAQDVVARENDRRASALKEDYEALGANLARRGVDIEAVTAKVEKFFVAVPSWGVGTGGTRFARFPGTGEPRGIFD
KLDDCAVIQQLTRATPNVSLHIPWDKADPKELKARGDALGLGFDAMNSNTFSDAPGQAHSYKYGSLSHTNAATRAQAVEH
NLECIEIGKAIGSKALTVWIGDGSNFPGQSNFTRAFERYLSAMAEIYKGLPDDWKLFSEHKMYEPAFYSTVVQDWGTNYL
IAQTLGPKAQCLVDLGHHAPNTNIEMIVARLIQFGKLGGFHFNDSKYGDDDLDAGAIEPYRLFLVFNELVDAEARGVKGF
HPAHMIDQAHNVTDPIESLINSANEIRRAYAQALLVDRAALSGYQEDNDALMATETLKRAYRTDVEPILAEARRRTGGAV
DPVATYRASGYRARVAAERPASVAGGGGIIGSHHHHHH
;
_entity_poly.pdbx_strand_id   A,B,C,D
#
loop_
_chem_comp.id
_chem_comp.type
_chem_comp.name
_chem_comp.formula
MN non-polymer 'MANGANESE (II) ION' 'Mn 2'
RNS L-saccharide L-RHAMNOSE 'C6 H12 O5'
#
# COMPACT_ATOMS: atom_id res chain seq x y z
N PHE A 4 41.76 22.15 -7.00
CA PHE A 4 41.15 21.45 -5.82
C PHE A 4 40.04 22.27 -5.17
N ARG A 5 38.81 21.79 -5.25
CA ARG A 5 37.66 22.48 -4.66
C ARG A 5 37.86 22.63 -3.15
N ILE A 6 38.35 21.58 -2.51
CA ILE A 6 38.61 21.59 -1.08
C ILE A 6 40.11 21.60 -0.86
N ALA A 7 40.62 22.56 -0.10
CA ALA A 7 42.05 22.67 0.16
C ALA A 7 42.62 21.35 0.69
N GLN A 8 43.71 20.89 0.09
CA GLN A 8 44.34 19.64 0.50
C GLN A 8 44.79 19.62 1.95
N ASP A 9 45.22 20.76 2.47
CA ASP A 9 45.66 20.81 3.86
C ASP A 9 44.48 20.54 4.79
N VAL A 10 43.29 20.93 4.37
CA VAL A 10 42.10 20.72 5.17
C VAL A 10 41.82 19.22 5.27
N VAL A 11 41.88 18.56 4.11
CA VAL A 11 41.66 17.12 4.06
C VAL A 11 42.70 16.38 4.89
N ALA A 12 43.97 16.72 4.68
CA ALA A 12 45.05 16.08 5.42
C ALA A 12 44.85 16.27 6.92
N ARG A 13 44.54 17.49 7.33
CA ARG A 13 44.34 17.80 8.74
C ARG A 13 43.22 16.95 9.34
N GLU A 14 42.08 16.92 8.65
CA GLU A 14 40.95 16.14 9.13
C GLU A 14 41.23 14.65 9.10
N ASN A 15 41.99 14.18 8.11
CA ASN A 15 42.33 12.77 8.03
C ASN A 15 43.25 12.37 9.19
N ASP A 16 44.25 13.22 9.47
CA ASP A 16 45.20 12.94 10.55
C ASP A 16 44.54 12.91 11.92
N ARG A 17 43.55 13.79 12.10
CA ARG A 17 42.82 13.88 13.36
C ARG A 17 42.08 12.57 13.66
N ARG A 18 41.67 11.88 12.61
CA ARG A 18 40.92 10.63 12.76
C ARG A 18 41.72 9.38 12.39
N ALA A 19 43.00 9.57 12.07
CA ALA A 19 43.87 8.46 11.67
C ALA A 19 43.98 7.36 12.72
N SER A 20 44.23 7.75 13.97
CA SER A 20 44.37 6.78 15.06
C SER A 20 43.13 5.90 15.22
N ALA A 21 41.97 6.54 15.27
CA ALA A 21 40.71 5.80 15.43
C ALA A 21 40.44 4.87 14.24
N LEU A 22 40.75 5.34 13.02
CA LEU A 22 40.51 4.50 11.84
C LEU A 22 41.40 3.25 11.90
N LYS A 23 42.65 3.44 12.34
CA LYS A 23 43.60 2.33 12.44
C LYS A 23 43.04 1.26 13.37
N GLU A 24 42.63 1.66 14.56
CA GLU A 24 42.07 0.73 15.53
C GLU A 24 40.84 -0.02 15.02
N ASP A 25 39.91 0.70 14.43
CA ASP A 25 38.68 0.09 13.92
C ASP A 25 38.95 -0.81 12.71
N TYR A 26 39.78 -0.35 11.78
CA TYR A 26 40.07 -1.14 10.58
C TYR A 26 40.78 -2.45 10.95
N GLU A 27 41.81 -2.36 11.80
CA GLU A 27 42.55 -3.55 12.19
C GLU A 27 41.69 -4.50 13.03
N ALA A 28 40.75 -3.96 13.78
CA ALA A 28 39.85 -4.79 14.58
C ALA A 28 38.91 -5.51 13.62
N LEU A 29 38.39 -4.77 12.64
CA LEU A 29 37.49 -5.35 11.65
C LEU A 29 38.25 -6.37 10.81
N GLY A 30 39.51 -6.05 10.51
CA GLY A 30 40.32 -6.95 9.71
C GLY A 30 40.53 -8.30 10.38
N ALA A 31 40.76 -8.29 11.69
CA ALA A 31 40.99 -9.51 12.45
C ALA A 31 39.70 -10.33 12.53
N ASN A 32 38.59 -9.63 12.74
CA ASN A 32 37.28 -10.28 12.84
C ASN A 32 36.93 -10.93 11.50
N LEU A 33 37.20 -10.22 10.41
CA LEU A 33 36.91 -10.78 9.09
C LEU A 33 37.83 -11.97 8.80
N ALA A 34 39.08 -11.88 9.23
CA ALA A 34 40.04 -12.96 9.02
C ALA A 34 39.52 -14.23 9.69
N ARG A 35 38.97 -14.09 10.89
CA ARG A 35 38.41 -15.22 11.63
C ARG A 35 37.23 -15.80 10.87
N ARG A 36 36.64 -14.99 10.00
CA ARG A 36 35.50 -15.41 9.20
C ARG A 36 35.94 -15.87 7.81
N GLY A 37 37.25 -15.89 7.58
CA GLY A 37 37.75 -16.32 6.28
C GLY A 37 37.68 -15.28 5.18
N VAL A 38 37.58 -14.02 5.56
CA VAL A 38 37.51 -12.94 4.58
C VAL A 38 38.76 -12.07 4.66
N ASP A 39 39.29 -11.67 3.51
CA ASP A 39 40.48 -10.83 3.45
C ASP A 39 40.00 -9.37 3.31
N ILE A 40 40.07 -8.61 4.39
CA ILE A 40 39.62 -7.24 4.39
C ILE A 40 40.29 -6.39 3.30
N GLU A 41 41.54 -6.71 2.97
CA GLU A 41 42.24 -5.95 1.95
C GLU A 41 41.59 -6.14 0.58
N ALA A 42 41.09 -7.34 0.33
CA ALA A 42 40.44 -7.65 -0.93
C ALA A 42 39.13 -6.90 -1.06
N VAL A 43 38.42 -6.77 0.06
CA VAL A 43 37.16 -6.04 0.07
C VAL A 43 37.45 -4.55 -0.13
N THR A 44 38.43 -4.02 0.58
CA THR A 44 38.79 -2.61 0.43
C THR A 44 39.17 -2.30 -1.02
N ALA A 45 39.92 -3.21 -1.63
CA ALA A 45 40.36 -3.02 -3.01
C ALA A 45 39.18 -2.94 -3.99
N LYS A 46 38.10 -3.67 -3.72
CA LYS A 46 36.95 -3.61 -4.62
C LYS A 46 36.09 -2.39 -4.30
N VAL A 47 35.94 -2.10 -3.02
CA VAL A 47 35.14 -0.95 -2.60
C VAL A 47 35.67 0.33 -3.21
N GLU A 48 36.99 0.55 -3.13
CA GLU A 48 37.58 1.77 -3.66
C GLU A 48 37.37 1.95 -5.16
N LYS A 49 36.90 0.91 -5.84
CA LYS A 49 36.66 0.99 -7.28
C LYS A 49 35.17 0.99 -7.64
N PHE A 50 34.31 1.08 -6.64
CA PHE A 50 32.87 1.10 -6.93
C PHE A 50 32.45 2.56 -7.09
N PHE A 51 31.96 2.90 -8.27
CA PHE A 51 31.54 4.26 -8.54
C PHE A 51 30.06 4.37 -8.85
N VAL A 52 29.47 5.50 -8.47
CA VAL A 52 28.06 5.76 -8.73
C VAL A 52 27.98 7.19 -9.26
N ALA A 53 27.20 7.40 -10.30
CA ALA A 53 27.08 8.73 -10.89
C ALA A 53 26.22 9.65 -10.04
N VAL A 54 26.60 10.92 -10.01
CA VAL A 54 25.87 11.94 -9.27
C VAL A 54 25.02 12.76 -10.25
N PRO A 55 23.74 13.01 -9.91
CA PRO A 55 22.82 13.77 -10.74
C PRO A 55 23.04 15.28 -10.64
N SER A 56 23.32 15.91 -11.78
CA SER A 56 23.54 17.35 -11.81
C SER A 56 22.35 18.06 -11.18
N TRP A 57 21.15 17.50 -11.39
CA TRP A 57 19.92 18.08 -10.87
C TRP A 57 19.69 17.92 -9.36
N GLY A 58 20.60 17.24 -8.69
CA GLY A 58 20.47 17.04 -7.25
C GLY A 58 21.47 17.84 -6.43
N VAL A 59 22.34 18.58 -7.11
CA VAL A 59 23.34 19.39 -6.41
C VAL A 59 22.72 20.69 -5.91
N GLY A 60 21.56 21.04 -6.45
CA GLY A 60 20.88 22.23 -6.01
C GLY A 60 19.75 21.75 -5.12
N THR A 61 19.23 22.60 -4.24
CA THR A 61 18.16 22.19 -3.34
C THR A 61 16.89 21.86 -4.12
N GLY A 62 16.22 20.79 -3.71
CA GLY A 62 14.99 20.38 -4.38
C GLY A 62 13.76 20.94 -3.69
N GLY A 63 12.58 20.53 -4.17
CA GLY A 63 11.34 21.00 -3.58
C GLY A 63 10.17 20.11 -3.97
N THR A 64 8.98 20.45 -3.47
CA THR A 64 7.77 19.69 -3.78
C THR A 64 6.80 20.62 -4.51
N ARG A 65 5.61 20.13 -4.83
CA ARG A 65 4.64 20.96 -5.51
C ARG A 65 4.10 22.04 -4.57
N PHE A 66 4.42 21.91 -3.28
CA PHE A 66 3.95 22.88 -2.30
C PHE A 66 4.92 24.05 -2.08
N ALA A 67 6.21 23.79 -2.18
CA ALA A 67 7.20 24.85 -1.97
C ALA A 67 8.62 24.35 -2.13
N ARG A 68 9.53 25.31 -2.30
CA ARG A 68 10.95 25.05 -2.41
C ARG A 68 11.61 26.03 -1.45
N PHE A 69 12.53 25.54 -0.62
CA PHE A 69 13.22 26.38 0.34
C PHE A 69 14.72 26.30 0.05
N PRO A 70 15.21 27.13 -0.90
CA PRO A 70 16.63 27.11 -1.26
C PRO A 70 17.58 27.43 -0.11
N GLY A 71 18.79 26.89 -0.20
CA GLY A 71 19.80 27.17 0.81
C GLY A 71 20.67 28.29 0.26
N THR A 72 21.83 28.52 0.86
CA THR A 72 22.73 29.57 0.38
C THR A 72 23.66 28.99 -0.69
N GLY A 73 24.21 29.87 -1.52
CA GLY A 73 25.11 29.43 -2.57
C GLY A 73 24.58 28.39 -3.52
N GLU A 74 23.32 28.51 -3.92
CA GLU A 74 22.73 27.56 -4.87
C GLU A 74 23.46 27.71 -6.19
N PRO A 75 23.86 26.60 -6.83
CA PRO A 75 24.56 26.68 -8.11
C PRO A 75 23.71 27.44 -9.13
N ARG A 76 24.34 28.32 -9.90
CA ARG A 76 23.61 29.13 -10.88
C ARG A 76 23.33 28.42 -12.20
N GLY A 77 24.22 27.53 -12.59
CA GLY A 77 24.04 26.80 -13.84
C GLY A 77 24.77 25.48 -13.78
N ILE A 78 24.97 24.85 -14.94
CA ILE A 78 25.65 23.57 -14.99
C ILE A 78 27.12 23.64 -14.55
N PHE A 79 27.77 24.76 -14.79
CA PHE A 79 29.17 24.90 -14.39
C PHE A 79 29.33 24.96 -12.88
N ASP A 80 28.45 25.69 -12.22
CA ASP A 80 28.50 25.76 -10.76
C ASP A 80 28.24 24.36 -10.23
N LYS A 81 27.28 23.66 -10.86
CA LYS A 81 26.91 22.32 -10.47
C LYS A 81 28.08 21.34 -10.59
N LEU A 82 28.84 21.44 -11.68
CA LEU A 82 29.99 20.57 -11.86
C LEU A 82 31.01 20.89 -10.78
N ASP A 83 31.17 22.16 -10.47
CA ASP A 83 32.10 22.59 -9.42
C ASP A 83 31.72 21.91 -8.12
N ASP A 84 30.43 21.87 -7.82
CA ASP A 84 29.98 21.25 -6.58
C ASP A 84 30.13 19.74 -6.64
N CYS A 85 29.94 19.15 -7.81
CA CYS A 85 30.09 17.70 -7.96
C CYS A 85 31.55 17.34 -7.71
N ALA A 86 32.45 18.23 -8.10
CA ALA A 86 33.88 18.00 -7.90
C ALA A 86 34.19 17.83 -6.42
N VAL A 87 33.45 18.54 -5.58
CA VAL A 87 33.64 18.45 -4.13
C VAL A 87 33.25 17.05 -3.67
N ILE A 88 32.10 16.57 -4.14
CA ILE A 88 31.63 15.25 -3.76
C ILE A 88 32.62 14.17 -4.16
N GLN A 89 33.18 14.27 -5.37
CA GLN A 89 34.14 13.28 -5.84
C GLN A 89 35.46 13.36 -5.07
N GLN A 90 35.96 14.57 -4.88
CA GLN A 90 37.22 14.75 -4.17
C GLN A 90 37.19 14.14 -2.76
N LEU A 91 36.08 14.37 -2.05
CA LEU A 91 35.95 13.87 -0.69
C LEU A 91 35.53 12.40 -0.54
N THR A 92 34.68 11.89 -1.44
CA THR A 92 34.26 10.50 -1.33
C THR A 92 35.02 9.55 -2.25
N ARG A 93 35.49 10.09 -3.37
CA ARG A 93 36.22 9.32 -4.39
C ARG A 93 35.35 8.19 -4.94
N ALA A 94 34.03 8.35 -4.80
CA ALA A 94 33.07 7.35 -5.25
C ALA A 94 32.13 7.86 -6.34
N THR A 95 32.30 9.12 -6.72
CA THR A 95 31.43 9.74 -7.71
C THR A 95 32.20 10.47 -8.82
N PRO A 96 33.03 9.74 -9.58
CA PRO A 96 33.82 10.35 -10.65
C PRO A 96 33.00 10.87 -11.85
N ASN A 97 31.78 10.37 -12.01
CA ASN A 97 30.95 10.79 -13.15
C ASN A 97 29.66 11.50 -12.79
N VAL A 98 29.27 12.44 -13.66
CA VAL A 98 28.05 13.22 -13.49
C VAL A 98 27.02 12.88 -14.55
N SER A 99 25.75 12.83 -14.14
CA SER A 99 24.67 12.54 -15.07
C SER A 99 24.05 13.89 -15.45
N LEU A 100 24.04 14.21 -16.74
CA LEU A 100 23.47 15.49 -17.20
C LEU A 100 22.03 15.38 -17.67
N HIS A 101 21.30 16.49 -17.54
CA HIS A 101 19.89 16.56 -17.94
C HIS A 101 19.72 17.69 -18.96
N ILE A 102 19.13 17.36 -20.11
CA ILE A 102 18.92 18.34 -21.17
C ILE A 102 17.41 18.65 -21.24
N PRO A 103 17.04 19.93 -21.44
CA PRO A 103 17.86 21.13 -21.63
C PRO A 103 18.43 21.85 -20.40
N TRP A 104 18.12 21.37 -19.19
CA TRP A 104 18.62 22.02 -17.99
C TRP A 104 20.12 22.35 -18.03
N ASP A 105 20.93 21.36 -18.41
CA ASP A 105 22.38 21.55 -18.45
C ASP A 105 22.94 21.85 -19.83
N LYS A 106 22.08 22.27 -20.76
CA LYS A 106 22.55 22.56 -22.10
C LYS A 106 23.62 23.66 -22.12
N ALA A 107 24.72 23.38 -22.80
CA ALA A 107 25.83 24.30 -22.94
C ALA A 107 26.75 23.74 -24.01
N ASP A 108 27.76 24.52 -24.41
CA ASP A 108 28.69 24.05 -25.44
C ASP A 108 29.35 22.76 -24.95
N PRO A 109 29.16 21.65 -25.67
CA PRO A 109 29.76 20.37 -25.29
C PRO A 109 31.25 20.48 -24.99
N LYS A 110 31.95 21.26 -25.81
CA LYS A 110 33.38 21.44 -25.63
C LYS A 110 33.69 22.08 -24.27
N GLU A 111 32.88 23.04 -23.86
CA GLU A 111 33.08 23.69 -22.57
C GLU A 111 32.77 22.72 -21.45
N LEU A 112 31.68 21.98 -21.58
CA LEU A 112 31.30 21.00 -20.56
C LEU A 112 32.42 19.99 -20.38
N LYS A 113 32.93 19.49 -21.50
CA LYS A 113 34.00 18.51 -21.52
C LYS A 113 35.26 19.06 -20.84
N ALA A 114 35.62 20.29 -21.19
CA ALA A 114 36.80 20.93 -20.62
C ALA A 114 36.69 21.10 -19.12
N ARG A 115 35.52 21.53 -18.64
CA ARG A 115 35.32 21.71 -17.21
C ARG A 115 35.44 20.36 -16.49
N GLY A 116 34.82 19.34 -17.06
CA GLY A 116 34.89 18.02 -16.47
C GLY A 116 36.34 17.58 -16.34
N ASP A 117 37.07 17.61 -17.44
CA ASP A 117 38.47 17.22 -17.44
C ASP A 117 39.27 17.98 -16.40
N ALA A 118 39.03 19.29 -16.30
CA ALA A 118 39.74 20.13 -15.36
C ALA A 118 39.44 19.77 -13.90
N LEU A 119 38.21 19.35 -13.64
CA LEU A 119 37.78 18.97 -12.30
C LEU A 119 38.03 17.50 -12.00
N GLY A 120 38.34 16.74 -13.05
CA GLY A 120 38.59 15.31 -12.87
C GLY A 120 37.28 14.53 -12.85
N LEU A 121 36.29 15.04 -13.58
CA LEU A 121 34.99 14.39 -13.65
C LEU A 121 34.69 13.90 -15.06
N GLY A 122 33.91 12.83 -15.13
CA GLY A 122 33.51 12.28 -16.42
C GLY A 122 32.00 12.42 -16.50
N PHE A 123 31.39 11.91 -17.56
CA PHE A 123 29.94 12.02 -17.71
C PHE A 123 29.26 10.68 -17.91
N ASP A 124 28.22 10.42 -17.13
CA ASP A 124 27.49 9.17 -17.23
C ASP A 124 26.40 9.35 -18.29
N ALA A 125 25.36 8.52 -18.23
CA ALA A 125 24.27 8.57 -19.20
C ALA A 125 23.57 9.93 -19.28
N MET A 126 23.19 10.31 -20.50
CA MET A 126 22.47 11.55 -20.70
C MET A 126 21.01 11.30 -20.29
N ASN A 127 20.30 12.37 -19.94
CA ASN A 127 18.90 12.27 -19.56
C ASN A 127 18.09 13.26 -20.38
N SER A 128 17.08 12.77 -21.08
CA SER A 128 16.23 13.64 -21.88
C SER A 128 15.09 14.19 -21.02
N ASN A 129 14.50 15.30 -21.44
CA ASN A 129 13.41 15.94 -20.72
C ASN A 129 12.24 16.27 -21.63
N THR A 130 11.23 15.40 -21.65
CA THR A 130 10.03 15.70 -22.44
C THR A 130 8.84 15.59 -21.50
N PHE A 131 9.08 15.98 -20.24
CA PHE A 131 8.06 15.98 -19.21
C PHE A 131 7.77 17.42 -18.75
N SER A 132 8.38 18.37 -19.43
CA SER A 132 8.20 19.79 -19.14
C SER A 132 8.41 20.54 -20.46
N ASP A 133 7.79 21.71 -20.59
CA ASP A 133 7.93 22.50 -21.81
C ASP A 133 9.06 23.52 -21.72
N ALA A 134 9.85 23.60 -22.79
CA ALA A 134 10.95 24.56 -22.86
C ALA A 134 10.46 25.70 -23.76
N PRO A 135 11.09 26.87 -23.67
CA PRO A 135 10.69 28.02 -24.50
C PRO A 135 10.81 27.78 -26.00
N GLY A 136 9.88 28.36 -26.76
CA GLY A 136 9.91 28.23 -28.21
C GLY A 136 9.49 26.87 -28.75
N GLN A 137 9.01 26.01 -27.86
CA GLN A 137 8.57 24.68 -28.24
C GLN A 137 7.31 24.77 -29.11
N ALA A 138 7.36 24.14 -30.28
CA ALA A 138 6.22 24.18 -31.20
C ALA A 138 5.01 23.40 -30.69
N HIS A 139 5.26 22.36 -29.90
CA HIS A 139 4.20 21.53 -29.35
C HIS A 139 4.38 21.29 -27.85
N SER A 140 3.30 21.39 -27.09
CA SER A 140 3.35 21.18 -25.65
C SER A 140 3.28 19.70 -25.26
N TYR A 141 3.96 19.35 -24.17
CA TYR A 141 3.97 17.96 -23.70
C TYR A 141 2.90 17.74 -22.63
N LYS A 142 2.00 18.70 -22.49
CA LYS A 142 0.93 18.61 -21.49
C LYS A 142 0.21 17.26 -21.51
N TYR A 143 -0.12 16.77 -22.70
CA TYR A 143 -0.83 15.49 -22.81
C TYR A 143 0.06 14.34 -23.26
N GLY A 144 1.36 14.50 -23.11
CA GLY A 144 2.27 13.43 -23.52
C GLY A 144 3.43 13.93 -24.36
N SER A 145 4.32 13.01 -24.74
CA SER A 145 5.48 13.36 -25.54
C SER A 145 5.75 12.25 -26.56
N LEU A 146 6.52 11.24 -26.15
CA LEU A 146 6.82 10.12 -27.04
C LEU A 146 5.57 9.30 -27.38
N SER A 147 4.54 9.41 -26.55
CA SER A 147 3.31 8.66 -26.78
C SER A 147 2.11 9.58 -27.04
N HIS A 148 2.37 10.86 -27.23
CA HIS A 148 1.31 11.85 -27.49
C HIS A 148 0.50 11.39 -28.72
N THR A 149 -0.80 11.70 -28.73
CA THR A 149 -1.64 11.31 -29.86
C THR A 149 -1.21 12.01 -31.16
N ASN A 150 -0.72 13.24 -31.03
CA ASN A 150 -0.29 14.06 -32.16
C ASN A 150 1.10 13.66 -32.66
N ALA A 151 1.14 13.18 -33.90
CA ALA A 151 2.39 12.75 -34.52
C ALA A 151 3.50 13.79 -34.46
N ALA A 152 3.17 15.04 -34.74
CA ALA A 152 4.16 16.13 -34.73
C ALA A 152 4.78 16.31 -33.35
N THR A 153 3.98 16.08 -32.31
CA THR A 153 4.48 16.23 -30.96
C THR A 153 5.46 15.11 -30.65
N ARG A 154 5.19 13.92 -31.16
CA ARG A 154 6.07 12.78 -30.94
C ARG A 154 7.38 13.00 -31.68
N ALA A 155 7.30 13.49 -32.92
CA ALA A 155 8.50 13.74 -33.71
C ALA A 155 9.39 14.74 -32.99
N GLN A 156 8.77 15.75 -32.40
CA GLN A 156 9.52 16.78 -31.67
C GLN A 156 10.25 16.14 -30.49
N ALA A 157 9.57 15.25 -29.79
CA ALA A 157 10.17 14.56 -28.65
C ALA A 157 11.33 13.68 -29.10
N VAL A 158 11.16 13.02 -30.24
CA VAL A 158 12.20 12.15 -30.77
C VAL A 158 13.46 12.97 -31.07
N GLU A 159 13.28 14.11 -31.74
CA GLU A 159 14.41 14.98 -32.08
C GLU A 159 15.14 15.46 -30.84
N HIS A 160 14.40 15.70 -29.75
CA HIS A 160 15.03 16.15 -28.53
C HIS A 160 15.95 15.04 -27.98
N ASN A 161 15.49 13.80 -28.04
CA ASN A 161 16.31 12.70 -27.55
C ASN A 161 17.55 12.51 -28.44
N LEU A 162 17.39 12.68 -29.75
CA LEU A 162 18.51 12.54 -30.66
C LEU A 162 19.54 13.62 -30.37
N GLU A 163 19.06 14.80 -30.00
CA GLU A 163 19.93 15.91 -29.68
C GLU A 163 20.71 15.56 -28.41
N CYS A 164 20.04 14.89 -27.48
CA CYS A 164 20.69 14.50 -26.23
C CYS A 164 21.83 13.54 -26.54
N ILE A 165 21.64 12.66 -27.51
CA ILE A 165 22.67 11.70 -27.91
C ILE A 165 23.87 12.43 -28.51
N GLU A 166 23.60 13.43 -29.34
CA GLU A 166 24.68 14.21 -29.98
C GLU A 166 25.52 14.91 -28.93
N ILE A 167 24.87 15.46 -27.91
CA ILE A 167 25.58 16.15 -26.84
C ILE A 167 26.39 15.12 -26.05
N GLY A 168 25.77 13.99 -25.74
CA GLY A 168 26.45 12.95 -24.99
C GLY A 168 27.69 12.43 -25.71
N LYS A 169 27.58 12.24 -27.02
CA LYS A 169 28.70 11.75 -27.81
C LYS A 169 29.88 12.70 -27.73
N ALA A 170 29.61 14.00 -27.77
CA ALA A 170 30.67 14.99 -27.72
C ALA A 170 31.35 15.09 -26.35
N ILE A 171 30.65 14.71 -25.28
CA ILE A 171 31.26 14.81 -23.95
C ILE A 171 31.76 13.51 -23.31
N GLY A 172 31.59 12.39 -24.00
CA GLY A 172 32.08 11.12 -23.47
C GLY A 172 31.03 10.20 -22.88
N SER A 173 29.76 10.57 -22.99
CA SER A 173 28.67 9.74 -22.46
C SER A 173 28.46 8.53 -23.38
N LYS A 174 27.90 7.45 -22.86
CA LYS A 174 27.67 6.24 -23.64
C LYS A 174 26.26 5.66 -23.48
N ALA A 175 25.33 6.49 -23.04
CA ALA A 175 23.96 6.03 -22.86
C ALA A 175 22.97 7.19 -22.74
N LEU A 176 21.72 6.89 -23.01
CA LEU A 176 20.64 7.86 -22.92
C LEU A 176 19.56 7.24 -22.04
N THR A 177 19.17 7.95 -20.99
CA THR A 177 18.11 7.48 -20.11
C THR A 177 16.84 8.22 -20.47
N VAL A 178 15.76 7.48 -20.68
CA VAL A 178 14.49 8.07 -21.04
C VAL A 178 13.39 7.80 -20.02
N TRP A 179 13.00 8.87 -19.31
CA TRP A 179 11.91 8.80 -18.36
C TRP A 179 10.94 9.88 -18.80
N ILE A 180 9.67 9.54 -18.95
CA ILE A 180 8.67 10.52 -19.35
C ILE A 180 7.48 10.41 -18.41
N GLY A 181 6.69 11.48 -18.34
CA GLY A 181 5.53 11.48 -17.48
C GLY A 181 4.29 10.93 -18.14
N ASP A 182 4.37 10.68 -19.45
CA ASP A 182 3.24 10.17 -20.24
C ASP A 182 2.32 9.21 -19.50
N GLY A 183 1.04 9.55 -19.50
CA GLY A 183 0.04 8.73 -18.83
C GLY A 183 -1.27 9.48 -18.79
N SER A 184 -2.20 9.02 -17.97
CA SER A 184 -3.50 9.65 -17.87
C SER A 184 -3.88 9.86 -16.41
N ASN A 185 -4.80 10.80 -16.19
CA ASN A 185 -5.29 11.10 -14.85
C ASN A 185 -6.73 10.65 -14.67
N PHE A 186 -7.36 10.22 -15.76
CA PHE A 186 -8.74 9.76 -15.72
C PHE A 186 -9.00 8.50 -16.54
N PRO A 187 -9.88 7.62 -16.05
CA PRO A 187 -10.15 6.42 -16.83
C PRO A 187 -10.73 6.86 -18.17
N GLY A 188 -10.36 6.20 -19.24
CA GLY A 188 -10.88 6.56 -20.55
C GLY A 188 -10.05 7.59 -21.29
N GLN A 189 -9.37 8.47 -20.56
CA GLN A 189 -8.56 9.51 -21.19
C GLN A 189 -7.63 8.94 -22.26
N SER A 190 -6.98 7.82 -21.94
CA SER A 190 -6.05 7.19 -22.88
C SER A 190 -6.46 5.77 -23.22
N ASN A 191 -6.05 5.32 -24.40
CA ASN A 191 -6.29 3.95 -24.82
C ASN A 191 -4.93 3.35 -24.45
N PHE A 192 -4.91 2.51 -23.41
CA PHE A 192 -3.65 1.92 -22.93
C PHE A 192 -2.76 1.32 -24.01
N THR A 193 -3.33 0.48 -24.86
CA THR A 193 -2.56 -0.18 -25.91
C THR A 193 -2.07 0.76 -27.00
N ARG A 194 -2.92 1.67 -27.46
CA ARG A 194 -2.49 2.59 -28.50
C ARG A 194 -1.42 3.56 -28.03
N ALA A 195 -1.52 4.03 -26.79
CA ALA A 195 -0.53 4.95 -26.25
C ALA A 195 0.83 4.25 -26.17
N PHE A 196 0.82 2.98 -25.76
CA PHE A 196 2.06 2.21 -25.65
C PHE A 196 2.65 1.93 -27.04
N GLU A 197 1.77 1.68 -28.01
CA GLU A 197 2.23 1.44 -29.37
C GLU A 197 2.93 2.69 -29.90
N ARG A 198 2.33 3.85 -29.66
CA ARG A 198 2.90 5.11 -30.11
C ARG A 198 4.29 5.30 -29.49
N TYR A 199 4.39 4.98 -28.21
CA TYR A 199 5.65 5.09 -27.47
C TYR A 199 6.72 4.20 -28.09
N LEU A 200 6.35 2.95 -28.37
CA LEU A 200 7.27 1.98 -28.95
C LEU A 200 7.79 2.43 -30.31
N SER A 201 6.91 3.03 -31.11
CA SER A 201 7.30 3.50 -32.44
C SER A 201 8.32 4.62 -32.33
N ALA A 202 8.08 5.51 -31.37
CA ALA A 202 8.97 6.65 -31.14
C ALA A 202 10.31 6.20 -30.57
N MET A 203 10.29 5.25 -29.65
CA MET A 203 11.53 4.76 -29.06
C MET A 203 12.34 4.01 -30.11
N ALA A 204 11.66 3.36 -31.06
CA ALA A 204 12.35 2.65 -32.13
C ALA A 204 13.18 3.66 -32.93
N GLU A 205 12.60 4.83 -33.18
CA GLU A 205 13.31 5.87 -33.92
C GLU A 205 14.55 6.34 -33.17
N ILE A 206 14.39 6.57 -31.87
CA ILE A 206 15.50 7.00 -31.03
C ILE A 206 16.58 5.93 -31.05
N TYR A 207 16.15 4.67 -31.01
CA TYR A 207 17.08 3.54 -31.01
C TYR A 207 17.98 3.55 -32.25
N LYS A 208 17.41 4.00 -33.37
CA LYS A 208 18.16 4.05 -34.63
C LYS A 208 19.32 5.04 -34.58
N GLY A 209 19.23 6.02 -33.70
CA GLY A 209 20.29 7.02 -33.60
C GLY A 209 21.37 6.70 -32.59
N LEU A 210 21.33 5.50 -32.03
CA LEU A 210 22.33 5.10 -31.04
C LEU A 210 23.63 4.60 -31.64
N PRO A 211 24.77 5.11 -31.14
CA PRO A 211 26.05 4.66 -31.67
C PRO A 211 26.14 3.16 -31.38
N ASP A 212 27.09 2.47 -31.99
CA ASP A 212 27.24 1.03 -31.77
C ASP A 212 27.55 0.66 -30.32
N ASP A 213 28.23 1.56 -29.61
CA ASP A 213 28.60 1.26 -28.22
C ASP A 213 27.73 1.97 -27.18
N TRP A 214 26.55 2.42 -27.60
CA TRP A 214 25.64 3.10 -26.68
C TRP A 214 24.52 2.19 -26.18
N LYS A 215 23.80 2.66 -25.18
CA LYS A 215 22.68 1.93 -24.62
C LYS A 215 21.54 2.92 -24.44
N LEU A 216 20.33 2.41 -24.53
CA LEU A 216 19.12 3.22 -24.36
C LEU A 216 18.40 2.66 -23.14
N PHE A 217 18.34 3.45 -22.07
CA PHE A 217 17.66 2.99 -20.86
C PHE A 217 16.27 3.59 -20.73
N SER A 218 15.27 2.74 -20.49
CA SER A 218 13.91 3.22 -20.30
C SER A 218 13.59 3.02 -18.81
N GLU A 219 13.07 4.06 -18.18
CA GLU A 219 12.77 4.06 -16.76
C GLU A 219 11.28 3.99 -16.44
N HIS A 220 10.86 2.90 -15.78
CA HIS A 220 9.45 2.76 -15.42
C HIS A 220 9.14 3.50 -14.12
N LYS A 221 7.87 3.88 -13.96
CA LYS A 221 7.41 4.56 -12.76
C LYS A 221 5.91 4.32 -12.61
N MET A 222 5.49 3.86 -11.44
CA MET A 222 4.07 3.57 -11.22
C MET A 222 3.15 4.77 -11.41
N TYR A 223 3.54 5.91 -10.85
CA TYR A 223 2.71 7.12 -10.98
C TYR A 223 3.51 8.37 -10.69
N GLU A 224 2.91 9.52 -10.97
CA GLU A 224 3.49 10.85 -10.81
C GLU A 224 4.43 11.11 -11.99
N PRO A 225 4.11 12.12 -12.82
CA PRO A 225 2.97 13.04 -12.77
C PRO A 225 1.57 12.52 -13.13
N ALA A 226 1.50 11.34 -13.75
CA ALA A 226 0.20 10.76 -14.12
C ALA A 226 -0.37 10.04 -12.90
N PHE A 227 -1.63 10.35 -12.56
CA PHE A 227 -2.25 9.77 -11.38
C PHE A 227 -3.32 8.70 -11.56
N TYR A 228 -3.50 8.20 -12.77
CA TYR A 228 -4.44 7.11 -13.00
C TYR A 228 -3.65 5.99 -13.71
N SER A 229 -3.03 6.33 -14.83
CA SER A 229 -2.24 5.34 -15.56
C SER A 229 -0.97 6.00 -16.10
N THR A 230 0.09 5.21 -16.24
CA THR A 230 1.37 5.69 -16.79
C THR A 230 1.76 4.68 -17.85
N VAL A 231 2.20 5.16 -19.01
CA VAL A 231 2.58 4.26 -20.11
C VAL A 231 3.66 3.26 -19.68
N VAL A 232 4.79 3.76 -19.19
CA VAL A 232 5.85 2.89 -18.72
C VAL A 232 5.65 2.82 -17.20
N GLN A 233 4.64 2.07 -16.77
CA GLN A 233 4.27 1.99 -15.36
C GLN A 233 5.04 1.02 -14.46
N ASP A 234 5.49 -0.11 -15.00
CA ASP A 234 6.25 -1.06 -14.19
C ASP A 234 7.33 -1.83 -14.98
N TRP A 235 8.04 -2.70 -14.28
CA TRP A 235 9.11 -3.46 -14.92
C TRP A 235 8.63 -4.43 -15.99
N GLY A 236 7.38 -4.86 -15.90
CA GLY A 236 6.84 -5.76 -16.90
C GLY A 236 6.74 -5.04 -18.24
N THR A 237 6.17 -3.84 -18.20
CA THR A 237 6.05 -3.05 -19.41
C THR A 237 7.46 -2.66 -19.87
N ASN A 238 8.32 -2.36 -18.91
CA ASN A 238 9.69 -1.96 -19.23
C ASN A 238 10.40 -3.08 -19.96
N TYR A 239 10.23 -4.32 -19.48
CA TYR A 239 10.87 -5.45 -20.15
C TYR A 239 10.37 -5.55 -21.58
N LEU A 240 9.06 -5.38 -21.77
CA LEU A 240 8.50 -5.46 -23.12
C LEU A 240 9.17 -4.44 -24.03
N ILE A 241 9.44 -3.26 -23.48
CA ILE A 241 10.09 -2.20 -24.23
C ILE A 241 11.49 -2.59 -24.67
N ALA A 242 12.33 -2.96 -23.71
CA ALA A 242 13.70 -3.34 -24.02
C ALA A 242 13.77 -4.52 -24.98
N GLN A 243 12.94 -5.53 -24.75
CA GLN A 243 12.93 -6.70 -25.61
C GLN A 243 12.51 -6.33 -27.03
N THR A 244 11.56 -5.41 -27.14
CA THR A 244 11.06 -4.97 -28.43
C THR A 244 12.09 -4.12 -29.20
N LEU A 245 12.73 -3.19 -28.50
CA LEU A 245 13.70 -2.29 -29.14
C LEU A 245 14.97 -2.96 -29.64
N GLY A 246 15.55 -3.85 -28.85
CA GLY A 246 16.77 -4.52 -29.28
C GLY A 246 17.85 -4.63 -28.23
N PRO A 247 19.00 -5.25 -28.58
CA PRO A 247 20.17 -5.47 -27.71
C PRO A 247 20.66 -4.23 -26.97
N LYS A 248 20.59 -3.07 -27.60
CA LYS A 248 21.07 -1.84 -26.96
C LYS A 248 20.10 -1.26 -25.93
N ALA A 249 18.87 -1.76 -25.92
CA ALA A 249 17.86 -1.25 -24.99
C ALA A 249 17.75 -2.08 -23.71
N GLN A 250 17.81 -1.40 -22.57
CA GLN A 250 17.71 -2.07 -21.28
C GLN A 250 16.85 -1.26 -20.30
N CYS A 251 16.47 -1.88 -19.18
CA CYS A 251 15.63 -1.24 -18.19
C CYS A 251 16.38 -0.63 -17.04
N LEU A 252 15.96 0.57 -16.63
CA LEU A 252 16.58 1.25 -15.52
C LEU A 252 15.61 1.14 -14.34
N VAL A 253 16.12 0.71 -13.19
CA VAL A 253 15.30 0.56 -12.01
C VAL A 253 15.55 1.65 -10.98
N ASP A 254 14.55 2.51 -10.77
CA ASP A 254 14.65 3.57 -9.79
C ASP A 254 13.89 3.01 -8.58
N LEU A 255 14.62 2.80 -7.49
CA LEU A 255 14.06 2.21 -6.28
C LEU A 255 12.72 2.76 -5.80
N GLY A 256 12.51 4.07 -5.86
CA GLY A 256 11.25 4.62 -5.37
C GLY A 256 10.08 4.64 -6.34
N HIS A 257 10.20 3.94 -7.46
CA HIS A 257 9.14 3.94 -8.47
C HIS A 257 8.25 2.71 -8.46
N HIS A 258 8.14 2.03 -7.33
CA HIS A 258 7.34 0.81 -7.28
C HIS A 258 6.16 0.88 -6.32
N ALA A 259 5.17 0.03 -6.55
CA ALA A 259 3.97 -0.03 -5.71
C ALA A 259 4.36 -0.42 -4.28
N PRO A 260 3.52 -0.02 -3.30
CA PRO A 260 3.81 -0.34 -1.90
C PRO A 260 4.07 -1.84 -1.71
N ASN A 261 5.09 -2.16 -0.92
CA ASN A 261 5.47 -3.52 -0.58
C ASN A 261 6.06 -4.39 -1.69
N THR A 262 6.30 -3.79 -2.85
CA THR A 262 6.88 -4.53 -3.97
C THR A 262 8.22 -5.16 -3.57
N ASN A 263 8.50 -6.37 -4.04
CA ASN A 263 9.81 -6.95 -3.74
C ASN A 263 10.68 -6.47 -4.90
N ILE A 264 11.41 -5.38 -4.67
CA ILE A 264 12.25 -4.78 -5.69
C ILE A 264 13.48 -5.62 -6.05
N GLU A 265 14.13 -6.22 -5.05
CA GLU A 265 15.30 -7.02 -5.34
C GLU A 265 14.97 -8.17 -6.29
N MET A 266 13.74 -8.67 -6.27
CA MET A 266 13.38 -9.76 -7.18
C MET A 266 13.29 -9.22 -8.59
N ILE A 267 12.78 -8.00 -8.73
CA ILE A 267 12.68 -7.38 -10.04
C ILE A 267 14.08 -7.28 -10.64
N VAL A 268 15.04 -6.87 -9.80
CA VAL A 268 16.42 -6.76 -10.23
C VAL A 268 16.93 -8.12 -10.71
N ALA A 269 16.64 -9.18 -9.95
CA ALA A 269 17.08 -10.53 -10.32
C ALA A 269 16.48 -11.00 -11.64
N ARG A 270 15.19 -10.72 -11.86
CA ARG A 270 14.50 -11.11 -13.09
C ARG A 270 15.12 -10.41 -14.31
N LEU A 271 15.32 -9.11 -14.21
CA LEU A 271 15.91 -8.34 -15.30
C LEU A 271 17.31 -8.83 -15.63
N ILE A 272 18.09 -9.19 -14.60
CA ILE A 272 19.44 -9.69 -14.81
C ILE A 272 19.41 -11.03 -15.55
N GLN A 273 18.48 -11.90 -15.15
CA GLN A 273 18.35 -13.22 -15.78
C GLN A 273 18.10 -13.11 -17.27
N PHE A 274 17.30 -12.12 -17.65
CA PHE A 274 16.96 -11.93 -19.05
C PHE A 274 17.80 -10.82 -19.69
N GLY A 275 18.92 -10.50 -19.06
CA GLY A 275 19.84 -9.50 -19.58
C GLY A 275 19.31 -8.13 -19.93
N LYS A 276 18.33 -7.64 -19.17
CA LYS A 276 17.80 -6.32 -19.45
C LYS A 276 17.92 -5.34 -18.30
N LEU A 277 18.87 -5.59 -17.39
CA LEU A 277 19.09 -4.68 -16.28
C LEU A 277 20.13 -3.67 -16.75
N GLY A 278 19.67 -2.52 -17.22
CA GLY A 278 20.58 -1.51 -17.69
C GLY A 278 21.27 -0.75 -16.57
N GLY A 279 20.51 -0.37 -15.56
CA GLY A 279 21.09 0.37 -14.45
C GLY A 279 20.13 0.69 -13.33
N PHE A 280 20.63 1.46 -12.36
CA PHE A 280 19.88 1.84 -11.17
C PHE A 280 19.87 3.34 -10.92
N HIS A 281 18.79 3.78 -10.27
CA HIS A 281 18.65 5.17 -9.83
C HIS A 281 18.47 4.92 -8.33
N PHE A 282 19.51 5.21 -7.57
CA PHE A 282 19.47 4.98 -6.13
C PHE A 282 18.89 6.15 -5.34
N ASN A 283 18.12 5.79 -4.33
CA ASN A 283 17.49 6.74 -3.43
C ASN A 283 16.71 5.91 -2.41
N ASP A 284 16.04 6.56 -1.47
CA ASP A 284 15.25 5.80 -0.51
C ASP A 284 13.87 6.44 -0.45
N SER A 285 12.93 5.77 0.20
CA SER A 285 11.57 6.26 0.28
C SER A 285 10.79 5.49 1.32
N LYS A 286 9.66 6.05 1.73
CA LYS A 286 8.80 5.40 2.72
C LYS A 286 7.36 5.38 2.21
N TYR A 287 6.99 6.41 1.45
CA TYR A 287 5.62 6.55 0.94
C TYR A 287 5.45 6.40 -0.58
N GLY A 288 6.07 7.28 -1.35
CA GLY A 288 5.98 7.22 -2.80
C GLY A 288 7.38 7.42 -3.36
N ASP A 289 7.50 8.13 -4.47
CA ASP A 289 8.82 8.38 -5.04
C ASP A 289 9.41 9.56 -4.26
N ASP A 290 9.71 9.31 -2.99
CA ASP A 290 10.22 10.33 -2.09
C ASP A 290 11.59 10.91 -2.42
N ASP A 291 12.40 10.15 -3.16
CA ASP A 291 13.73 10.60 -3.56
C ASP A 291 14.64 11.03 -2.39
N LEU A 292 14.59 10.29 -1.29
CA LEU A 292 15.41 10.60 -0.13
C LEU A 292 16.81 9.98 -0.24
N ASP A 293 17.72 10.43 0.63
CA ASP A 293 19.09 9.93 0.65
C ASP A 293 19.09 8.41 0.73
N ALA A 294 19.83 7.78 -0.18
CA ALA A 294 19.93 6.33 -0.22
C ALA A 294 20.23 5.72 1.16
N GLY A 295 19.47 4.69 1.52
CA GLY A 295 19.68 4.00 2.79
C GLY A 295 19.27 4.71 4.06
N ALA A 296 18.80 5.94 3.97
CA ALA A 296 18.40 6.69 5.16
C ALA A 296 17.11 6.17 5.79
N ILE A 297 16.35 5.40 5.01
CA ILE A 297 15.07 4.85 5.46
C ILE A 297 15.07 3.33 5.62
N GLU A 298 15.52 2.62 4.59
CA GLU A 298 15.58 1.16 4.62
C GLU A 298 16.92 0.63 4.13
N PRO A 299 17.95 0.69 4.99
CA PRO A 299 19.27 0.21 4.61
C PRO A 299 19.33 -1.29 4.27
N TYR A 300 18.48 -2.09 4.88
CA TYR A 300 18.52 -3.52 4.58
C TYR A 300 18.10 -3.80 3.15
N ARG A 301 17.01 -3.15 2.72
CA ARG A 301 16.54 -3.29 1.36
C ARG A 301 17.64 -2.97 0.35
N LEU A 302 18.40 -1.90 0.63
CA LEU A 302 19.48 -1.48 -0.25
C LEU A 302 20.55 -2.58 -0.30
N PHE A 303 20.80 -3.20 0.84
CA PHE A 303 21.77 -4.29 0.90
C PHE A 303 21.28 -5.48 0.09
N LEU A 304 19.98 -5.78 0.17
CA LEU A 304 19.42 -6.91 -0.57
C LEU A 304 19.44 -6.72 -2.08
N VAL A 305 19.40 -5.47 -2.53
CA VAL A 305 19.46 -5.23 -3.96
C VAL A 305 20.89 -5.55 -4.39
N PHE A 306 21.87 -5.11 -3.60
CA PHE A 306 23.27 -5.39 -3.91
C PHE A 306 23.61 -6.86 -3.79
N ASN A 307 22.88 -7.56 -2.93
CA ASN A 307 23.10 -8.99 -2.76
C ASN A 307 22.79 -9.66 -4.10
N GLU A 308 21.76 -9.15 -4.79
CA GLU A 308 21.42 -9.70 -6.10
C GLU A 308 22.47 -9.32 -7.13
N LEU A 309 23.03 -8.13 -7.00
CA LEU A 309 24.06 -7.69 -7.94
C LEU A 309 25.34 -8.51 -7.76
N VAL A 310 25.70 -8.81 -6.52
CA VAL A 310 26.89 -9.59 -6.27
C VAL A 310 26.67 -11.05 -6.65
N ASP A 311 25.48 -11.58 -6.37
CA ASP A 311 25.19 -12.96 -6.71
C ASP A 311 25.33 -13.18 -8.22
N ALA A 312 24.95 -12.17 -9.00
CA ALA A 312 25.06 -12.26 -10.46
C ALA A 312 26.51 -12.53 -10.84
N GLU A 313 27.41 -11.78 -10.24
CA GLU A 313 28.83 -11.94 -10.50
C GLU A 313 29.26 -13.32 -10.05
N ALA A 314 28.78 -13.75 -8.89
CA ALA A 314 29.11 -15.06 -8.36
C ALA A 314 28.63 -16.16 -9.30
N ARG A 315 27.45 -15.96 -9.89
CA ARG A 315 26.87 -16.93 -10.81
C ARG A 315 27.57 -16.88 -12.16
N GLY A 316 28.39 -15.85 -12.38
CA GLY A 316 29.11 -15.73 -13.63
C GLY A 316 28.34 -15.16 -14.80
N VAL A 317 27.43 -14.23 -14.54
CA VAL A 317 26.66 -13.63 -15.63
C VAL A 317 27.66 -12.84 -16.49
N LYS A 318 27.60 -13.06 -17.81
CA LYS A 318 28.53 -12.40 -18.71
C LYS A 318 28.15 -11.00 -19.18
N GLY A 319 29.18 -10.18 -19.39
CA GLY A 319 28.97 -8.81 -19.83
C GLY A 319 27.96 -8.05 -18.98
N PHE A 320 28.03 -8.23 -17.67
CA PHE A 320 27.11 -7.57 -16.76
C PHE A 320 27.72 -6.31 -16.16
N HIS A 321 27.41 -5.17 -16.76
CA HIS A 321 27.94 -3.90 -16.26
C HIS A 321 26.81 -2.89 -16.12
N PRO A 322 25.95 -3.08 -15.11
CA PRO A 322 24.84 -2.13 -14.91
C PRO A 322 25.37 -0.75 -14.54
N ALA A 323 24.68 0.29 -15.01
CA ALA A 323 25.07 1.65 -14.71
C ALA A 323 24.49 2.04 -13.35
N HIS A 324 25.32 2.67 -12.51
CA HIS A 324 24.85 3.08 -11.19
C HIS A 324 24.77 4.60 -11.08
N MET A 325 23.59 5.07 -10.72
CA MET A 325 23.38 6.51 -10.58
C MET A 325 22.51 6.84 -9.38
N ILE A 326 22.75 8.01 -8.81
CA ILE A 326 21.93 8.46 -7.69
C ILE A 326 20.92 9.41 -8.30
N ASP A 327 19.65 9.26 -7.94
CA ASP A 327 18.61 10.16 -8.42
C ASP A 327 17.85 10.54 -7.16
N GLN A 328 18.24 11.66 -6.56
CA GLN A 328 17.61 12.11 -5.33
C GLN A 328 17.30 13.59 -5.40
N ALA A 329 16.48 14.04 -4.44
CA ALA A 329 16.10 15.43 -4.31
C ALA A 329 16.38 15.76 -2.85
N HIS A 330 17.10 16.86 -2.62
CA HIS A 330 17.45 17.25 -1.27
C HIS A 330 16.72 18.53 -0.90
N ASN A 331 15.61 18.37 -0.19
CA ASN A 331 14.77 19.50 0.19
C ASN A 331 15.03 20.13 1.55
N VAL A 332 15.73 19.43 2.43
CA VAL A 332 15.98 19.96 3.77
C VAL A 332 17.40 19.78 4.32
N THR A 333 18.35 19.62 3.42
CA THR A 333 19.74 19.45 3.81
C THR A 333 20.64 20.10 2.76
N ASP A 334 21.93 20.14 3.04
CA ASP A 334 22.88 20.68 2.07
C ASP A 334 23.04 19.55 1.05
N PRO A 335 22.63 19.79 -0.21
CA PRO A 335 22.72 18.77 -1.27
C PRO A 335 24.06 18.06 -1.35
N ILE A 336 25.14 18.81 -1.20
CA ILE A 336 26.47 18.22 -1.27
C ILE A 336 26.68 17.21 -0.15
N GLU A 337 26.23 17.54 1.06
CA GLU A 337 26.37 16.63 2.19
C GLU A 337 25.50 15.38 2.02
N SER A 338 24.29 15.54 1.50
CA SER A 338 23.41 14.39 1.31
C SER A 338 23.94 13.45 0.24
N LEU A 339 24.44 14.01 -0.87
CA LEU A 339 24.96 13.18 -1.94
C LEU A 339 26.19 12.42 -1.45
N ILE A 340 27.00 13.08 -0.63
CA ILE A 340 28.19 12.46 -0.06
C ILE A 340 27.82 11.23 0.77
N ASN A 341 26.92 11.42 1.73
CA ASN A 341 26.51 10.32 2.59
C ASN A 341 25.68 9.25 1.86
N SER A 342 25.01 9.63 0.78
CA SER A 342 24.21 8.68 0.01
C SER A 342 25.17 7.78 -0.77
N ALA A 343 26.19 8.39 -1.35
CA ALA A 343 27.19 7.64 -2.11
C ALA A 343 27.87 6.69 -1.14
N ASN A 344 28.07 7.15 0.09
CA ASN A 344 28.69 6.33 1.14
C ASN A 344 27.79 5.14 1.49
N GLU A 345 26.48 5.37 1.61
CA GLU A 345 25.56 4.27 1.94
C GLU A 345 25.54 3.23 0.85
N ILE A 346 25.67 3.67 -0.39
CA ILE A 346 25.68 2.77 -1.53
C ILE A 346 26.94 1.88 -1.48
N ARG A 347 28.09 2.49 -1.20
CA ARG A 347 29.31 1.71 -1.08
C ARG A 347 29.20 0.79 0.13
N ARG A 348 28.53 1.26 1.18
CA ARG A 348 28.36 0.49 2.42
C ARG A 348 27.60 -0.81 2.13
N ALA A 349 26.47 -0.68 1.43
CA ALA A 349 25.64 -1.84 1.10
C ALA A 349 26.39 -2.80 0.17
N TYR A 350 27.16 -2.23 -0.74
CA TYR A 350 27.95 -3.00 -1.68
C TYR A 350 29.01 -3.81 -0.92
N ALA A 351 29.73 -3.15 -0.01
CA ALA A 351 30.77 -3.81 0.77
C ALA A 351 30.18 -4.97 1.59
N GLN A 352 29.05 -4.74 2.24
CA GLN A 352 28.43 -5.80 3.03
C GLN A 352 28.01 -6.96 2.13
N ALA A 353 27.53 -6.66 0.93
CA ALA A 353 27.13 -7.72 0.01
C ALA A 353 28.34 -8.59 -0.36
N LEU A 354 29.52 -7.97 -0.42
CA LEU A 354 30.75 -8.70 -0.74
C LEU A 354 31.15 -9.63 0.40
N LEU A 355 30.68 -9.33 1.61
CA LEU A 355 31.01 -10.14 2.79
C LEU A 355 30.20 -11.42 2.95
N VAL A 356 29.12 -11.54 2.20
CA VAL A 356 28.28 -12.73 2.29
C VAL A 356 29.06 -14.01 1.94
N ASP A 357 28.96 -15.01 2.81
CA ASP A 357 29.62 -16.29 2.57
C ASP A 357 28.73 -17.03 1.58
N ARG A 358 29.03 -16.87 0.29
CA ARG A 358 28.25 -17.49 -0.77
C ARG A 358 28.27 -19.02 -0.72
N ALA A 359 29.39 -19.60 -0.31
CA ALA A 359 29.49 -21.05 -0.22
C ALA A 359 28.49 -21.57 0.79
N ALA A 360 28.51 -20.97 1.98
CA ALA A 360 27.59 -21.37 3.04
C ALA A 360 26.15 -21.10 2.61
N LEU A 361 25.92 -19.98 1.96
CA LEU A 361 24.57 -19.63 1.52
C LEU A 361 23.99 -20.64 0.53
N SER A 362 24.76 -21.02 -0.50
CA SER A 362 24.26 -21.98 -1.47
C SER A 362 23.92 -23.30 -0.79
N GLY A 363 24.70 -23.65 0.22
CA GLY A 363 24.44 -24.89 0.94
C GLY A 363 23.12 -24.81 1.69
N TYR A 364 22.89 -23.70 2.39
CA TYR A 364 21.66 -23.52 3.13
C TYR A 364 20.45 -23.39 2.21
N GLN A 365 20.65 -22.84 1.01
CA GLN A 365 19.54 -22.72 0.08
C GLN A 365 19.16 -24.10 -0.45
N GLU A 366 20.15 -24.92 -0.76
CA GLU A 366 19.88 -26.26 -1.26
C GLU A 366 19.19 -27.13 -0.22
N ASP A 367 19.59 -27.01 1.03
CA ASP A 367 19.00 -27.80 2.11
C ASP A 367 17.75 -27.16 2.67
N ASN A 368 17.31 -26.07 2.04
CA ASN A 368 16.12 -25.35 2.50
C ASN A 368 16.19 -24.99 3.99
N ASP A 369 17.38 -24.58 4.43
CA ASP A 369 17.59 -24.16 5.82
C ASP A 369 17.36 -22.64 5.81
N ALA A 370 16.09 -22.25 5.72
CA ALA A 370 15.70 -20.84 5.67
C ALA A 370 16.32 -19.97 6.76
N LEU A 371 16.32 -20.46 8.00
CA LEU A 371 16.87 -19.69 9.10
C LEU A 371 18.37 -19.39 8.93
N MET A 372 19.19 -20.41 8.67
CA MET A 372 20.62 -20.18 8.51
C MET A 372 20.92 -19.42 7.21
N ALA A 373 20.04 -19.53 6.22
CA ALA A 373 20.25 -18.82 4.97
C ALA A 373 20.13 -17.33 5.22
N THR A 374 19.07 -16.95 5.93
CA THR A 374 18.84 -15.53 6.23
C THR A 374 19.91 -15.01 7.20
N GLU A 375 20.31 -15.83 8.16
CA GLU A 375 21.34 -15.43 9.11
C GLU A 375 22.68 -15.23 8.39
N THR A 376 22.91 -15.99 7.32
CA THR A 376 24.14 -15.85 6.55
C THR A 376 24.18 -14.46 5.91
N LEU A 377 23.02 -13.99 5.46
CA LEU A 377 22.93 -12.66 4.85
C LEU A 377 23.11 -11.62 5.97
N LYS A 378 22.46 -11.85 7.10
CA LYS A 378 22.57 -10.93 8.22
C LYS A 378 23.99 -10.80 8.77
N ARG A 379 24.74 -11.90 8.79
CA ARG A 379 26.10 -11.82 9.30
C ARG A 379 26.93 -10.83 8.50
N ALA A 380 26.61 -10.67 7.22
CA ALA A 380 27.32 -9.73 6.37
C ALA A 380 26.74 -8.33 6.59
N TYR A 381 25.42 -8.22 6.51
CA TYR A 381 24.77 -6.93 6.69
C TYR A 381 25.02 -6.27 8.06
N ARG A 382 25.12 -7.08 9.11
CA ARG A 382 25.36 -6.54 10.44
C ARG A 382 26.77 -5.99 10.65
N THR A 383 27.68 -6.36 9.75
CA THR A 383 29.07 -5.92 9.86
C THR A 383 29.22 -4.43 9.54
N ASP A 384 29.81 -3.69 10.48
CA ASP A 384 30.04 -2.25 10.30
C ASP A 384 31.25 -2.08 9.40
N VAL A 385 30.99 -1.86 8.11
CA VAL A 385 32.07 -1.70 7.13
C VAL A 385 32.57 -0.27 7.00
N GLU A 386 32.17 0.61 7.91
CA GLU A 386 32.61 1.99 7.85
C GLU A 386 34.13 2.12 7.78
N PRO A 387 34.88 1.31 8.55
CA PRO A 387 36.34 1.41 8.49
C PRO A 387 36.86 1.13 7.07
N ILE A 388 36.22 0.21 6.37
CA ILE A 388 36.65 -0.14 5.02
C ILE A 388 36.39 1.05 4.07
N LEU A 389 35.21 1.65 4.17
CA LEU A 389 34.88 2.80 3.34
C LEU A 389 35.84 3.94 3.62
N ALA A 390 36.12 4.19 4.90
CA ALA A 390 37.02 5.27 5.32
C ALA A 390 38.45 5.08 4.83
N GLU A 391 38.94 3.84 4.87
CA GLU A 391 40.29 3.54 4.41
C GLU A 391 40.37 3.67 2.89
N ALA A 392 39.32 3.24 2.21
CA ALA A 392 39.28 3.32 0.75
C ALA A 392 39.42 4.79 0.34
N ARG A 393 38.77 5.68 1.09
CA ARG A 393 38.84 7.11 0.79
C ARG A 393 40.26 7.64 1.08
N ARG A 394 40.79 7.30 2.25
CA ARG A 394 42.14 7.75 2.64
C ARG A 394 43.18 7.42 1.57
N ARG A 395 43.14 6.18 1.09
CA ARG A 395 44.09 5.69 0.08
C ARG A 395 43.94 6.35 -1.29
N THR A 396 42.73 6.78 -1.63
CA THR A 396 42.50 7.39 -2.92
C THR A 396 42.44 8.92 -2.94
N GLY A 397 42.86 9.53 -1.85
CA GLY A 397 42.88 10.98 -1.76
C GLY A 397 41.62 11.62 -1.22
N GLY A 398 40.74 10.81 -0.65
CA GLY A 398 39.51 11.33 -0.11
C GLY A 398 39.59 11.62 1.38
N ALA A 399 38.45 11.88 2.01
CA ALA A 399 38.41 12.20 3.42
C ALA A 399 37.87 11.04 4.27
N VAL A 400 38.53 10.78 5.39
CA VAL A 400 38.10 9.73 6.31
C VAL A 400 36.64 9.96 6.68
N ASP A 401 36.31 11.22 7.00
CA ASP A 401 34.94 11.61 7.34
C ASP A 401 34.62 12.75 6.38
N PRO A 402 34.03 12.44 5.22
CA PRO A 402 33.67 13.41 4.19
C PRO A 402 32.87 14.64 4.62
N VAL A 403 31.73 14.43 5.27
CA VAL A 403 30.91 15.57 5.68
C VAL A 403 31.61 16.48 6.69
N ALA A 404 32.30 15.90 7.67
CA ALA A 404 33.00 16.69 8.66
C ALA A 404 34.09 17.54 8.00
N THR A 405 34.76 16.97 7.01
CA THR A 405 35.83 17.68 6.30
C THR A 405 35.23 18.80 5.44
N TYR A 406 34.11 18.51 4.79
CA TYR A 406 33.39 19.49 3.98
C TYR A 406 33.06 20.70 4.86
N ARG A 407 32.48 20.43 6.02
CA ARG A 407 32.11 21.49 6.95
C ARG A 407 33.31 22.27 7.47
N ALA A 408 34.42 21.59 7.68
CA ALA A 408 35.63 22.25 8.16
C ALA A 408 36.23 23.17 7.10
N SER A 409 35.98 22.86 5.83
CA SER A 409 36.53 23.65 4.73
C SER A 409 35.84 24.99 4.55
N GLY A 410 34.57 25.06 4.97
CA GLY A 410 33.83 26.30 4.82
C GLY A 410 33.41 26.54 3.38
N TYR A 411 33.35 25.45 2.61
CA TYR A 411 32.99 25.52 1.21
C TYR A 411 31.64 26.21 0.95
N ARG A 412 30.61 25.77 1.66
CA ARG A 412 29.28 26.35 1.47
C ARG A 412 29.28 27.87 1.63
N ALA A 413 29.91 28.34 2.71
CA ALA A 413 29.97 29.78 2.96
C ALA A 413 30.70 30.48 1.83
N ARG A 414 31.71 29.81 1.29
CA ARG A 414 32.49 30.37 0.19
C ARG A 414 31.62 30.58 -1.05
N VAL A 415 30.97 29.51 -1.53
CA VAL A 415 30.14 29.64 -2.72
C VAL A 415 28.91 30.51 -2.50
N ALA A 416 28.48 30.63 -1.24
CA ALA A 416 27.33 31.47 -0.95
C ALA A 416 27.70 32.93 -1.23
N ALA A 417 28.94 33.28 -0.93
CA ALA A 417 29.42 34.64 -1.16
C ALA A 417 29.69 34.88 -2.63
N GLU A 418 30.03 33.82 -3.36
CA GLU A 418 30.33 33.93 -4.79
C GLU A 418 29.09 33.91 -5.69
N ARG A 419 28.04 33.23 -5.24
CA ARG A 419 26.84 33.08 -6.06
C ARG A 419 25.64 33.92 -5.63
N PRO A 420 25.07 34.66 -6.58
CA PRO A 420 23.91 35.50 -6.27
C PRO A 420 22.64 34.64 -6.29
N ALA A 421 21.81 34.77 -5.26
CA ALA A 421 20.58 33.99 -5.21
C ALA A 421 19.58 34.61 -6.18
N SER A 422 18.77 33.78 -6.83
CA SER A 422 17.78 34.28 -7.77
C SER A 422 16.77 35.18 -7.04
N VAL A 423 16.27 36.19 -7.73
CA VAL A 423 15.33 37.12 -7.14
C VAL A 423 13.92 37.01 -7.74
N ALA A 424 13.85 36.63 -9.01
CA ALA A 424 12.56 36.50 -9.68
C ALA A 424 12.40 35.11 -10.29
N PHE B 4 -24.39 38.03 -14.68
CA PHE B 4 -24.24 36.56 -14.91
C PHE B 4 -23.06 36.27 -15.84
N ARG B 5 -22.12 35.47 -15.37
CA ARG B 5 -20.95 35.12 -16.17
C ARG B 5 -21.40 34.45 -17.46
N ILE B 6 -22.40 33.58 -17.36
CA ILE B 6 -22.94 32.88 -18.52
C ILE B 6 -24.26 33.52 -18.92
N ALA B 7 -24.39 33.86 -20.20
CA ALA B 7 -25.61 34.48 -20.70
C ALA B 7 -26.84 33.62 -20.41
N GLN B 8 -27.89 34.25 -19.88
CA GLN B 8 -29.12 33.55 -19.54
C GLN B 8 -29.78 32.88 -20.74
N ASP B 9 -29.72 33.51 -21.91
CA ASP B 9 -30.34 32.92 -23.09
C ASP B 9 -29.64 31.61 -23.45
N VAL B 10 -28.35 31.52 -23.15
CA VAL B 10 -27.60 30.30 -23.45
C VAL B 10 -28.07 29.20 -22.50
N VAL B 11 -28.16 29.52 -21.22
CA VAL B 11 -28.60 28.55 -20.22
C VAL B 11 -29.98 28.02 -20.60
N ALA B 12 -30.91 28.95 -20.82
CA ALA B 12 -32.29 28.59 -21.18
C ALA B 12 -32.30 27.74 -22.45
N ARG B 13 -31.53 28.16 -23.45
CA ARG B 13 -31.48 27.43 -24.71
C ARG B 13 -31.00 26.00 -24.53
N GLU B 14 -29.88 25.82 -23.83
CA GLU B 14 -29.35 24.48 -23.62
C GLU B 14 -30.25 23.64 -22.71
N ASN B 15 -31.04 24.29 -21.88
CA ASN B 15 -31.96 23.56 -21.01
C ASN B 15 -33.13 23.02 -21.83
N ASP B 16 -33.75 23.89 -22.63
CA ASP B 16 -34.89 23.51 -23.46
C ASP B 16 -34.51 22.37 -24.40
N ARG B 17 -33.26 22.38 -24.83
CA ARG B 17 -32.76 21.35 -25.74
C ARG B 17 -32.78 19.98 -25.08
N ARG B 18 -32.65 19.97 -23.76
CA ARG B 18 -32.62 18.72 -23.01
C ARG B 18 -33.83 18.47 -22.12
N ALA B 19 -34.70 19.47 -22.03
CA ALA B 19 -35.90 19.39 -21.20
C ALA B 19 -36.76 18.14 -21.45
N SER B 20 -37.02 17.84 -22.72
CA SER B 20 -37.84 16.68 -23.08
C SER B 20 -37.31 15.35 -22.55
N ALA B 21 -36.06 15.01 -22.88
CA ALA B 21 -35.49 13.75 -22.41
C ALA B 21 -35.45 13.68 -20.88
N LEU B 22 -35.17 14.82 -20.25
CA LEU B 22 -35.12 14.88 -18.79
C LEU B 22 -36.49 14.54 -18.19
N LYS B 23 -37.54 15.15 -18.74
CA LYS B 23 -38.88 14.88 -18.26
C LYS B 23 -39.13 13.38 -18.28
N GLU B 24 -38.78 12.76 -19.40
CA GLU B 24 -38.96 11.32 -19.53
C GLU B 24 -38.21 10.54 -18.46
N ASP B 25 -36.91 10.83 -18.31
CA ASP B 25 -36.09 10.14 -17.32
C ASP B 25 -36.49 10.41 -15.87
N TYR B 26 -36.84 11.67 -15.57
CA TYR B 26 -37.22 12.03 -14.21
C TYR B 26 -38.53 11.35 -13.84
N GLU B 27 -39.46 11.26 -14.79
CA GLU B 27 -40.74 10.61 -14.53
C GLU B 27 -40.54 9.11 -14.38
N ALA B 28 -39.68 8.53 -15.21
CA ALA B 28 -39.40 7.10 -15.14
C ALA B 28 -38.77 6.76 -13.78
N LEU B 29 -37.84 7.61 -13.33
CA LEU B 29 -37.18 7.37 -12.06
C LEU B 29 -38.13 7.60 -10.89
N GLY B 30 -39.08 8.52 -11.07
CA GLY B 30 -40.04 8.80 -10.01
C GLY B 30 -40.96 7.61 -9.81
N ALA B 31 -41.30 6.94 -10.90
CA ALA B 31 -42.19 5.78 -10.85
C ALA B 31 -41.48 4.62 -10.17
N ASN B 32 -40.25 4.36 -10.60
CA ASN B 32 -39.46 3.27 -10.03
C ASN B 32 -39.25 3.51 -8.54
N LEU B 33 -38.93 4.75 -8.17
CA LEU B 33 -38.73 5.09 -6.77
C LEU B 33 -40.03 4.92 -5.98
N ALA B 34 -41.15 5.26 -6.60
CA ALA B 34 -42.45 5.13 -5.94
C ALA B 34 -42.72 3.65 -5.67
N ARG B 35 -42.40 2.80 -6.64
CA ARG B 35 -42.59 1.36 -6.47
C ARG B 35 -41.69 0.84 -5.34
N ARG B 36 -40.66 1.62 -5.01
CA ARG B 36 -39.74 1.25 -3.95
C ARG B 36 -40.08 1.98 -2.64
N GLY B 37 -41.22 2.67 -2.64
CA GLY B 37 -41.65 3.39 -1.46
C GLY B 37 -40.93 4.71 -1.23
N VAL B 38 -40.29 5.23 -2.27
CA VAL B 38 -39.57 6.49 -2.15
C VAL B 38 -40.19 7.62 -2.97
N ASP B 39 -40.25 8.80 -2.37
CA ASP B 39 -40.78 9.98 -3.05
C ASP B 39 -39.62 10.77 -3.64
N ILE B 40 -39.49 10.70 -4.96
CA ILE B 40 -38.41 11.40 -5.66
C ILE B 40 -38.35 12.88 -5.27
N GLU B 41 -39.50 13.52 -5.12
CA GLU B 41 -39.55 14.93 -4.77
C GLU B 41 -38.83 15.25 -3.46
N ALA B 42 -38.91 14.33 -2.50
CA ALA B 42 -38.27 14.54 -1.20
C ALA B 42 -36.76 14.55 -1.37
N VAL B 43 -36.27 13.72 -2.29
CA VAL B 43 -34.84 13.62 -2.55
C VAL B 43 -34.39 14.87 -3.29
N THR B 44 -35.12 15.23 -4.33
CA THR B 44 -34.79 16.41 -5.12
C THR B 44 -34.73 17.65 -4.24
N ALA B 45 -35.68 17.79 -3.32
CA ALA B 45 -35.72 18.95 -2.45
C ALA B 45 -34.46 19.06 -1.59
N LYS B 46 -33.94 17.91 -1.15
CA LYS B 46 -32.73 17.91 -0.33
C LYS B 46 -31.48 18.13 -1.18
N VAL B 47 -31.45 17.51 -2.36
CA VAL B 47 -30.31 17.63 -3.26
C VAL B 47 -30.06 19.07 -3.69
N GLU B 48 -31.11 19.79 -4.07
CA GLU B 48 -30.91 21.18 -4.50
C GLU B 48 -30.42 22.06 -3.36
N LYS B 49 -30.39 21.52 -2.14
CA LYS B 49 -29.92 22.28 -0.99
C LYS B 49 -28.54 21.84 -0.51
N PHE B 50 -27.97 20.82 -1.15
CA PHE B 50 -26.65 20.36 -0.76
C PHE B 50 -25.57 21.20 -1.40
N PHE B 51 -24.76 21.86 -0.58
CA PHE B 51 -23.69 22.71 -1.08
C PHE B 51 -22.30 22.25 -0.67
N VAL B 52 -21.31 22.55 -1.51
CA VAL B 52 -19.92 22.20 -1.24
C VAL B 52 -19.10 23.40 -1.70
N ALA B 53 -18.21 23.88 -0.83
CA ALA B 53 -17.39 25.05 -1.16
C ALA B 53 -16.36 24.74 -2.24
N VAL B 54 -16.12 25.71 -3.11
CA VAL B 54 -15.14 25.56 -4.18
C VAL B 54 -13.84 26.24 -3.75
N PRO B 55 -12.70 25.59 -3.97
CA PRO B 55 -11.41 26.17 -3.60
C PRO B 55 -10.98 27.23 -4.60
N SER B 56 -10.63 28.42 -4.10
CA SER B 56 -10.19 29.51 -4.98
C SER B 56 -8.93 29.07 -5.73
N TRP B 57 -8.12 28.25 -5.08
CA TRP B 57 -6.88 27.77 -5.67
C TRP B 57 -7.16 26.62 -6.63
N GLY B 58 -8.43 26.29 -6.81
CA GLY B 58 -8.80 25.20 -7.69
C GLY B 58 -9.22 25.60 -9.09
N VAL B 59 -9.53 26.88 -9.31
CA VAL B 59 -9.94 27.32 -10.64
C VAL B 59 -8.78 27.57 -11.58
N GLY B 60 -7.57 27.61 -11.03
CA GLY B 60 -6.39 27.79 -11.87
C GLY B 60 -5.90 26.39 -12.19
N THR B 61 -5.14 26.23 -13.27
CA THR B 61 -4.63 24.92 -13.64
C THR B 61 -3.58 24.47 -12.63
N GLY B 62 -3.62 23.19 -12.26
CA GLY B 62 -2.67 22.68 -11.29
C GLY B 62 -1.40 22.14 -11.93
N GLY B 63 -0.52 21.61 -11.09
CA GLY B 63 0.72 21.05 -11.59
C GLY B 63 1.40 20.15 -10.57
N THR B 64 2.53 19.56 -10.97
CA THR B 64 3.29 18.67 -10.09
C THR B 64 4.71 19.23 -9.94
N ARG B 65 5.53 18.57 -9.14
CA ARG B 65 6.90 19.04 -8.95
C ARG B 65 7.69 19.02 -10.25
N PHE B 66 7.21 18.26 -11.23
CA PHE B 66 7.90 18.16 -12.51
C PHE B 66 7.50 19.24 -13.51
N ALA B 67 6.25 19.67 -13.48
CA ALA B 67 5.80 20.70 -14.42
C ALA B 67 4.36 21.15 -14.23
N ARG B 68 4.05 22.30 -14.84
CA ARG B 68 2.73 22.90 -14.81
C ARG B 68 2.45 23.30 -16.25
N PHE B 69 1.33 22.84 -16.80
CA PHE B 69 0.95 23.16 -18.17
C PHE B 69 -0.34 23.97 -18.14
N PRO B 70 -0.24 25.29 -18.02
CA PRO B 70 -1.42 26.16 -17.97
C PRO B 70 -2.27 26.11 -19.23
N GLY B 71 -3.58 26.30 -19.07
CA GLY B 71 -4.48 26.31 -20.20
C GLY B 71 -4.67 27.75 -20.62
N THR B 72 -5.70 28.04 -21.40
CA THR B 72 -5.94 29.41 -21.83
C THR B 72 -6.80 30.12 -20.79
N GLY B 73 -6.70 31.45 -20.77
CA GLY B 73 -7.48 32.24 -19.83
C GLY B 73 -7.28 31.91 -18.36
N GLU B 74 -6.03 31.64 -17.98
CA GLU B 74 -5.72 31.32 -16.60
C GLU B 74 -6.05 32.51 -15.70
N PRO B 75 -6.87 32.27 -14.66
CA PRO B 75 -7.22 33.36 -13.75
C PRO B 75 -6.02 33.76 -12.89
N ARG B 76 -5.72 35.05 -12.86
CA ARG B 76 -4.60 35.56 -12.08
C ARG B 76 -5.14 36.46 -10.97
N GLY B 77 -4.88 36.09 -9.73
CA GLY B 77 -5.38 36.88 -8.63
C GLY B 77 -6.75 36.38 -8.19
N ILE B 78 -7.15 36.75 -6.98
CA ILE B 78 -8.43 36.32 -6.44
C ILE B 78 -9.65 36.85 -7.20
N PHE B 79 -9.54 38.03 -7.81
CA PHE B 79 -10.68 38.57 -8.54
C PHE B 79 -10.98 37.76 -9.80
N ASP B 80 -9.94 37.36 -10.53
CA ASP B 80 -10.18 36.54 -11.72
C ASP B 80 -10.80 35.21 -11.27
N LYS B 81 -10.24 34.66 -10.20
CA LYS B 81 -10.70 33.37 -9.67
C LYS B 81 -12.16 33.40 -9.22
N LEU B 82 -12.56 34.45 -8.50
CA LEU B 82 -13.95 34.56 -8.04
C LEU B 82 -14.86 34.61 -9.27
N ASP B 83 -14.39 35.27 -10.33
CA ASP B 83 -15.17 35.37 -11.56
C ASP B 83 -15.44 33.99 -12.15
N ASP B 84 -14.43 33.13 -12.14
CA ASP B 84 -14.60 31.78 -12.69
C ASP B 84 -15.41 30.89 -11.75
N CYS B 85 -15.26 31.08 -10.44
CA CYS B 85 -16.02 30.29 -9.47
C CYS B 85 -17.51 30.56 -9.66
N ALA B 86 -17.84 31.82 -9.95
CA ALA B 86 -19.23 32.21 -10.15
C ALA B 86 -19.88 31.36 -11.25
N VAL B 87 -19.08 30.99 -12.25
CA VAL B 87 -19.59 30.18 -13.35
C VAL B 87 -20.03 28.81 -12.81
N ILE B 88 -19.19 28.23 -11.96
CA ILE B 88 -19.49 26.92 -11.38
C ILE B 88 -20.79 26.99 -10.58
N GLN B 89 -20.95 28.03 -9.77
CA GLN B 89 -22.15 28.21 -8.96
C GLN B 89 -23.40 28.43 -9.81
N GLN B 90 -23.28 29.29 -10.82
CA GLN B 90 -24.42 29.58 -11.69
C GLN B 90 -24.94 28.35 -12.42
N LEU B 91 -24.03 27.53 -12.93
CA LEU B 91 -24.41 26.34 -13.67
C LEU B 91 -24.77 25.11 -12.84
N THR B 92 -24.20 24.98 -11.65
CA THR B 92 -24.50 23.82 -10.80
C THR B 92 -25.41 24.15 -9.62
N ARG B 93 -25.31 25.38 -9.13
CA ARG B 93 -26.11 25.82 -7.99
C ARG B 93 -25.75 25.02 -6.75
N ALA B 94 -24.58 24.39 -6.77
CA ALA B 94 -24.14 23.55 -5.66
C ALA B 94 -22.89 24.10 -4.98
N THR B 95 -22.38 25.22 -5.48
CA THR B 95 -21.18 25.81 -4.93
C THR B 95 -21.31 27.30 -4.66
N PRO B 96 -22.26 27.70 -3.82
CA PRO B 96 -22.47 29.12 -3.50
C PRO B 96 -21.34 29.76 -2.68
N ASN B 97 -20.47 28.94 -2.10
CA ASN B 97 -19.37 29.48 -1.30
C ASN B 97 -17.97 29.13 -1.81
N VAL B 98 -17.04 30.04 -1.55
CA VAL B 98 -15.65 29.86 -1.96
C VAL B 98 -14.73 29.81 -0.74
N SER B 99 -13.72 28.95 -0.82
CA SER B 99 -12.74 28.81 0.26
C SER B 99 -11.53 29.63 -0.16
N LEU B 100 -11.11 30.56 0.69
CA LEU B 100 -9.95 31.41 0.39
C LEU B 100 -8.66 30.94 1.05
N HIS B 101 -7.55 31.23 0.39
CA HIS B 101 -6.23 30.84 0.89
C HIS B 101 -5.36 32.10 1.02
N ILE B 102 -4.84 32.31 2.23
CA ILE B 102 -3.99 33.48 2.49
C ILE B 102 -2.55 32.98 2.59
N PRO B 103 -1.57 33.75 2.08
CA PRO B 103 -1.71 35.05 1.41
C PRO B 103 -2.02 35.06 -0.09
N TRP B 104 -2.21 33.89 -0.69
CA TRP B 104 -2.51 33.84 -2.13
C TRP B 104 -3.64 34.78 -2.55
N ASP B 105 -4.74 34.77 -1.82
CA ASP B 105 -5.90 35.58 -2.16
C ASP B 105 -6.03 36.87 -1.37
N LYS B 106 -4.91 37.36 -0.84
CA LYS B 106 -4.96 38.58 -0.05
C LYS B 106 -5.45 39.76 -0.88
N ALA B 107 -6.34 40.55 -0.28
CA ALA B 107 -6.91 41.73 -0.92
C ALA B 107 -7.76 42.45 0.12
N ASP B 108 -8.13 43.70 -0.14
CA ASP B 108 -8.95 44.44 0.81
C ASP B 108 -10.22 43.65 1.12
N PRO B 109 -10.40 43.25 2.39
CA PRO B 109 -11.57 42.49 2.80
C PRO B 109 -12.89 43.05 2.26
N LYS B 110 -13.08 44.36 2.41
CA LYS B 110 -14.30 45.00 1.94
C LYS B 110 -14.50 44.82 0.44
N GLU B 111 -13.41 44.82 -0.32
CA GLU B 111 -13.49 44.64 -1.76
C GLU B 111 -13.84 43.20 -2.10
N LEU B 112 -13.30 42.26 -1.32
CA LEU B 112 -13.57 40.85 -1.54
C LEU B 112 -15.05 40.62 -1.29
N LYS B 113 -15.52 41.07 -0.13
CA LYS B 113 -16.92 40.92 0.26
C LYS B 113 -17.80 41.53 -0.82
N ALA B 114 -17.38 42.67 -1.34
CA ALA B 114 -18.13 43.37 -2.37
C ALA B 114 -18.21 42.53 -3.65
N ARG B 115 -17.09 41.97 -4.06
CA ARG B 115 -17.04 41.14 -5.27
C ARG B 115 -17.88 39.87 -5.11
N GLY B 116 -17.81 39.27 -3.92
CA GLY B 116 -18.57 38.07 -3.66
C GLY B 116 -20.07 38.31 -3.77
N ASP B 117 -20.55 39.35 -3.09
CA ASP B 117 -21.98 39.66 -3.14
C ASP B 117 -22.45 39.92 -4.56
N ALA B 118 -21.63 40.60 -5.35
CA ALA B 118 -21.98 40.91 -6.73
C ALA B 118 -22.09 39.66 -7.59
N LEU B 119 -21.24 38.68 -7.30
CA LEU B 119 -21.23 37.43 -8.06
C LEU B 119 -22.20 36.39 -7.50
N GLY B 120 -22.75 36.66 -6.32
CA GLY B 120 -23.67 35.73 -5.70
C GLY B 120 -22.88 34.60 -5.04
N LEU B 121 -21.74 34.97 -4.46
CA LEU B 121 -20.89 33.99 -3.81
C LEU B 121 -20.58 34.38 -2.38
N GLY B 122 -20.53 33.38 -1.51
CA GLY B 122 -20.20 33.60 -0.11
C GLY B 122 -18.81 33.05 0.12
N PHE B 123 -18.36 33.07 1.37
CA PHE B 123 -17.04 32.57 1.70
C PHE B 123 -17.08 31.52 2.79
N ASP B 124 -16.40 30.40 2.54
CA ASP B 124 -16.36 29.31 3.50
C ASP B 124 -15.15 29.51 4.40
N ALA B 125 -14.63 28.40 4.93
CA ALA B 125 -13.49 28.45 5.83
C ALA B 125 -12.25 29.11 5.21
N MET B 126 -11.52 29.87 6.03
CA MET B 126 -10.29 30.52 5.61
C MET B 126 -9.21 29.45 5.67
N ASN B 127 -8.18 29.56 4.84
CA ASN B 127 -7.08 28.59 4.83
C ASN B 127 -5.75 29.31 4.99
N SER B 128 -5.03 29.00 6.07
CA SER B 128 -3.73 29.61 6.33
C SER B 128 -2.65 28.93 5.51
N ASN B 129 -1.51 29.60 5.34
CA ASN B 129 -0.41 29.05 4.56
C ASN B 129 0.96 29.22 5.23
N THR B 130 1.42 28.18 5.92
CA THR B 130 2.74 28.23 6.54
C THR B 130 3.52 27.00 6.06
N PHE B 131 3.28 26.63 4.81
CA PHE B 131 3.97 25.50 4.18
C PHE B 131 4.80 26.01 3.01
N SER B 132 4.96 27.33 2.96
CA SER B 132 5.76 28.00 1.93
C SER B 132 6.15 29.36 2.46
N ASP B 133 7.21 29.95 1.90
CA ASP B 133 7.66 31.26 2.37
C ASP B 133 7.20 32.38 1.46
N ALA B 134 6.72 33.45 2.08
CA ALA B 134 6.27 34.61 1.33
C ALA B 134 7.44 35.58 1.31
N PRO B 135 7.56 36.39 0.24
CA PRO B 135 8.67 37.34 0.16
C PRO B 135 8.75 38.26 1.39
N GLY B 136 9.98 38.58 1.80
CA GLY B 136 10.17 39.45 2.95
C GLY B 136 9.84 38.85 4.30
N GLN B 137 9.56 37.55 4.32
CA GLN B 137 9.22 36.85 5.54
C GLN B 137 10.41 36.81 6.49
N ALA B 138 10.18 37.13 7.77
CA ALA B 138 11.26 37.15 8.75
C ALA B 138 11.86 35.77 9.02
N HIS B 139 11.01 34.75 9.15
CA HIS B 139 11.49 33.41 9.43
C HIS B 139 10.98 32.42 8.39
N SER B 140 11.87 31.53 7.95
CA SER B 140 11.52 30.54 6.95
C SER B 140 10.81 29.33 7.57
N TYR B 141 9.90 28.76 6.79
CA TYR B 141 9.16 27.58 7.24
C TYR B 141 9.81 26.30 6.73
N LYS B 142 11.02 26.41 6.19
CA LYS B 142 11.74 25.25 5.66
C LYS B 142 11.68 24.04 6.60
N TYR B 143 11.90 24.27 7.89
CA TYR B 143 11.90 23.19 8.87
C TYR B 143 10.64 23.14 9.73
N GLY B 144 9.56 23.76 9.26
CA GLY B 144 8.33 23.73 10.03
C GLY B 144 7.78 25.11 10.26
N SER B 145 6.61 25.18 10.89
CA SER B 145 5.97 26.46 11.17
C SER B 145 5.43 26.48 12.59
N LEU B 146 4.22 25.95 12.78
CA LEU B 146 3.62 25.92 14.12
C LEU B 146 4.38 24.99 15.07
N SER B 147 5.12 24.03 14.52
CA SER B 147 5.88 23.09 15.36
C SER B 147 7.40 23.30 15.22
N HIS B 148 7.80 24.37 14.54
CA HIS B 148 9.22 24.66 14.35
C HIS B 148 9.91 24.75 15.72
N THR B 149 11.17 24.34 15.77
CA THR B 149 11.92 24.38 17.02
C THR B 149 12.21 25.81 17.50
N ASN B 150 12.21 26.76 16.56
CA ASN B 150 12.48 28.17 16.88
C ASN B 150 11.21 28.89 17.32
N ALA B 151 11.21 29.40 18.55
CA ALA B 151 10.05 30.09 19.10
C ALA B 151 9.51 31.23 18.24
N ALA B 152 10.40 32.08 17.73
CA ALA B 152 9.98 33.19 16.90
C ALA B 152 9.28 32.73 15.63
N THR B 153 9.71 31.59 15.09
CA THR B 153 9.10 31.06 13.88
C THR B 153 7.67 30.61 14.17
N ARG B 154 7.48 30.00 15.33
CA ARG B 154 6.15 29.53 15.70
C ARG B 154 5.25 30.75 15.91
N ALA B 155 5.77 31.78 16.57
CA ALA B 155 4.99 32.99 16.82
C ALA B 155 4.56 33.62 15.51
N GLN B 156 5.46 33.62 14.54
CA GLN B 156 5.15 34.20 13.25
C GLN B 156 4.04 33.42 12.57
N ALA B 157 4.08 32.10 12.71
CA ALA B 157 3.05 31.25 12.11
C ALA B 157 1.73 31.50 12.83
N VAL B 158 1.79 31.58 14.16
CA VAL B 158 0.58 31.83 14.94
C VAL B 158 -0.05 33.17 14.56
N GLU B 159 0.78 34.20 14.42
CA GLU B 159 0.28 35.52 14.06
C GLU B 159 -0.38 35.48 12.68
N HIS B 160 0.24 34.74 11.76
CA HIS B 160 -0.31 34.63 10.41
C HIS B 160 -1.72 34.04 10.45
N ASN B 161 -1.92 32.98 11.21
CA ASN B 161 -3.24 32.36 11.31
C ASN B 161 -4.26 33.33 11.93
N LEU B 162 -3.83 34.09 12.92
CA LEU B 162 -4.73 35.06 13.55
C LEU B 162 -5.17 36.07 12.51
N GLU B 163 -4.24 36.46 11.63
CA GLU B 163 -4.55 37.42 10.58
C GLU B 163 -5.59 36.80 9.64
N CYS B 164 -5.51 35.50 9.46
CA CYS B 164 -6.47 34.81 8.60
C CYS B 164 -7.84 34.87 9.23
N ILE B 165 -7.89 34.82 10.56
CA ILE B 165 -9.18 34.89 11.25
C ILE B 165 -9.76 36.30 11.09
N GLU B 166 -8.91 37.31 11.17
CA GLU B 166 -9.37 38.69 11.02
C GLU B 166 -9.95 38.91 9.63
N ILE B 167 -9.26 38.41 8.62
CA ILE B 167 -9.70 38.55 7.25
C ILE B 167 -11.05 37.83 7.11
N GLY B 168 -11.11 36.61 7.63
CA GLY B 168 -12.33 35.82 7.56
C GLY B 168 -13.52 36.48 8.25
N LYS B 169 -13.28 37.10 9.41
CA LYS B 169 -14.35 37.76 10.15
C LYS B 169 -14.92 38.92 9.34
N ALA B 170 -14.08 39.55 8.54
CA ALA B 170 -14.50 40.69 7.73
C ALA B 170 -15.31 40.33 6.47
N ILE B 171 -15.20 39.08 6.00
CA ILE B 171 -15.92 38.69 4.79
C ILE B 171 -17.07 37.69 4.96
N GLY B 172 -17.31 37.24 6.19
CA GLY B 172 -18.40 36.31 6.42
C GLY B 172 -18.00 34.87 6.72
N SER B 173 -16.70 34.61 6.81
CA SER B 173 -16.20 33.28 7.11
C SER B 173 -16.49 32.93 8.56
N LYS B 174 -16.55 31.63 8.86
CA LYS B 174 -16.84 31.19 10.22
C LYS B 174 -15.91 30.06 10.67
N ALA B 175 -14.79 29.88 9.98
CA ALA B 175 -13.86 28.83 10.35
C ALA B 175 -12.50 29.02 9.71
N LEU B 176 -11.51 28.41 10.32
CA LEU B 176 -10.14 28.46 9.83
C LEU B 176 -9.62 27.03 9.71
N THR B 177 -9.18 26.67 8.52
CA THR B 177 -8.64 25.34 8.31
C THR B 177 -7.12 25.44 8.36
N VAL B 178 -6.50 24.58 9.16
CA VAL B 178 -5.05 24.59 9.30
C VAL B 178 -4.41 23.29 8.82
N TRP B 179 -3.70 23.39 7.70
CA TRP B 179 -2.96 22.25 7.16
C TRP B 179 -1.54 22.77 7.03
N ILE B 180 -0.60 22.07 7.65
CA ILE B 180 0.80 22.47 7.57
C ILE B 180 1.61 21.29 7.05
N GLY B 181 2.79 21.58 6.49
CA GLY B 181 3.62 20.51 5.97
C GLY B 181 4.54 19.93 7.03
N ASP B 182 4.58 20.61 8.18
CA ASP B 182 5.41 20.23 9.30
C ASP B 182 5.64 18.74 9.48
N GLY B 183 6.92 18.36 9.49
CA GLY B 183 7.30 16.98 9.67
C GLY B 183 8.80 16.80 9.46
N SER B 184 9.20 15.60 9.07
CA SER B 184 10.63 15.34 8.82
C SER B 184 10.81 14.40 7.64
N ASN B 185 11.99 14.46 7.02
CA ASN B 185 12.31 13.61 5.90
C ASN B 185 13.31 12.54 6.30
N PHE B 186 13.82 12.62 7.53
CA PHE B 186 14.80 11.65 8.02
C PHE B 186 14.58 11.22 9.46
N PRO B 187 14.78 9.93 9.75
CA PRO B 187 14.61 9.45 11.12
C PRO B 187 15.59 10.28 11.99
N GLY B 188 15.18 10.65 13.20
CA GLY B 188 16.05 11.41 14.06
C GLY B 188 15.98 12.93 13.89
N GLN B 189 15.62 13.37 12.69
CA GLN B 189 15.52 14.81 12.40
C GLN B 189 14.62 15.53 13.41
N SER B 190 13.45 14.95 13.68
CA SER B 190 12.52 15.55 14.62
C SER B 190 12.30 14.60 15.78
N ASN B 191 11.89 15.14 16.92
CA ASN B 191 11.55 14.32 18.07
C ASN B 191 10.03 14.33 17.96
N PHE B 192 9.44 13.20 17.60
CA PHE B 192 8.00 13.09 17.42
C PHE B 192 7.16 13.77 18.50
N THR B 193 7.46 13.49 19.75
CA THR B 193 6.68 14.06 20.85
C THR B 193 6.90 15.55 21.07
N ARG B 194 8.14 16.00 21.06
CA ARG B 194 8.41 17.42 21.27
C ARG B 194 7.81 18.26 20.16
N ALA B 195 7.87 17.77 18.94
CA ALA B 195 7.30 18.47 17.80
C ALA B 195 5.80 18.64 17.99
N PHE B 196 5.14 17.55 18.40
CA PHE B 196 3.70 17.58 18.61
C PHE B 196 3.36 18.50 19.79
N GLU B 197 4.18 18.47 20.83
CA GLU B 197 3.94 19.34 21.97
C GLU B 197 3.98 20.80 21.53
N ARG B 198 4.96 21.15 20.72
CA ARG B 198 5.10 22.52 20.23
C ARG B 198 3.90 22.91 19.38
N TYR B 199 3.45 21.97 18.54
CA TYR B 199 2.31 22.20 17.66
C TYR B 199 1.05 22.47 18.48
N LEU B 200 0.83 21.65 19.50
CA LEU B 200 -0.33 21.79 20.36
C LEU B 200 -0.33 23.12 21.09
N SER B 201 0.84 23.53 21.55
CA SER B 201 0.97 24.79 22.27
C SER B 201 0.65 25.98 21.36
N ALA B 202 1.11 25.91 20.11
CA ALA B 202 0.87 26.98 19.15
C ALA B 202 -0.62 27.02 18.75
N MET B 203 -1.21 25.85 18.51
CA MET B 203 -2.62 25.80 18.13
C MET B 203 -3.50 26.36 19.25
N ALA B 204 -3.06 26.18 20.48
CA ALA B 204 -3.81 26.69 21.62
C ALA B 204 -3.89 28.21 21.54
N GLU B 205 -2.82 28.84 21.07
CA GLU B 205 -2.78 30.30 20.92
C GLU B 205 -3.72 30.75 19.81
N ILE B 206 -3.79 29.96 18.73
CA ILE B 206 -4.68 30.29 17.62
C ILE B 206 -6.12 30.15 18.10
N TYR B 207 -6.37 29.07 18.84
CA TYR B 207 -7.70 28.79 19.36
C TYR B 207 -8.22 29.96 20.20
N LYS B 208 -7.34 30.61 20.95
CA LYS B 208 -7.73 31.73 21.80
C LYS B 208 -8.27 32.90 20.96
N GLY B 209 -7.89 32.95 19.68
CA GLY B 209 -8.34 34.03 18.82
C GLY B 209 -9.64 33.75 18.09
N LEU B 210 -10.28 32.62 18.37
CA LEU B 210 -11.52 32.25 17.71
C LEU B 210 -12.78 32.88 18.30
N PRO B 211 -13.60 33.51 17.45
CA PRO B 211 -14.83 34.12 17.98
C PRO B 211 -15.71 32.99 18.51
N ASP B 212 -16.75 33.33 19.27
CA ASP B 212 -17.64 32.34 19.83
C ASP B 212 -18.27 31.39 18.81
N ASP B 213 -18.60 31.90 17.64
CA ASP B 213 -19.24 31.09 16.60
C ASP B 213 -18.31 30.54 15.51
N TRP B 214 -17.02 30.51 15.81
CA TRP B 214 -16.04 30.00 14.85
C TRP B 214 -15.58 28.60 15.21
N LYS B 215 -15.05 27.90 14.21
CA LYS B 215 -14.51 26.56 14.39
C LYS B 215 -13.08 26.55 13.88
N LEU B 216 -12.26 25.69 14.45
CA LEU B 216 -10.87 25.55 14.03
C LEU B 216 -10.69 24.13 13.52
N PHE B 217 -10.43 23.99 12.23
CA PHE B 217 -10.26 22.68 11.62
C PHE B 217 -8.77 22.32 11.40
N SER B 218 -8.36 21.15 11.87
CA SER B 218 -6.99 20.69 11.65
C SER B 218 -7.11 19.54 10.64
N GLU B 219 -6.23 19.55 9.66
CA GLU B 219 -6.24 18.57 8.59
C GLU B 219 -5.03 17.62 8.63
N HIS B 220 -5.30 16.32 8.81
CA HIS B 220 -4.21 15.35 8.85
C HIS B 220 -3.80 14.93 7.45
N LYS B 221 -2.56 14.47 7.33
CA LYS B 221 -2.03 14.02 6.05
C LYS B 221 -0.88 13.05 6.32
N MET B 222 -0.92 11.87 5.70
CA MET B 222 0.10 10.87 5.92
C MET B 222 1.51 11.32 5.52
N TYR B 223 1.63 11.95 4.35
CA TYR B 223 2.92 12.42 3.88
C TYR B 223 2.79 13.47 2.77
N GLU B 224 3.92 14.11 2.47
CA GLU B 224 4.02 15.17 1.45
C GLU B 224 3.50 16.48 2.03
N PRO B 225 4.38 17.50 2.15
CA PRO B 225 5.80 17.54 1.78
C PRO B 225 6.80 16.74 2.61
N ALA B 226 6.41 16.29 3.80
CA ALA B 226 7.34 15.52 4.64
C ALA B 226 7.29 14.06 4.19
N PHE B 227 8.46 13.48 3.94
CA PHE B 227 8.50 12.10 3.46
C PHE B 227 8.95 11.01 4.41
N TYR B 228 9.05 11.32 5.69
CA TYR B 228 9.40 10.31 6.67
C TYR B 228 8.30 10.37 7.74
N SER B 229 8.14 11.53 8.37
CA SER B 229 7.09 11.69 9.37
C SER B 229 6.40 13.03 9.18
N THR B 230 5.15 13.10 9.63
CA THR B 230 4.36 14.32 9.58
C THR B 230 3.72 14.46 10.96
N VAL B 231 3.77 15.65 11.53
CA VAL B 231 3.20 15.88 12.86
C VAL B 231 1.73 15.48 12.94
N VAL B 232 0.92 16.03 12.04
CA VAL B 232 -0.50 15.69 12.00
C VAL B 232 -0.63 14.67 10.86
N GLN B 233 -0.17 13.44 11.12
CA GLN B 233 -0.15 12.39 10.10
C GLN B 233 -1.46 11.63 9.86
N ASP B 234 -2.28 11.45 10.88
CA ASP B 234 -3.52 10.73 10.68
C ASP B 234 -4.66 11.19 11.59
N TRP B 235 -5.83 10.56 11.44
CA TRP B 235 -7.00 10.94 12.23
C TRP B 235 -6.84 10.71 13.72
N GLY B 236 -5.97 9.78 14.09
CA GLY B 236 -5.73 9.51 15.50
C GLY B 236 -5.11 10.75 16.10
N THR B 237 -4.04 11.22 15.48
CA THR B 237 -3.37 12.42 15.96
C THR B 237 -4.34 13.60 15.88
N ASN B 238 -5.09 13.67 14.78
CA ASN B 238 -6.03 14.76 14.59
C ASN B 238 -7.06 14.80 15.72
N TYR B 239 -7.56 13.64 16.13
CA TYR B 239 -8.53 13.58 17.20
C TYR B 239 -7.93 14.09 18.50
N LEU B 240 -6.68 13.72 18.77
CA LEU B 240 -6.01 14.16 19.99
C LEU B 240 -5.92 15.69 19.97
N ILE B 241 -5.68 16.25 18.79
CA ILE B 241 -5.58 17.71 18.66
C ILE B 241 -6.92 18.38 18.99
N ALA B 242 -7.98 17.97 18.29
CA ALA B 242 -9.30 18.54 18.50
C ALA B 242 -9.78 18.40 19.94
N GLN B 243 -9.62 17.20 20.51
CA GLN B 243 -10.05 16.95 21.89
C GLN B 243 -9.28 17.84 22.86
N THR B 244 -7.99 18.04 22.59
CA THR B 244 -7.13 18.85 23.45
C THR B 244 -7.40 20.35 23.37
N LEU B 245 -7.67 20.85 22.16
CA LEU B 245 -7.91 22.28 21.96
C LEU B 245 -9.24 22.78 22.54
N GLY B 246 -10.31 22.03 22.30
CA GLY B 246 -11.61 22.45 22.80
C GLY B 246 -12.77 22.22 21.84
N PRO B 247 -14.01 22.49 22.29
CA PRO B 247 -15.27 22.34 21.56
C PRO B 247 -15.31 22.97 20.17
N LYS B 248 -14.58 24.07 19.98
CA LYS B 248 -14.58 24.75 18.69
C LYS B 248 -13.58 24.13 17.71
N ALA B 249 -12.78 23.18 18.18
CA ALA B 249 -11.80 22.53 17.32
C ALA B 249 -12.28 21.14 16.88
N GLN B 250 -12.22 20.89 15.57
CA GLN B 250 -12.64 19.62 15.02
C GLN B 250 -11.66 19.16 13.92
N CYS B 251 -11.86 17.96 13.39
CA CYS B 251 -10.99 17.41 12.36
C CYS B 251 -11.53 17.48 10.95
N LEU B 252 -10.67 17.86 10.01
CA LEU B 252 -11.04 17.95 8.60
C LEU B 252 -10.48 16.71 7.91
N VAL B 253 -11.35 15.98 7.20
CA VAL B 253 -10.95 14.77 6.50
C VAL B 253 -10.81 14.96 4.99
N ASP B 254 -9.57 14.89 4.50
CA ASP B 254 -9.30 15.02 3.06
C ASP B 254 -9.15 13.59 2.58
N LEU B 255 -10.07 13.17 1.71
CA LEU B 255 -10.08 11.79 1.21
C LEU B 255 -8.76 11.21 0.73
N GLY B 256 -7.91 12.01 0.10
CA GLY B 256 -6.65 11.49 -0.40
C GLY B 256 -5.45 11.51 0.53
N HIS B 257 -5.69 11.80 1.82
CA HIS B 257 -4.61 11.87 2.79
C HIS B 257 -4.43 10.63 3.66
N HIS B 258 -4.87 9.48 3.16
CA HIS B 258 -4.76 8.26 3.94
C HIS B 258 -3.87 7.20 3.34
N ALA B 259 -3.37 6.32 4.20
CA ALA B 259 -2.49 5.24 3.77
C ALA B 259 -3.24 4.33 2.80
N PRO B 260 -2.50 3.61 1.95
CA PRO B 260 -3.15 2.72 0.99
C PRO B 260 -4.11 1.75 1.69
N ASN B 261 -5.28 1.53 1.10
CA ASN B 261 -6.31 0.61 1.61
C ASN B 261 -7.06 0.99 2.89
N THR B 262 -6.76 2.17 3.43
CA THR B 262 -7.43 2.62 4.64
C THR B 262 -8.95 2.62 4.45
N ASN B 263 -9.70 2.30 5.51
CA ASN B 263 -11.15 2.36 5.41
C ASN B 263 -11.49 3.76 5.88
N ILE B 264 -11.69 4.67 4.93
CA ILE B 264 -11.96 6.05 5.23
C ILE B 264 -13.36 6.31 5.81
N GLU B 265 -14.36 5.61 5.28
CA GLU B 265 -15.72 5.79 5.80
C GLU B 265 -15.80 5.44 7.28
N MET B 266 -14.94 4.53 7.75
CA MET B 266 -14.98 4.19 9.17
C MET B 266 -14.44 5.36 9.98
N ILE B 267 -13.38 6.00 9.48
CA ILE B 267 -12.81 7.15 10.16
C ILE B 267 -13.88 8.21 10.29
N VAL B 268 -14.63 8.42 9.21
CA VAL B 268 -15.71 9.39 9.22
C VAL B 268 -16.72 9.07 10.32
N ALA B 269 -17.08 7.78 10.44
CA ALA B 269 -18.04 7.34 11.45
C ALA B 269 -17.51 7.54 12.87
N ARG B 270 -16.23 7.24 13.08
CA ARG B 270 -15.62 7.39 14.39
C ARG B 270 -15.60 8.85 14.84
N LEU B 271 -15.22 9.75 13.93
CA LEU B 271 -15.17 11.18 14.24
C LEU B 271 -16.56 11.73 14.57
N ILE B 272 -17.58 11.24 13.87
CA ILE B 272 -18.95 11.68 14.11
C ILE B 272 -19.45 11.19 15.46
N GLN B 273 -19.08 9.95 15.82
CA GLN B 273 -19.50 9.40 17.09
C GLN B 273 -18.94 10.24 18.24
N PHE B 274 -17.74 10.75 18.05
CA PHE B 274 -17.10 11.55 19.09
C PHE B 274 -17.19 13.06 18.89
N GLY B 275 -18.10 13.49 18.02
CA GLY B 275 -18.31 14.90 17.78
C GLY B 275 -17.16 15.74 17.25
N LYS B 276 -16.22 15.12 16.53
CA LYS B 276 -15.09 15.88 16.00
C LYS B 276 -14.93 15.86 14.48
N LEU B 277 -16.01 15.56 13.77
CA LEU B 277 -15.94 15.57 12.31
C LEU B 277 -16.26 17.00 11.86
N GLY B 278 -15.22 17.81 11.72
CA GLY B 278 -15.41 19.19 11.30
C GLY B 278 -15.84 19.36 9.87
N GLY B 279 -15.22 18.62 8.96
CA GLY B 279 -15.57 18.73 7.56
C GLY B 279 -14.78 17.84 6.63
N PHE B 280 -15.04 17.98 5.34
CA PHE B 280 -14.37 17.19 4.32
C PHE B 280 -13.70 18.01 3.25
N HIS B 281 -12.72 17.37 2.62
CA HIS B 281 -12.00 17.93 1.50
C HIS B 281 -12.17 16.83 0.47
N PHE B 282 -13.16 16.99 -0.39
CA PHE B 282 -13.46 16.00 -1.42
C PHE B 282 -12.52 16.03 -2.61
N ASN B 283 -12.19 14.84 -3.08
CA ASN B 283 -11.33 14.63 -4.24
C ASN B 283 -11.20 13.13 -4.37
N ASP B 284 -10.58 12.67 -5.43
CA ASP B 284 -10.39 11.23 -5.60
C ASP B 284 -8.90 10.97 -5.83
N SER B 285 -8.52 9.70 -5.78
CA SER B 285 -7.12 9.33 -5.96
C SER B 285 -6.98 7.83 -6.14
N LYS B 286 -5.81 7.41 -6.60
CA LYS B 286 -5.54 5.99 -6.80
C LYS B 286 -4.20 5.61 -6.19
N TYR B 287 -3.27 6.55 -6.14
CA TYR B 287 -1.93 6.28 -5.62
C TYR B 287 -1.57 7.02 -4.33
N GLY B 288 -1.50 8.35 -4.40
CA GLY B 288 -1.18 9.14 -3.23
C GLY B 288 -2.23 10.23 -3.09
N ASP B 289 -1.80 11.44 -2.75
CA ASP B 289 -2.77 12.53 -2.63
C ASP B 289 -2.88 13.14 -4.02
N ASP B 290 -3.44 12.36 -4.94
CA ASP B 290 -3.57 12.73 -6.34
C ASP B 290 -4.43 13.97 -6.62
N ASP B 291 -5.35 14.27 -5.71
CA ASP B 291 -6.24 15.42 -5.86
C ASP B 291 -7.03 15.44 -7.17
N LEU B 292 -7.52 14.27 -7.58
CA LEU B 292 -8.29 14.15 -8.82
C LEU B 292 -9.78 14.47 -8.60
N ASP B 293 -10.51 14.66 -9.69
CA ASP B 293 -11.93 14.96 -9.66
C ASP B 293 -12.70 13.96 -8.80
N ALA B 294 -13.42 14.46 -7.80
CA ALA B 294 -14.20 13.59 -6.92
C ALA B 294 -14.98 12.52 -7.69
N GLY B 295 -14.92 11.29 -7.20
CA GLY B 295 -15.64 10.19 -7.82
C GLY B 295 -15.20 9.71 -9.19
N ALA B 296 -14.14 10.31 -9.74
CA ALA B 296 -13.67 9.92 -11.06
C ALA B 296 -12.91 8.59 -11.06
N ILE B 297 -12.43 8.17 -9.89
CA ILE B 297 -11.68 6.93 -9.76
C ILE B 297 -12.44 5.85 -8.99
N GLU B 298 -12.95 6.21 -7.82
CA GLU B 298 -13.70 5.28 -6.98
C GLU B 298 -15.02 5.89 -6.50
N PRO B 299 -16.04 5.89 -7.37
CA PRO B 299 -17.33 6.46 -6.99
C PRO B 299 -18.06 5.74 -5.85
N TYR B 300 -17.82 4.44 -5.67
CA TYR B 300 -18.51 3.71 -4.60
C TYR B 300 -18.00 4.14 -3.23
N ARG B 301 -16.69 4.35 -3.15
CA ARG B 301 -16.08 4.79 -1.90
C ARG B 301 -16.73 6.12 -1.51
N LEU B 302 -16.93 7.01 -2.49
CA LEU B 302 -17.54 8.30 -2.22
C LEU B 302 -18.96 8.07 -1.68
N PHE B 303 -19.67 7.14 -2.28
CA PHE B 303 -21.03 6.80 -1.84
C PHE B 303 -21.02 6.26 -0.41
N LEU B 304 -20.05 5.39 -0.11
CA LEU B 304 -19.96 4.82 1.23
C LEU B 304 -19.66 5.88 2.29
N VAL B 305 -18.95 6.94 1.89
CA VAL B 305 -18.65 8.02 2.82
C VAL B 305 -19.96 8.76 3.10
N PHE B 306 -20.71 9.04 2.05
CA PHE B 306 -21.99 9.73 2.22
C PHE B 306 -23.05 8.87 2.91
N ASN B 307 -22.86 7.56 2.88
CA ASN B 307 -23.78 6.65 3.54
C ASN B 307 -23.68 6.90 5.03
N GLU B 308 -22.46 7.15 5.49
CA GLU B 308 -22.21 7.42 6.91
C GLU B 308 -22.73 8.80 7.28
N LEU B 309 -22.60 9.74 6.36
CA LEU B 309 -23.07 11.10 6.59
C LEU B 309 -24.59 11.14 6.70
N VAL B 310 -25.28 10.44 5.80
CA VAL B 310 -26.73 10.40 5.81
C VAL B 310 -27.27 9.61 7.00
N ASP B 311 -26.55 8.58 7.41
CA ASP B 311 -26.98 7.78 8.55
C ASP B 311 -26.79 8.55 9.86
N ALA B 312 -25.77 9.40 9.90
CA ALA B 312 -25.48 10.20 11.08
C ALA B 312 -26.70 11.07 11.36
N GLU B 313 -27.24 11.67 10.30
CA GLU B 313 -28.42 12.52 10.42
C GLU B 313 -29.65 11.69 10.76
N ALA B 314 -29.73 10.50 10.17
CA ALA B 314 -30.87 9.60 10.42
C ALA B 314 -30.92 9.21 11.89
N ARG B 315 -29.77 9.23 12.55
CA ARG B 315 -29.67 8.89 13.97
C ARG B 315 -29.84 10.14 14.83
N GLY B 316 -29.74 11.30 14.20
CA GLY B 316 -29.87 12.55 14.92
C GLY B 316 -28.72 12.79 15.88
N VAL B 317 -27.50 12.62 15.39
CA VAL B 317 -26.31 12.81 16.21
C VAL B 317 -26.10 14.29 16.52
N LYS B 318 -25.59 14.56 17.72
CA LYS B 318 -25.34 15.94 18.14
C LYS B 318 -23.92 16.37 17.78
N GLY B 319 -23.77 17.65 17.46
CA GLY B 319 -22.46 18.16 17.09
C GLY B 319 -22.10 17.82 15.65
N PHE B 320 -23.09 17.30 14.92
CA PHE B 320 -22.89 16.91 13.52
C PHE B 320 -23.39 17.96 12.54
N HIS B 321 -22.45 18.68 11.94
CA HIS B 321 -22.78 19.74 10.98
C HIS B 321 -21.47 20.02 10.23
N PRO B 322 -20.93 19.00 9.55
CA PRO B 322 -19.69 19.10 8.79
C PRO B 322 -19.68 20.12 7.65
N ALA B 323 -18.53 20.74 7.44
CA ALA B 323 -18.35 21.70 6.37
C ALA B 323 -17.87 20.88 5.19
N HIS B 324 -18.41 21.14 4.00
CA HIS B 324 -18.00 20.38 2.83
C HIS B 324 -17.25 21.28 1.85
N MET B 325 -16.06 20.86 1.45
CA MET B 325 -15.27 21.63 0.51
C MET B 325 -14.59 20.72 -0.49
N ILE B 326 -14.36 21.24 -1.69
CA ILE B 326 -13.66 20.49 -2.73
C ILE B 326 -12.21 20.96 -2.66
N ASP B 327 -11.29 20.00 -2.64
CA ASP B 327 -9.87 20.33 -2.62
C ASP B 327 -9.23 19.48 -3.70
N GLN B 328 -9.15 20.03 -4.90
CA GLN B 328 -8.59 19.31 -6.04
C GLN B 328 -7.60 20.17 -6.82
N ALA B 329 -6.88 19.51 -7.71
CA ALA B 329 -5.90 20.16 -8.58
C ALA B 329 -6.24 19.62 -9.96
N HIS B 330 -6.41 20.53 -10.92
CA HIS B 330 -6.76 20.11 -12.27
C HIS B 330 -5.60 20.39 -13.20
N ASN B 331 -4.84 19.34 -13.50
CA ASN B 331 -3.65 19.45 -14.34
C ASN B 331 -3.84 19.17 -15.82
N VAL B 332 -4.92 18.50 -16.20
CA VAL B 332 -5.11 18.17 -17.61
C VAL B 332 -6.52 18.39 -18.15
N THR B 333 -7.28 19.25 -17.50
CA THR B 333 -8.65 19.55 -17.91
C THR B 333 -8.92 21.01 -17.62
N ASP B 334 -10.05 21.52 -18.11
CA ASP B 334 -10.43 22.90 -17.83
C ASP B 334 -10.86 22.82 -16.37
N PRO B 335 -10.23 23.62 -15.50
CA PRO B 335 -10.57 23.61 -14.08
C PRO B 335 -12.05 23.79 -13.77
N ILE B 336 -12.71 24.70 -14.50
CA ILE B 336 -14.12 24.95 -14.26
C ILE B 336 -14.97 23.71 -14.54
N GLU B 337 -14.68 23.03 -15.66
CA GLU B 337 -15.43 21.84 -16.01
C GLU B 337 -15.24 20.72 -14.98
N SER B 338 -14.01 20.55 -14.52
CA SER B 338 -13.73 19.51 -13.53
C SER B 338 -14.46 19.82 -12.22
N LEU B 339 -14.40 21.08 -11.79
CA LEU B 339 -15.07 21.46 -10.56
C LEU B 339 -16.57 21.27 -10.69
N ILE B 340 -17.10 21.54 -11.88
CA ILE B 340 -18.52 21.38 -12.14
C ILE B 340 -18.92 19.92 -11.99
N ASN B 341 -18.19 19.05 -12.67
CA ASN B 341 -18.48 17.61 -12.62
C ASN B 341 -18.12 16.95 -11.30
N SER B 342 -17.23 17.58 -10.53
CA SER B 342 -16.86 17.03 -9.23
C SER B 342 -17.99 17.35 -8.24
N ALA B 343 -18.47 18.58 -8.30
CA ALA B 343 -19.55 19.03 -7.44
C ALA B 343 -20.76 18.15 -7.76
N ASN B 344 -20.90 17.78 -9.03
CA ASN B 344 -21.99 16.93 -9.47
C ASN B 344 -21.87 15.53 -8.85
N GLU B 345 -20.67 14.96 -8.88
CA GLU B 345 -20.45 13.63 -8.33
C GLU B 345 -20.74 13.58 -6.83
N ILE B 346 -20.40 14.66 -6.14
CA ILE B 346 -20.63 14.76 -4.71
C ILE B 346 -22.13 14.74 -4.45
N ARG B 347 -22.90 15.51 -5.21
CA ARG B 347 -24.35 15.51 -5.03
C ARG B 347 -24.93 14.15 -5.43
N ARG B 348 -24.31 13.52 -6.42
CA ARG B 348 -24.76 12.21 -6.89
C ARG B 348 -24.68 11.21 -5.74
N ALA B 349 -23.52 11.12 -5.12
CA ALA B 349 -23.31 10.20 -4.01
C ALA B 349 -24.29 10.53 -2.88
N TYR B 350 -24.49 11.82 -2.63
CA TYR B 350 -25.40 12.26 -1.59
C TYR B 350 -26.83 11.79 -1.91
N ALA B 351 -27.28 12.01 -3.14
CA ALA B 351 -28.62 11.59 -3.55
C ALA B 351 -28.79 10.09 -3.34
N GLN B 352 -27.82 9.31 -3.81
CA GLN B 352 -27.87 7.87 -3.67
C GLN B 352 -27.90 7.40 -2.21
N ALA B 353 -27.11 8.03 -1.35
CA ALA B 353 -27.10 7.64 0.06
C ALA B 353 -28.49 7.93 0.64
N LEU B 354 -29.13 8.95 0.10
CA LEU B 354 -30.46 9.34 0.56
C LEU B 354 -31.49 8.26 0.19
N LEU B 355 -31.18 7.46 -0.82
CA LEU B 355 -32.09 6.41 -1.29
C LEU B 355 -32.04 5.10 -0.50
N VAL B 356 -31.01 4.91 0.31
CA VAL B 356 -30.88 3.69 1.10
C VAL B 356 -32.06 3.48 2.06
N ASP B 357 -32.61 2.26 2.04
CA ASP B 357 -33.72 1.91 2.92
C ASP B 357 -33.09 1.62 4.29
N ARG B 358 -33.03 2.64 5.14
CA ARG B 358 -32.43 2.51 6.46
C ARG B 358 -33.07 1.43 7.34
N ALA B 359 -34.40 1.30 7.26
CA ALA B 359 -35.10 0.30 8.07
C ALA B 359 -34.69 -1.09 7.64
N ALA B 360 -34.72 -1.34 6.33
CA ALA B 360 -34.33 -2.65 5.82
C ALA B 360 -32.86 -2.93 6.16
N LEU B 361 -32.01 -1.92 5.96
CA LEU B 361 -30.59 -2.07 6.26
C LEU B 361 -30.38 -2.47 7.71
N SER B 362 -30.98 -1.69 8.61
CA SER B 362 -30.86 -1.96 10.03
C SER B 362 -31.34 -3.37 10.36
N GLY B 363 -32.36 -3.83 9.63
CA GLY B 363 -32.88 -5.16 9.85
C GLY B 363 -31.86 -6.23 9.47
N TYR B 364 -31.25 -6.09 8.29
CA TYR B 364 -30.26 -7.06 7.84
C TYR B 364 -28.99 -7.01 8.68
N GLN B 365 -28.71 -5.87 9.31
CA GLN B 365 -27.52 -5.76 10.14
C GLN B 365 -27.73 -6.53 11.45
N GLU B 366 -28.91 -6.36 12.03
CA GLU B 366 -29.22 -7.05 13.28
C GLU B 366 -29.27 -8.56 13.10
N ASP B 367 -29.77 -9.00 11.95
CA ASP B 367 -29.86 -10.44 11.67
C ASP B 367 -28.56 -11.02 11.12
N ASN B 368 -27.57 -10.17 10.90
CA ASN B 368 -26.29 -10.62 10.35
C ASN B 368 -26.46 -11.24 8.97
N ASP B 369 -27.34 -10.65 8.17
CA ASP B 369 -27.58 -11.10 6.81
C ASP B 369 -26.72 -10.16 5.95
N ALA B 370 -25.41 -10.40 5.99
CA ALA B 370 -24.44 -9.58 5.27
C ALA B 370 -24.74 -9.38 3.80
N LEU B 371 -25.17 -10.44 3.12
CA LEU B 371 -25.46 -10.35 1.70
C LEU B 371 -26.57 -9.36 1.40
N MET B 372 -27.71 -9.48 2.08
CA MET B 372 -28.80 -8.55 1.85
C MET B 372 -28.45 -7.15 2.36
N ALA B 373 -27.62 -7.09 3.38
CA ALA B 373 -27.22 -5.78 3.92
C ALA B 373 -26.47 -5.01 2.83
N THR B 374 -25.48 -5.67 2.23
CA THR B 374 -24.68 -5.02 1.20
C THR B 374 -25.52 -4.77 -0.06
N GLU B 375 -26.50 -5.62 -0.32
CA GLU B 375 -27.35 -5.46 -1.49
C GLU B 375 -28.28 -4.27 -1.28
N THR B 376 -28.61 -3.99 -0.03
CA THR B 376 -29.49 -2.87 0.30
C THR B 376 -28.75 -1.56 -0.01
N LEU B 377 -27.44 -1.54 0.21
CA LEU B 377 -26.66 -0.35 -0.09
C LEU B 377 -26.54 -0.27 -1.61
N LYS B 378 -26.29 -1.40 -2.26
CA LYS B 378 -26.14 -1.43 -3.71
C LYS B 378 -27.41 -0.98 -4.44
N ARG B 379 -28.57 -1.35 -3.94
CA ARG B 379 -29.81 -0.96 -4.59
C ARG B 379 -29.90 0.55 -4.67
N ALA B 380 -29.38 1.23 -3.66
CA ALA B 380 -29.38 2.68 -3.64
C ALA B 380 -28.29 3.18 -4.59
N TYR B 381 -27.09 2.63 -4.44
CA TYR B 381 -25.95 3.02 -5.26
C TYR B 381 -26.13 2.78 -6.76
N ARG B 382 -26.70 1.63 -7.12
CA ARG B 382 -26.89 1.32 -8.53
C ARG B 382 -27.92 2.21 -9.21
N THR B 383 -28.68 2.96 -8.41
CA THR B 383 -29.70 3.84 -8.95
C THR B 383 -29.13 5.10 -9.60
N ASP B 384 -29.42 5.27 -10.89
CA ASP B 384 -28.95 6.43 -11.66
C ASP B 384 -29.77 7.66 -11.27
N VAL B 385 -29.19 8.50 -10.43
CA VAL B 385 -29.84 9.72 -9.95
C VAL B 385 -29.57 10.97 -10.77
N GLU B 386 -29.00 10.82 -11.96
CA GLU B 386 -28.72 11.98 -12.80
C GLU B 386 -29.99 12.80 -13.04
N PRO B 387 -31.13 12.14 -13.32
CA PRO B 387 -32.37 12.89 -13.56
C PRO B 387 -32.67 13.81 -12.37
N ILE B 388 -32.36 13.33 -11.17
CA ILE B 388 -32.61 14.11 -9.97
C ILE B 388 -31.67 15.32 -9.90
N LEU B 389 -30.40 15.11 -10.20
CA LEU B 389 -29.42 16.18 -10.17
C LEU B 389 -29.73 17.26 -11.21
N ALA B 390 -30.09 16.81 -12.41
CA ALA B 390 -30.41 17.71 -13.51
C ALA B 390 -31.66 18.55 -13.22
N GLU B 391 -32.69 17.92 -12.68
CA GLU B 391 -33.93 18.62 -12.37
C GLU B 391 -33.67 19.64 -11.25
N ALA B 392 -32.91 19.23 -10.24
CA ALA B 392 -32.59 20.12 -9.12
C ALA B 392 -31.93 21.38 -9.68
N ARG B 393 -31.01 21.19 -10.62
CA ARG B 393 -30.32 22.31 -11.23
C ARG B 393 -31.31 23.15 -12.05
N ARG B 394 -32.14 22.48 -12.83
CA ARG B 394 -33.12 23.19 -13.66
C ARG B 394 -34.06 24.06 -12.83
N ARG B 395 -34.52 23.54 -11.70
CA ARG B 395 -35.44 24.28 -10.85
C ARG B 395 -34.80 25.42 -10.08
N THR B 396 -33.48 25.40 -9.97
CA THR B 396 -32.78 26.43 -9.21
C THR B 396 -31.99 27.44 -10.05
N GLY B 397 -32.20 27.42 -11.36
CA GLY B 397 -31.52 28.36 -12.23
C GLY B 397 -30.21 27.84 -12.80
N GLY B 398 -29.98 26.54 -12.64
CA GLY B 398 -28.76 25.93 -13.14
C GLY B 398 -28.97 25.34 -14.53
N ALA B 399 -28.00 24.57 -15.00
CA ALA B 399 -28.11 23.96 -16.33
C ALA B 399 -28.34 22.47 -16.25
N VAL B 400 -29.16 21.95 -17.15
CA VAL B 400 -29.44 20.51 -17.17
C VAL B 400 -28.11 19.77 -17.30
N ASP B 401 -27.32 20.17 -18.29
CA ASP B 401 -26.01 19.59 -18.52
C ASP B 401 -25.03 20.76 -18.40
N PRO B 402 -24.47 20.96 -17.20
CA PRO B 402 -23.51 22.03 -16.87
C PRO B 402 -22.33 22.18 -17.81
N VAL B 403 -21.60 21.09 -18.04
CA VAL B 403 -20.45 21.18 -18.93
C VAL B 403 -20.86 21.50 -20.36
N ALA B 404 -21.93 20.88 -20.83
CA ALA B 404 -22.40 21.14 -22.19
C ALA B 404 -22.78 22.60 -22.36
N THR B 405 -23.41 23.17 -21.32
CA THR B 405 -23.82 24.56 -21.37
C THR B 405 -22.59 25.46 -21.29
N TYR B 406 -21.64 25.07 -20.45
CA TYR B 406 -20.40 25.84 -20.30
C TYR B 406 -19.68 25.97 -21.64
N ARG B 407 -19.55 24.85 -22.34
CA ARG B 407 -18.87 24.85 -23.63
C ARG B 407 -19.66 25.63 -24.68
N ALA B 408 -20.98 25.53 -24.63
CA ALA B 408 -21.83 26.24 -25.58
C ALA B 408 -21.69 27.75 -25.41
N SER B 409 -21.43 28.19 -24.18
CA SER B 409 -21.28 29.62 -23.90
C SER B 409 -19.99 30.21 -24.43
N GLY B 410 -18.97 29.38 -24.58
CA GLY B 410 -17.68 29.87 -25.06
C GLY B 410 -16.98 30.71 -24.01
N TYR B 411 -17.27 30.45 -22.74
CA TYR B 411 -16.67 31.20 -21.63
C TYR B 411 -15.15 31.13 -21.60
N ARG B 412 -14.59 29.92 -21.77
CA ARG B 412 -13.15 29.77 -21.72
C ARG B 412 -12.47 30.67 -22.76
N ALA B 413 -12.97 30.66 -23.98
CA ALA B 413 -12.40 31.49 -25.04
C ALA B 413 -12.56 32.97 -24.67
N ARG B 414 -13.64 33.30 -23.97
CA ARG B 414 -13.90 34.68 -23.57
C ARG B 414 -12.84 35.19 -22.59
N VAL B 415 -12.62 34.47 -21.50
CA VAL B 415 -11.63 34.90 -20.52
C VAL B 415 -10.23 34.80 -21.11
N ALA B 416 -10.06 33.93 -22.09
CA ALA B 416 -8.77 33.75 -22.73
C ALA B 416 -8.42 35.04 -23.48
N ALA B 417 -9.43 35.69 -24.04
CA ALA B 417 -9.21 36.93 -24.79
C ALA B 417 -9.05 38.13 -23.86
N GLU B 418 -9.49 37.98 -22.62
CA GLU B 418 -9.39 39.06 -21.64
C GLU B 418 -8.14 38.96 -20.79
N ARG B 419 -7.66 37.74 -20.59
CA ARG B 419 -6.48 37.51 -19.76
C ARG B 419 -5.26 37.13 -20.58
N PRO B 420 -4.13 37.82 -20.35
CA PRO B 420 -2.90 37.54 -21.09
C PRO B 420 -2.20 36.30 -20.55
N ALA B 421 -1.89 35.35 -21.43
CA ALA B 421 -1.18 34.16 -21.00
C ALA B 421 0.28 34.58 -20.90
N SER B 422 1.15 33.69 -20.42
CA SER B 422 2.56 34.02 -20.33
C SER B 422 3.14 34.15 -21.74
N VAL B 423 2.71 33.26 -22.62
CA VAL B 423 3.15 33.24 -24.00
C VAL B 423 1.95 32.99 -24.93
N ALA B 424 2.00 33.57 -26.12
CA ALA B 424 0.92 33.43 -27.10
C ALA B 424 0.64 31.96 -27.40
N GLU C 3 -32.61 -32.61 -14.74
CA GLU C 3 -32.92 -32.38 -13.29
C GLU C 3 -33.05 -30.90 -12.97
N PHE C 4 -33.78 -30.60 -11.89
CA PHE C 4 -33.99 -29.23 -11.45
C PHE C 4 -33.86 -29.12 -9.94
N ARG C 5 -32.68 -28.71 -9.48
CA ARG C 5 -32.41 -28.55 -8.07
C ARG C 5 -33.48 -27.65 -7.43
N ILE C 6 -33.98 -26.70 -8.22
CA ILE C 6 -35.01 -25.78 -7.74
C ILE C 6 -36.31 -26.02 -8.50
N ALA C 7 -37.37 -26.32 -7.76
CA ALA C 7 -38.68 -26.58 -8.36
C ALA C 7 -39.08 -25.48 -9.35
N GLN C 8 -39.47 -25.91 -10.55
CA GLN C 8 -39.87 -24.97 -11.60
C GLN C 8 -41.06 -24.10 -11.22
N ASP C 9 -41.94 -24.62 -10.37
CA ASP C 9 -43.11 -23.87 -9.95
C ASP C 9 -42.72 -22.69 -9.07
N VAL C 10 -41.69 -22.88 -8.24
CA VAL C 10 -41.23 -21.80 -7.38
C VAL C 10 -40.61 -20.71 -8.23
N VAL C 11 -39.84 -21.12 -9.24
CA VAL C 11 -39.19 -20.17 -10.14
C VAL C 11 -40.23 -19.38 -10.92
N ALA C 12 -41.25 -20.07 -11.44
CA ALA C 12 -42.29 -19.40 -12.19
C ALA C 12 -43.05 -18.48 -11.24
N ARG C 13 -43.36 -18.99 -10.06
CA ARG C 13 -44.09 -18.23 -9.05
C ARG C 13 -43.36 -16.92 -8.73
N GLU C 14 -42.09 -17.02 -8.37
CA GLU C 14 -41.29 -15.86 -8.01
C GLU C 14 -41.03 -14.91 -9.17
N ASN C 15 -41.10 -15.42 -10.39
CA ASN C 15 -40.89 -14.57 -11.57
C ASN C 15 -42.17 -13.78 -11.85
N ASP C 16 -43.31 -14.46 -11.82
CA ASP C 16 -44.60 -13.80 -12.06
C ASP C 16 -44.82 -12.67 -11.06
N ARG C 17 -44.38 -12.91 -9.83
CA ARG C 17 -44.52 -11.93 -8.75
C ARG C 17 -43.73 -10.65 -9.00
N ARG C 18 -42.74 -10.71 -9.87
CA ARG C 18 -41.91 -9.56 -10.15
C ARG C 18 -41.97 -9.12 -11.61
N ALA C 19 -42.69 -9.89 -12.43
CA ALA C 19 -42.81 -9.59 -13.86
C ALA C 19 -43.29 -8.18 -14.18
N SER C 20 -44.34 -7.74 -13.51
CA SER C 20 -44.89 -6.40 -13.75
C SER C 20 -43.86 -5.30 -13.58
N ALA C 21 -43.23 -5.26 -12.41
CA ALA C 21 -42.22 -4.26 -12.12
C ALA C 21 -41.08 -4.33 -13.12
N LEU C 22 -40.71 -5.56 -13.50
CA LEU C 22 -39.63 -5.75 -14.46
C LEU C 22 -39.96 -5.19 -15.83
N LYS C 23 -41.14 -5.51 -16.34
CA LYS C 23 -41.57 -5.02 -17.64
C LYS C 23 -41.48 -3.49 -17.68
N GLU C 24 -41.90 -2.86 -16.59
CA GLU C 24 -41.86 -1.41 -16.51
C GLU C 24 -40.42 -0.89 -16.57
N ASP C 25 -39.57 -1.42 -15.69
CA ASP C 25 -38.18 -1.00 -15.65
C ASP C 25 -37.46 -1.29 -16.96
N TYR C 26 -37.72 -2.45 -17.55
CA TYR C 26 -37.07 -2.80 -18.80
C TYR C 26 -37.49 -1.83 -19.90
N GLU C 27 -38.79 -1.56 -19.99
CA GLU C 27 -39.30 -0.66 -21.01
C GLU C 27 -38.77 0.77 -20.82
N ALA C 28 -38.67 1.20 -19.57
CA ALA C 28 -38.17 2.54 -19.29
C ALA C 28 -36.72 2.65 -19.72
N LEU C 29 -35.92 1.64 -19.39
CA LEU C 29 -34.51 1.61 -19.76
C LEU C 29 -34.35 1.53 -21.28
N GLY C 30 -35.18 0.70 -21.90
CA GLY C 30 -35.13 0.55 -23.34
C GLY C 30 -35.38 1.88 -24.05
N ALA C 31 -36.34 2.65 -23.53
CA ALA C 31 -36.66 3.94 -24.11
C ALA C 31 -35.47 4.89 -23.94
N ASN C 32 -34.86 4.86 -22.76
CA ASN C 32 -33.71 5.72 -22.47
C ASN C 32 -32.54 5.35 -23.38
N LEU C 33 -32.25 4.06 -23.50
CA LEU C 33 -31.16 3.60 -24.35
C LEU C 33 -31.41 3.99 -25.80
N ALA C 34 -32.67 3.91 -26.21
CA ALA C 34 -33.05 4.26 -27.58
C ALA C 34 -32.71 5.73 -27.83
N ARG C 35 -33.01 6.59 -26.87
CA ARG C 35 -32.72 8.01 -27.01
C ARG C 35 -31.21 8.20 -27.09
N ARG C 36 -30.46 7.18 -26.67
CA ARG C 36 -29.00 7.21 -26.70
C ARG C 36 -28.48 6.43 -27.90
N GLY C 37 -29.38 6.10 -28.83
CA GLY C 37 -29.00 5.37 -30.02
C GLY C 37 -28.56 3.94 -29.76
N VAL C 38 -29.04 3.36 -28.67
CA VAL C 38 -28.69 1.99 -28.31
C VAL C 38 -29.93 1.12 -28.30
N ASP C 39 -29.81 -0.08 -28.88
CA ASP C 39 -30.90 -1.04 -28.94
C ASP C 39 -30.79 -2.00 -27.77
N ILE C 40 -31.59 -1.77 -26.73
CA ILE C 40 -31.56 -2.60 -25.54
C ILE C 40 -31.58 -4.10 -25.87
N GLU C 41 -32.28 -4.48 -26.93
CA GLU C 41 -32.34 -5.89 -27.30
C GLU C 41 -30.97 -6.46 -27.68
N ALA C 42 -30.15 -5.64 -28.35
CA ALA C 42 -28.83 -6.09 -28.77
C ALA C 42 -27.98 -6.35 -27.52
N VAL C 43 -28.14 -5.51 -26.52
CA VAL C 43 -27.41 -5.64 -25.27
C VAL C 43 -27.83 -6.90 -24.53
N THR C 44 -29.13 -7.09 -24.37
CA THR C 44 -29.67 -8.25 -23.67
C THR C 44 -29.24 -9.55 -24.34
N ALA C 45 -29.20 -9.55 -25.67
CA ALA C 45 -28.80 -10.74 -26.41
C ALA C 45 -27.38 -11.17 -26.07
N LYS C 46 -26.48 -10.19 -25.91
CA LYS C 46 -25.10 -10.50 -25.58
C LYS C 46 -24.95 -10.93 -24.14
N VAL C 47 -25.68 -10.26 -23.25
CA VAL C 47 -25.61 -10.60 -21.83
C VAL C 47 -26.05 -12.03 -21.57
N GLU C 48 -27.07 -12.48 -22.30
CA GLU C 48 -27.56 -13.85 -22.14
C GLU C 48 -26.48 -14.86 -22.50
N LYS C 49 -25.57 -14.45 -23.37
CA LYS C 49 -24.50 -15.32 -23.83
C LYS C 49 -23.18 -15.19 -23.08
N PHE C 50 -23.14 -14.38 -22.04
CA PHE C 50 -21.90 -14.23 -21.29
C PHE C 50 -21.87 -15.21 -20.13
N PHE C 51 -20.83 -16.02 -20.08
CA PHE C 51 -20.69 -17.01 -19.02
C PHE C 51 -19.39 -16.89 -18.25
N VAL C 52 -19.43 -17.26 -16.98
CA VAL C 52 -18.26 -17.23 -16.11
C VAL C 52 -18.30 -18.51 -15.29
N ALA C 53 -17.19 -19.24 -15.25
CA ALA C 53 -17.12 -20.49 -14.51
C ALA C 53 -17.15 -20.31 -13.00
N VAL C 54 -17.79 -21.25 -12.31
CA VAL C 54 -17.85 -21.20 -10.85
C VAL C 54 -16.82 -22.17 -10.28
N PRO C 55 -16.22 -21.82 -9.13
CA PRO C 55 -15.23 -22.69 -8.50
C PRO C 55 -15.85 -23.76 -7.62
N SER C 56 -15.54 -25.01 -7.89
CA SER C 56 -16.08 -26.13 -7.10
C SER C 56 -15.80 -25.92 -5.62
N TRP C 57 -14.62 -25.37 -5.32
CA TRP C 57 -14.20 -25.11 -3.94
C TRP C 57 -14.88 -23.85 -3.39
N GLY C 58 -15.73 -23.23 -4.19
CA GLY C 58 -16.40 -22.03 -3.76
C GLY C 58 -17.79 -22.22 -3.19
N VAL C 59 -18.42 -23.37 -3.45
CA VAL C 59 -19.77 -23.63 -2.93
C VAL C 59 -19.74 -24.07 -1.48
N GLY C 60 -18.54 -24.25 -0.94
CA GLY C 60 -18.40 -24.63 0.45
C GLY C 60 -18.01 -23.38 1.22
N THR C 61 -18.32 -23.34 2.51
CA THR C 61 -17.97 -22.17 3.32
C THR C 61 -16.45 -22.13 3.51
N GLY C 62 -15.86 -20.95 3.35
CA GLY C 62 -14.42 -20.83 3.51
C GLY C 62 -14.03 -20.36 4.90
N GLY C 63 -12.74 -20.08 5.08
CA GLY C 63 -12.27 -19.61 6.36
C GLY C 63 -10.93 -18.90 6.24
N THR C 64 -10.36 -18.53 7.39
CA THR C 64 -9.07 -17.85 7.42
C THR C 64 -8.14 -18.71 8.27
N ARG C 65 -6.87 -18.32 8.36
CA ARG C 65 -5.94 -19.09 9.16
C ARG C 65 -6.34 -19.08 10.63
N PHE C 66 -7.26 -18.19 11.01
CA PHE C 66 -7.72 -18.08 12.39
C PHE C 66 -8.91 -18.98 12.74
N ALA C 67 -9.80 -19.24 11.78
CA ALA C 67 -10.96 -20.08 12.06
C ALA C 67 -11.86 -20.30 10.86
N ARG C 68 -12.76 -21.27 11.01
CA ARG C 68 -13.73 -21.59 9.98
C ARG C 68 -15.07 -21.78 10.68
N PHE C 69 -16.10 -21.13 10.15
CA PHE C 69 -17.44 -21.19 10.71
C PHE C 69 -18.39 -21.75 9.66
N PRO C 70 -18.40 -23.07 9.48
CA PRO C 70 -19.27 -23.72 8.49
C PRO C 70 -20.75 -23.49 8.74
N GLY C 71 -21.51 -23.45 7.64
CA GLY C 71 -22.95 -23.26 7.76
C GLY C 71 -23.59 -24.63 7.76
N THR C 72 -24.91 -24.67 7.56
CA THR C 72 -25.61 -25.95 7.52
C THR C 72 -25.62 -26.47 6.08
N GLY C 73 -25.75 -27.78 5.93
CA GLY C 73 -25.78 -28.36 4.60
C GLY C 73 -24.51 -28.20 3.79
N GLU C 74 -23.36 -28.21 4.46
CA GLU C 74 -22.09 -28.08 3.76
C GLU C 74 -21.90 -29.30 2.87
N PRO C 75 -21.45 -29.10 1.62
CA PRO C 75 -21.24 -30.22 0.69
C PRO C 75 -20.12 -31.14 1.16
N ARG C 76 -20.36 -32.45 1.05
CA ARG C 76 -19.39 -33.44 1.48
C ARG C 76 -18.22 -33.59 0.51
N GLY C 77 -18.51 -33.47 -0.78
CA GLY C 77 -17.48 -33.61 -1.79
C GLY C 77 -17.87 -33.01 -3.12
N ILE C 78 -17.17 -33.40 -4.17
CA ILE C 78 -17.43 -32.87 -5.49
C ILE C 78 -18.87 -33.06 -5.97
N PHE C 79 -19.47 -34.19 -5.63
CA PHE C 79 -20.84 -34.45 -6.06
C PHE C 79 -21.87 -33.52 -5.41
N ASP C 80 -21.72 -33.23 -4.12
CA ASP C 80 -22.66 -32.31 -3.49
C ASP C 80 -22.39 -30.92 -4.06
N LYS C 81 -21.12 -30.62 -4.30
CA LYS C 81 -20.73 -29.34 -4.85
C LYS C 81 -21.33 -29.12 -6.23
N LEU C 82 -21.35 -30.17 -7.04
CA LEU C 82 -21.93 -30.05 -8.37
C LEU C 82 -23.43 -29.82 -8.26
N ASP C 83 -24.06 -30.42 -7.25
CA ASP C 83 -25.49 -30.24 -7.06
C ASP C 83 -25.79 -28.79 -6.70
N ASP C 84 -24.89 -28.18 -5.93
CA ASP C 84 -25.07 -26.79 -5.53
C ASP C 84 -24.78 -25.85 -6.69
N CYS C 85 -23.75 -26.16 -7.47
CA CYS C 85 -23.40 -25.35 -8.63
C CYS C 85 -24.58 -25.33 -9.61
N ALA C 86 -25.29 -26.45 -9.68
CA ALA C 86 -26.44 -26.55 -10.58
C ALA C 86 -27.47 -25.48 -10.24
N VAL C 87 -27.68 -25.25 -8.95
CA VAL C 87 -28.63 -24.23 -8.50
C VAL C 87 -28.21 -22.87 -9.02
N ILE C 88 -26.92 -22.57 -8.90
CA ILE C 88 -26.40 -21.29 -9.36
C ILE C 88 -26.67 -21.10 -10.84
N GLN C 89 -26.40 -22.13 -11.64
CA GLN C 89 -26.61 -22.06 -13.08
C GLN C 89 -28.09 -21.95 -13.45
N GLN C 90 -28.93 -22.72 -12.78
CA GLN C 90 -30.36 -22.71 -13.07
C GLN C 90 -30.99 -21.34 -12.85
N LEU C 91 -30.62 -20.69 -11.74
CA LEU C 91 -31.16 -19.40 -11.39
C LEU C 91 -30.56 -18.19 -12.12
N THR C 92 -29.25 -18.21 -12.34
CA THR C 92 -28.59 -17.09 -13.01
C THR C 92 -28.38 -17.32 -14.50
N ARG C 93 -28.24 -18.58 -14.90
CA ARG C 93 -28.00 -18.94 -16.29
C ARG C 93 -26.70 -18.31 -16.78
N ALA C 94 -25.83 -17.95 -15.84
CA ALA C 94 -24.55 -17.32 -16.18
C ALA C 94 -23.35 -18.19 -15.83
N THR C 95 -23.59 -19.33 -15.21
CA THR C 95 -22.48 -20.20 -14.81
C THR C 95 -22.65 -21.65 -15.25
N PRO C 96 -22.75 -21.90 -16.56
CA PRO C 96 -22.92 -23.26 -17.09
C PRO C 96 -21.73 -24.20 -16.85
N ASN C 97 -20.57 -23.65 -16.54
CA ASN C 97 -19.39 -24.48 -16.31
C ASN C 97 -18.76 -24.37 -14.92
N VAL C 98 -18.26 -25.48 -14.43
CA VAL C 98 -17.63 -25.54 -13.12
C VAL C 98 -16.14 -25.80 -13.28
N SER C 99 -15.35 -25.20 -12.40
CA SER C 99 -13.90 -25.39 -12.43
C SER C 99 -13.51 -26.36 -11.32
N LEU C 100 -12.91 -27.49 -11.70
CA LEU C 100 -12.51 -28.51 -10.74
C LEU C 100 -11.10 -28.32 -10.17
N HIS C 101 -10.92 -28.80 -8.95
CA HIS C 101 -9.63 -28.72 -8.26
C HIS C 101 -9.22 -30.13 -7.82
N ILE C 102 -7.99 -30.51 -8.14
CA ILE C 102 -7.48 -31.83 -7.79
C ILE C 102 -6.36 -31.68 -6.75
N PRO C 103 -6.28 -32.60 -5.77
CA PRO C 103 -7.11 -33.79 -5.52
C PRO C 103 -8.42 -33.60 -4.78
N TRP C 104 -8.81 -32.36 -4.48
CA TRP C 104 -10.07 -32.16 -3.76
C TRP C 104 -11.25 -32.83 -4.46
N ASP C 105 -11.37 -32.64 -5.76
CA ASP C 105 -12.49 -33.18 -6.54
C ASP C 105 -12.18 -34.48 -7.29
N LYS C 106 -11.13 -35.19 -6.89
CA LYS C 106 -10.78 -36.41 -7.58
C LYS C 106 -11.93 -37.42 -7.43
N ALA C 107 -12.30 -38.03 -8.54
CA ALA C 107 -13.37 -39.02 -8.59
C ALA C 107 -13.40 -39.63 -9.98
N ASP C 108 -14.20 -40.67 -10.17
CA ASP C 108 -14.29 -41.31 -11.47
C ASP C 108 -14.74 -40.30 -12.52
N PRO C 109 -13.88 -40.00 -13.51
CA PRO C 109 -14.18 -39.04 -14.57
C PRO C 109 -15.53 -39.31 -15.24
N LYS C 110 -15.85 -40.58 -15.43
CA LYS C 110 -17.12 -40.95 -16.06
C LYS C 110 -18.29 -40.45 -15.24
N GLU C 111 -18.21 -40.61 -13.92
CA GLU C 111 -19.28 -40.16 -13.03
C GLU C 111 -19.42 -38.65 -13.07
N LEU C 112 -18.29 -37.96 -12.92
CA LEU C 112 -18.28 -36.50 -12.95
C LEU C 112 -18.99 -36.00 -14.20
N LYS C 113 -18.57 -36.51 -15.34
CA LYS C 113 -19.16 -36.13 -16.62
C LYS C 113 -20.65 -36.45 -16.61
N ALA C 114 -20.99 -37.65 -16.15
CA ALA C 114 -22.38 -38.08 -16.08
C ALA C 114 -23.21 -37.11 -15.23
N ARG C 115 -22.73 -36.82 -14.03
CA ARG C 115 -23.45 -35.91 -13.14
C ARG C 115 -23.59 -34.53 -13.77
N GLY C 116 -22.52 -34.06 -14.41
CA GLY C 116 -22.56 -32.75 -15.04
C GLY C 116 -23.58 -32.68 -16.15
N ASP C 117 -23.64 -33.72 -16.97
CA ASP C 117 -24.58 -33.76 -18.07
C ASP C 117 -26.01 -33.79 -17.54
N ALA C 118 -26.22 -34.51 -16.45
CA ALA C 118 -27.53 -34.62 -15.85
C ALA C 118 -27.97 -33.28 -15.23
N LEU C 119 -27.02 -32.54 -14.69
CA LEU C 119 -27.29 -31.26 -14.05
C LEU C 119 -27.23 -30.10 -15.04
N GLY C 120 -26.77 -30.38 -16.27
CA GLY C 120 -26.67 -29.35 -17.27
C GLY C 120 -25.47 -28.46 -17.05
N LEU C 121 -24.38 -29.06 -16.56
CA LEU C 121 -23.14 -28.34 -16.29
C LEU C 121 -21.96 -28.90 -17.07
N GLY C 122 -21.07 -28.00 -17.48
CA GLY C 122 -19.88 -28.39 -18.20
C GLY C 122 -18.69 -28.20 -17.28
N PHE C 123 -17.48 -28.43 -17.79
CA PHE C 123 -16.29 -28.27 -16.98
C PHE C 123 -15.27 -27.35 -17.61
N ASP C 124 -14.84 -26.34 -16.84
CA ASP C 124 -13.87 -25.38 -17.30
C ASP C 124 -12.45 -25.88 -16.98
N ALA C 125 -11.51 -24.96 -16.83
CA ALA C 125 -10.12 -25.31 -16.56
C ALA C 125 -9.88 -26.17 -15.31
N MET C 126 -8.97 -27.13 -15.44
CA MET C 126 -8.61 -27.99 -14.32
C MET C 126 -7.64 -27.18 -13.44
N ASN C 127 -7.64 -27.46 -12.15
CA ASN C 127 -6.76 -26.77 -11.22
C ASN C 127 -5.91 -27.79 -10.46
N SER C 128 -4.59 -27.63 -10.52
CA SER C 128 -3.67 -28.53 -9.83
C SER C 128 -3.39 -28.02 -8.42
N ASN C 129 -3.03 -28.94 -7.52
CA ASN C 129 -2.77 -28.58 -6.13
C ASN C 129 -1.43 -29.06 -5.62
N THR C 130 -0.43 -28.19 -5.63
CA THR C 130 0.88 -28.55 -5.11
C THR C 130 1.27 -27.53 -4.05
N PHE C 131 0.25 -27.00 -3.37
CA PHE C 131 0.46 -26.02 -2.31
C PHE C 131 0.00 -26.57 -0.96
N SER C 132 -0.21 -27.89 -0.92
CA SER C 132 -0.63 -28.58 0.29
C SER C 132 -0.24 -30.05 0.14
N ASP C 133 -0.07 -30.74 1.25
CA ASP C 133 0.29 -32.15 1.21
C ASP C 133 -0.92 -33.05 1.37
N ALA C 134 -1.00 -34.08 0.55
CA ALA C 134 -2.10 -35.04 0.60
C ALA C 134 -1.63 -36.30 1.31
N PRO C 135 -2.59 -37.05 1.91
CA PRO C 135 -2.23 -38.28 2.61
C PRO C 135 -1.41 -39.23 1.72
N GLY C 136 -0.39 -39.85 2.30
CA GLY C 136 0.44 -40.78 1.56
C GLY C 136 1.35 -40.15 0.53
N GLN C 137 1.47 -38.83 0.55
CA GLN C 137 2.33 -38.12 -0.41
C GLN C 137 3.78 -38.45 -0.08
N ALA C 138 4.57 -38.77 -1.10
CA ALA C 138 5.97 -39.13 -0.90
C ALA C 138 6.88 -37.95 -0.52
N HIS C 139 6.73 -36.84 -1.22
CA HIS C 139 7.56 -35.66 -0.94
C HIS C 139 6.70 -34.46 -0.58
N SER C 140 7.05 -33.80 0.53
CA SER C 140 6.31 -32.64 0.99
C SER C 140 6.58 -31.38 0.16
N TYR C 141 5.57 -30.53 0.04
CA TYR C 141 5.67 -29.28 -0.70
C TYR C 141 5.92 -28.10 0.23
N LYS C 142 6.33 -28.40 1.46
CA LYS C 142 6.61 -27.36 2.45
C LYS C 142 7.51 -26.25 1.92
N TYR C 143 8.57 -26.65 1.21
CA TYR C 143 9.52 -25.69 0.65
C TYR C 143 9.36 -25.47 -0.84
N GLY C 144 8.18 -25.77 -1.37
CA GLY C 144 7.96 -25.57 -2.79
C GLY C 144 7.53 -26.84 -3.49
N SER C 145 7.25 -26.71 -4.79
CA SER C 145 6.81 -27.84 -5.59
C SER C 145 7.50 -27.86 -6.95
N LEU C 146 6.91 -27.18 -7.92
CA LEU C 146 7.49 -27.13 -9.26
C LEU C 146 8.87 -26.46 -9.26
N SER C 147 9.13 -25.64 -8.24
CA SER C 147 10.42 -24.95 -8.13
C SER C 147 11.24 -25.45 -6.94
N HIS C 148 10.79 -26.54 -6.32
CA HIS C 148 11.49 -27.11 -5.18
C HIS C 148 12.93 -27.45 -5.58
N THR C 149 13.86 -27.37 -4.64
CA THR C 149 15.27 -27.67 -4.93
C THR C 149 15.52 -29.16 -5.14
N ASN C 150 14.64 -30.00 -4.59
CA ASN C 150 14.78 -31.45 -4.73
C ASN C 150 14.14 -31.95 -6.03
N ALA C 151 14.95 -32.54 -6.90
CA ALA C 151 14.46 -33.03 -8.18
C ALA C 151 13.26 -33.96 -8.09
N ALA C 152 13.31 -34.90 -7.15
CA ALA C 152 12.21 -35.85 -6.98
C ALA C 152 10.92 -35.13 -6.65
N THR C 153 11.01 -34.06 -5.86
CA THR C 153 9.83 -33.30 -5.48
C THR C 153 9.23 -32.57 -6.69
N ARG C 154 10.09 -32.04 -7.55
CA ARG C 154 9.59 -31.35 -8.75
C ARG C 154 8.92 -32.37 -9.67
N ALA C 155 9.56 -33.52 -9.86
CA ALA C 155 9.03 -34.57 -10.72
C ALA C 155 7.65 -35.00 -10.23
N GLN C 156 7.50 -35.12 -8.92
CA GLN C 156 6.22 -35.50 -8.34
C GLN C 156 5.17 -34.44 -8.65
N ALA C 157 5.54 -33.17 -8.54
CA ALA C 157 4.63 -32.08 -8.83
C ALA C 157 4.24 -32.12 -10.29
N VAL C 158 5.20 -32.38 -11.16
CA VAL C 158 4.93 -32.45 -12.59
C VAL C 158 3.95 -33.58 -12.88
N GLU C 159 4.20 -34.74 -12.29
CA GLU C 159 3.31 -35.88 -12.50
C GLU C 159 1.88 -35.55 -12.09
N HIS C 160 1.73 -34.88 -10.94
CA HIS C 160 0.41 -34.51 -10.47
C HIS C 160 -0.32 -33.62 -11.50
N ASN C 161 0.38 -32.65 -12.04
CA ASN C 161 -0.22 -31.76 -13.03
C ASN C 161 -0.60 -32.51 -14.30
N LEU C 162 0.22 -33.47 -14.71
CA LEU C 162 -0.08 -34.25 -15.91
C LEU C 162 -1.35 -35.08 -15.66
N GLU C 163 -1.51 -35.56 -14.43
CA GLU C 163 -2.70 -36.34 -14.08
C GLU C 163 -3.94 -35.45 -14.15
N CYS C 164 -3.79 -34.19 -13.77
CA CYS C 164 -4.90 -33.24 -13.80
C CYS C 164 -5.36 -33.10 -15.25
N ILE C 165 -4.39 -33.06 -16.17
CA ILE C 165 -4.70 -32.93 -17.59
C ILE C 165 -5.45 -34.17 -18.08
N GLU C 166 -5.06 -35.34 -17.58
CA GLU C 166 -5.73 -36.59 -17.99
C GLU C 166 -7.18 -36.60 -17.53
N ILE C 167 -7.42 -36.14 -16.30
CA ILE C 167 -8.77 -36.08 -15.74
C ILE C 167 -9.59 -35.08 -16.56
N GLY C 168 -8.99 -33.93 -16.85
CA GLY C 168 -9.65 -32.90 -17.61
C GLY C 168 -10.06 -33.34 -19.00
N LYS C 169 -9.20 -34.11 -19.66
CA LYS C 169 -9.51 -34.60 -21.00
C LYS C 169 -10.72 -35.51 -20.99
N ALA C 170 -10.80 -36.36 -19.96
CA ALA C 170 -11.90 -37.30 -19.82
C ALA C 170 -13.24 -36.64 -19.52
N ILE C 171 -13.21 -35.47 -18.89
CA ILE C 171 -14.44 -34.77 -18.53
C ILE C 171 -14.83 -33.62 -19.44
N GLY C 172 -13.96 -33.27 -20.39
CA GLY C 172 -14.29 -32.19 -21.30
C GLY C 172 -13.59 -30.87 -21.06
N SER C 173 -12.63 -30.85 -20.15
CA SER C 173 -11.89 -29.63 -19.86
C SER C 173 -10.89 -29.37 -21.00
N LYS C 174 -10.47 -28.11 -21.17
CA LYS C 174 -9.52 -27.77 -22.22
C LYS C 174 -8.37 -26.91 -21.71
N ALA C 175 -8.18 -26.87 -20.40
CA ALA C 175 -7.10 -26.07 -19.83
C ALA C 175 -6.71 -26.50 -18.42
N LEU C 176 -5.49 -26.17 -18.05
CA LEU C 176 -4.96 -26.46 -16.74
C LEU C 176 -4.46 -25.14 -16.17
N THR C 177 -4.92 -24.81 -14.96
CA THR C 177 -4.48 -23.59 -14.33
C THR C 177 -3.48 -23.98 -13.25
N VAL C 178 -2.30 -23.38 -13.30
CA VAL C 178 -1.27 -23.68 -12.33
C VAL C 178 -0.97 -22.52 -11.39
N TRP C 179 -1.38 -22.66 -10.13
CA TRP C 179 -1.09 -21.66 -9.12
C TRP C 179 -0.39 -22.38 -7.98
N ILE C 180 0.82 -21.94 -7.63
CA ILE C 180 1.56 -22.55 -6.54
C ILE C 180 1.93 -21.51 -5.50
N GLY C 181 2.23 -21.97 -4.30
CA GLY C 181 2.60 -21.05 -3.23
C GLY C 181 4.11 -20.82 -3.21
N ASP C 182 4.82 -21.55 -4.07
CA ASP C 182 6.28 -21.47 -4.16
C ASP C 182 6.85 -20.08 -3.97
N GLY C 183 7.70 -19.96 -2.96
CA GLY C 183 8.33 -18.68 -2.65
C GLY C 183 9.17 -18.82 -1.41
N SER C 184 9.50 -17.71 -0.77
CA SER C 184 10.30 -17.73 0.43
C SER C 184 9.73 -16.77 1.47
N ASN C 185 10.03 -17.03 2.73
CA ASN C 185 9.57 -16.18 3.82
C ASN C 185 10.72 -15.35 4.39
N PHE C 186 11.94 -15.68 3.97
CA PHE C 186 13.14 -15.00 4.47
C PHE C 186 14.15 -14.64 3.39
N PRO C 187 14.79 -13.48 3.53
CA PRO C 187 15.79 -13.10 2.53
C PRO C 187 16.90 -14.15 2.56
N GLY C 188 17.41 -14.52 1.39
CA GLY C 188 18.46 -15.51 1.33
C GLY C 188 17.98 -16.95 1.28
N GLN C 189 16.80 -17.21 1.83
CA GLN C 189 16.23 -18.56 1.84
C GLN C 189 16.21 -19.15 0.44
N SER C 190 15.81 -18.34 -0.54
CA SER C 190 15.75 -18.80 -1.93
C SER C 190 16.63 -17.93 -2.83
N ASN C 191 17.19 -18.53 -3.87
CA ASN C 191 17.96 -17.76 -4.84
C ASN C 191 16.87 -17.50 -5.88
N PHE C 192 16.50 -16.24 -6.05
CA PHE C 192 15.44 -15.90 -6.99
C PHE C 192 15.57 -16.51 -8.38
N THR C 193 16.73 -16.33 -8.99
CA THR C 193 16.96 -16.82 -10.34
C THR C 193 16.93 -18.34 -10.46
N ARG C 194 17.62 -19.04 -9.58
CA ARG C 194 17.66 -20.50 -9.62
C ARG C 194 16.27 -21.11 -9.41
N ALA C 195 15.50 -20.53 -8.50
CA ALA C 195 14.16 -21.05 -8.24
C ALA C 195 13.29 -20.88 -9.50
N PHE C 196 13.38 -19.71 -10.12
CA PHE C 196 12.60 -19.43 -11.33
C PHE C 196 13.02 -20.38 -12.45
N GLU C 197 14.32 -20.61 -12.59
CA GLU C 197 14.82 -21.52 -13.62
C GLU C 197 14.24 -22.91 -13.42
N ARG C 198 14.23 -23.37 -12.16
CA ARG C 198 13.68 -24.69 -11.84
C ARG C 198 12.21 -24.72 -12.23
N TYR C 199 11.50 -23.65 -11.87
CA TYR C 199 10.08 -23.55 -12.19
C TYR C 199 9.84 -23.66 -13.70
N LEU C 200 10.60 -22.88 -14.47
CA LEU C 200 10.46 -22.90 -15.93
C LEU C 200 10.69 -24.28 -16.52
N SER C 201 11.70 -24.98 -16.02
CA SER C 201 12.02 -26.31 -16.52
C SER C 201 10.89 -27.30 -16.24
N ALA C 202 10.33 -27.23 -15.04
CA ALA C 202 9.23 -28.12 -14.68
C ALA C 202 8.00 -27.83 -15.52
N MET C 203 7.64 -26.56 -15.63
CA MET C 203 6.48 -26.17 -16.42
C MET C 203 6.64 -26.61 -17.87
N ALA C 204 7.88 -26.68 -18.34
CA ALA C 204 8.15 -27.10 -19.71
C ALA C 204 7.73 -28.56 -19.87
N GLU C 205 7.92 -29.35 -18.81
CA GLU C 205 7.55 -30.76 -18.83
C GLU C 205 6.02 -30.90 -18.87
N ILE C 206 5.34 -30.03 -18.13
CA ILE C 206 3.88 -30.07 -18.10
C ILE C 206 3.33 -29.68 -19.47
N TYR C 207 3.92 -28.63 -20.05
CA TYR C 207 3.52 -28.14 -21.36
C TYR C 207 3.55 -29.29 -22.37
N LYS C 208 4.58 -30.13 -22.28
CA LYS C 208 4.71 -31.26 -23.20
C LYS C 208 3.52 -32.21 -23.19
N GLY C 209 2.77 -32.21 -22.08
CA GLY C 209 1.62 -33.09 -21.98
C GLY C 209 0.29 -32.46 -22.38
N LEU C 210 0.34 -31.27 -22.96
CA LEU C 210 -0.87 -30.57 -23.36
C LEU C 210 -1.39 -30.98 -24.73
N PRO C 211 -2.70 -31.30 -24.82
CA PRO C 211 -3.24 -31.67 -26.13
C PRO C 211 -3.13 -30.44 -27.03
N ASP C 212 -3.26 -30.62 -28.34
CA ASP C 212 -3.14 -29.50 -29.28
C ASP C 212 -4.14 -28.37 -29.06
N ASP C 213 -5.31 -28.70 -28.52
CA ASP C 213 -6.34 -27.69 -28.30
C ASP C 213 -6.48 -27.27 -26.84
N TRP C 214 -5.44 -27.53 -26.05
CA TRP C 214 -5.45 -27.17 -24.64
C TRP C 214 -4.60 -25.94 -24.36
N LYS C 215 -4.83 -25.32 -23.20
CA LYS C 215 -4.06 -24.16 -22.80
C LYS C 215 -3.54 -24.35 -21.39
N LEU C 216 -2.38 -23.76 -21.10
CA LEU C 216 -1.77 -23.85 -19.77
C LEU C 216 -1.75 -22.45 -19.17
N PHE C 217 -2.48 -22.26 -18.08
CA PHE C 217 -2.53 -20.95 -17.45
C PHE C 217 -1.70 -20.87 -16.18
N SER C 218 -0.79 -19.90 -16.12
CA SER C 218 0.01 -19.70 -14.92
C SER C 218 -0.59 -18.47 -14.23
N GLU C 219 -0.80 -18.58 -12.92
CA GLU C 219 -1.39 -17.50 -12.15
C GLU C 219 -0.43 -16.84 -11.17
N HIS C 220 -0.19 -15.55 -11.36
CA HIS C 220 0.72 -14.82 -10.48
C HIS C 220 0.01 -14.36 -9.21
N LYS C 221 0.81 -14.13 -8.18
CA LYS C 221 0.31 -13.66 -6.89
C LYS C 221 1.47 -13.00 -6.16
N MET C 222 1.25 -11.78 -5.67
CA MET C 222 2.29 -11.04 -4.98
C MET C 222 2.82 -11.72 -3.72
N TYR C 223 1.93 -12.28 -2.91
CA TYR C 223 2.31 -12.96 -1.68
C TYR C 223 1.18 -13.83 -1.14
N GLU C 224 1.52 -14.66 -0.14
CA GLU C 224 0.62 -15.60 0.51
C GLU C 224 0.43 -16.81 -0.40
N PRO C 225 0.85 -18.00 0.05
CA PRO C 225 1.50 -18.31 1.34
C PRO C 225 2.92 -17.84 1.62
N ALA C 226 3.66 -17.41 0.59
CA ALA C 226 5.03 -16.95 0.81
C ALA C 226 4.98 -15.48 1.22
N PHE C 227 5.67 -15.12 2.30
CA PHE C 227 5.63 -13.76 2.80
C PHE C 227 6.86 -12.88 2.62
N TYR C 228 7.82 -13.32 1.82
CA TYR C 228 8.97 -12.48 1.51
C TYR C 228 9.04 -12.38 -0.02
N SER C 229 9.10 -13.53 -0.69
CA SER C 229 9.13 -13.52 -2.15
C SER C 229 8.34 -14.70 -2.65
N THR C 230 7.80 -14.55 -3.86
CA THR C 230 7.02 -15.60 -4.50
C THR C 230 7.61 -15.74 -5.90
N VAL C 231 7.79 -16.98 -6.37
CA VAL C 231 8.37 -17.21 -7.69
C VAL C 231 7.55 -16.51 -8.78
N VAL C 232 6.25 -16.80 -8.83
CA VAL C 232 5.38 -16.18 -9.82
C VAL C 232 4.66 -15.04 -9.07
N GLN C 233 5.39 -13.96 -8.78
CA GLN C 233 4.86 -12.83 -8.02
C GLN C 233 4.02 -11.79 -8.74
N ASP C 234 4.26 -11.57 -10.03
CA ASP C 234 3.47 -10.58 -10.78
C ASP C 234 3.31 -10.89 -12.27
N TRP C 235 2.57 -10.04 -12.98
CA TRP C 235 2.31 -10.26 -14.40
C TRP C 235 3.57 -10.18 -15.26
N GLY C 236 4.60 -9.50 -14.76
CA GLY C 236 5.84 -9.41 -15.48
C GLY C 236 6.48 -10.79 -15.55
N THR C 237 6.65 -11.41 -14.39
CA THR C 237 7.22 -12.76 -14.35
C THR C 237 6.30 -13.71 -15.12
N ASN C 238 5.00 -13.54 -14.93
CA ASN C 238 4.01 -14.40 -15.59
C ASN C 238 4.17 -14.28 -17.11
N TYR C 239 4.40 -13.07 -17.60
CA TYR C 239 4.57 -12.90 -19.03
C TYR C 239 5.81 -13.68 -19.51
N LEU C 240 6.89 -13.59 -18.74
CA LEU C 240 8.13 -14.29 -19.08
C LEU C 240 7.85 -15.80 -19.15
N ILE C 241 7.02 -16.28 -18.23
CA ILE C 241 6.68 -17.70 -18.22
C ILE C 241 5.96 -18.07 -19.51
N ALA C 242 4.85 -17.38 -19.79
CA ALA C 242 4.06 -17.64 -20.99
C ALA C 242 4.87 -17.53 -22.29
N GLN C 243 5.67 -16.49 -22.40
CA GLN C 243 6.48 -16.28 -23.60
C GLN C 243 7.50 -17.40 -23.76
N THR C 244 8.05 -17.85 -22.64
CA THR C 244 9.05 -18.91 -22.67
C THR C 244 8.48 -20.30 -22.95
N LEU C 245 7.36 -20.63 -22.32
CA LEU C 245 6.77 -21.97 -22.49
C LEU C 245 6.26 -22.26 -23.89
N GLY C 246 5.49 -21.33 -24.47
CA GLY C 246 4.97 -21.56 -25.80
C GLY C 246 3.61 -20.95 -26.07
N PRO C 247 3.11 -21.11 -27.31
CA PRO C 247 1.82 -20.61 -27.79
C PRO C 247 0.61 -21.00 -26.95
N LYS C 248 0.67 -22.19 -26.36
CA LYS C 248 -0.44 -22.70 -25.55
C LYS C 248 -0.40 -22.20 -24.11
N ALA C 249 0.67 -21.50 -23.75
CA ALA C 249 0.82 -20.97 -22.40
C ALA C 249 0.42 -19.51 -22.33
N GLN C 250 -0.53 -19.22 -21.44
CA GLN C 250 -1.00 -17.85 -21.27
C GLN C 250 -1.12 -17.49 -19.78
N CYS C 251 -1.32 -16.20 -19.50
CA CYS C 251 -1.40 -15.70 -18.14
C CYS C 251 -2.83 -15.54 -17.60
N LEU C 252 -3.01 -15.91 -16.34
CA LEU C 252 -4.30 -15.78 -15.69
C LEU C 252 -4.22 -14.68 -14.65
N VAL C 253 -5.14 -13.72 -14.72
CA VAL C 253 -5.18 -12.58 -13.81
C VAL C 253 -6.26 -12.69 -12.72
N ASP C 254 -5.82 -12.88 -11.47
CA ASP C 254 -6.75 -12.94 -10.34
C ASP C 254 -6.73 -11.54 -9.75
N LEU C 255 -7.87 -10.87 -9.77
CA LEU C 255 -7.98 -9.50 -9.30
C LEU C 255 -7.33 -9.12 -7.98
N GLY C 256 -7.49 -9.94 -6.94
CA GLY C 256 -6.90 -9.59 -5.66
C GLY C 256 -5.45 -9.99 -5.46
N HIS C 257 -4.74 -10.31 -6.53
CA HIS C 257 -3.34 -10.73 -6.44
C HIS C 257 -2.30 -9.66 -6.76
N HIS C 258 -2.68 -8.39 -6.65
CA HIS C 258 -1.76 -7.33 -6.99
C HIS C 258 -1.43 -6.41 -5.82
N ALA C 259 -0.30 -5.73 -5.93
CA ALA C 259 0.16 -4.82 -4.89
C ALA C 259 -0.84 -3.68 -4.76
N PRO C 260 -0.89 -3.04 -3.59
CA PRO C 260 -1.81 -1.94 -3.35
C PRO C 260 -1.71 -0.87 -4.45
N ASN C 261 -2.87 -0.35 -4.85
CA ASN C 261 -2.98 0.70 -5.87
C ASN C 261 -2.60 0.34 -7.30
N THR C 262 -2.26 -0.91 -7.55
CA THR C 262 -1.89 -1.36 -8.90
C THR C 262 -2.98 -1.09 -9.93
N ASN C 263 -2.60 -0.64 -11.12
CA ASN C 263 -3.60 -0.41 -12.16
C ASN C 263 -3.76 -1.77 -12.86
N ILE C 264 -4.75 -2.53 -12.40
CA ILE C 264 -5.00 -3.87 -12.93
C ILE C 264 -5.55 -3.88 -14.35
N GLU C 265 -6.40 -2.93 -14.69
CA GLU C 265 -6.94 -2.89 -16.04
C GLU C 265 -5.82 -2.68 -17.07
N MET C 266 -4.75 -1.98 -16.69
CA MET C 266 -3.65 -1.80 -17.63
C MET C 266 -2.98 -3.14 -17.90
N ILE C 267 -2.76 -3.92 -16.84
CA ILE C 267 -2.14 -5.23 -17.00
C ILE C 267 -2.94 -6.07 -17.99
N VAL C 268 -4.26 -6.02 -17.87
CA VAL C 268 -5.14 -6.75 -18.76
C VAL C 268 -4.90 -6.31 -20.20
N ALA C 269 -4.84 -4.99 -20.41
CA ALA C 269 -4.61 -4.45 -21.74
C ALA C 269 -3.26 -4.87 -22.30
N ARG C 270 -2.21 -4.84 -21.47
CA ARG C 270 -0.88 -5.23 -21.92
C ARG C 270 -0.86 -6.70 -22.36
N LEU C 271 -1.47 -7.56 -21.55
CA LEU C 271 -1.50 -8.99 -21.85
C LEU C 271 -2.30 -9.27 -23.13
N ILE C 272 -3.33 -8.46 -23.39
CA ILE C 272 -4.13 -8.63 -24.60
C ILE C 272 -3.26 -8.24 -25.79
N GLN C 273 -2.58 -7.10 -25.66
CA GLN C 273 -1.72 -6.61 -26.72
C GLN C 273 -0.69 -7.64 -27.17
N PHE C 274 -0.13 -8.39 -26.23
CA PHE C 274 0.87 -9.39 -26.57
C PHE C 274 0.35 -10.82 -26.62
N GLY C 275 -0.98 -10.94 -26.71
CA GLY C 275 -1.64 -12.24 -26.81
C GLY C 275 -1.41 -13.27 -25.71
N LYS C 276 -1.29 -12.82 -24.47
CA LYS C 276 -1.06 -13.74 -23.37
C LYS C 276 -2.09 -13.65 -22.24
N LEU C 277 -3.27 -13.11 -22.54
CA LEU C 277 -4.32 -13.00 -21.53
C LEU C 277 -5.09 -14.31 -21.57
N GLY C 278 -4.68 -15.26 -20.73
CA GLY C 278 -5.35 -16.54 -20.71
C GLY C 278 -6.74 -16.46 -20.12
N GLY C 279 -6.87 -15.75 -19.00
CA GLY C 279 -8.18 -15.63 -18.38
C GLY C 279 -8.19 -14.85 -17.09
N PHE C 280 -9.34 -14.85 -16.44
CA PHE C 280 -9.52 -14.12 -15.19
C PHE C 280 -10.01 -14.97 -14.02
N HIS C 281 -9.74 -14.47 -12.82
CA HIS C 281 -10.19 -15.08 -11.59
C HIS C 281 -10.84 -13.90 -10.90
N PHE C 282 -12.17 -13.78 -11.05
CA PHE C 282 -12.91 -12.67 -10.47
C PHE C 282 -13.20 -12.79 -8.98
N ASN C 283 -13.14 -11.63 -8.32
CA ASN C 283 -13.41 -11.49 -6.90
C ASN C 283 -13.13 -10.03 -6.58
N ASP C 284 -13.34 -9.63 -5.35
CA ASP C 284 -13.06 -8.24 -4.98
C ASP C 284 -12.22 -8.26 -3.71
N SER C 285 -11.68 -7.11 -3.35
CA SER C 285 -10.84 -7.00 -2.18
C SER C 285 -10.61 -5.55 -1.80
N LYS C 286 -10.07 -5.35 -0.61
CA LYS C 286 -9.77 -4.01 -0.12
C LYS C 286 -8.35 -3.98 0.47
N TYR C 287 -7.92 -5.09 1.05
CA TYR C 287 -6.61 -5.17 1.69
C TYR C 287 -5.61 -6.10 0.99
N GLY C 288 -5.95 -7.37 0.87
CA GLY C 288 -5.07 -8.31 0.20
C GLY C 288 -5.86 -9.21 -0.73
N ASP C 289 -5.47 -10.48 -0.81
CA ASP C 289 -6.20 -11.42 -1.65
C ASP C 289 -7.40 -11.83 -0.81
N ASP C 290 -8.28 -10.86 -0.57
CA ASP C 290 -9.47 -11.05 0.26
C ASP C 290 -10.51 -12.04 -0.27
N ASP C 291 -10.53 -12.22 -1.59
CA ASP C 291 -11.46 -13.16 -2.20
C ASP C 291 -12.93 -12.90 -1.87
N LEU C 292 -13.32 -11.63 -1.87
CA LEU C 292 -14.69 -11.27 -1.58
C LEU C 292 -15.53 -11.31 -2.86
N ASP C 293 -16.85 -11.26 -2.69
CA ASP C 293 -17.78 -11.28 -3.81
C ASP C 293 -17.42 -10.23 -4.84
N ALA C 294 -17.38 -10.62 -6.12
CA ALA C 294 -17.03 -9.68 -7.17
C ALA C 294 -17.88 -8.42 -7.12
N GLY C 295 -17.22 -7.27 -7.26
CA GLY C 295 -17.91 -5.99 -7.27
C GLY C 295 -18.52 -5.47 -5.98
N ALA C 296 -18.37 -6.22 -4.89
CA ALA C 296 -18.95 -5.79 -3.62
C ALA C 296 -18.18 -4.66 -2.95
N ILE C 297 -16.93 -4.48 -3.36
CA ILE C 297 -16.08 -3.45 -2.78
C ILE C 297 -15.75 -2.31 -3.76
N GLU C 298 -15.31 -2.67 -4.95
CA GLU C 298 -14.99 -1.67 -5.97
C GLU C 298 -15.60 -2.05 -7.31
N PRO C 299 -16.89 -1.73 -7.50
CA PRO C 299 -17.58 -2.06 -8.76
C PRO C 299 -17.04 -1.33 -9.98
N TYR C 300 -16.60 -0.09 -9.82
CA TYR C 300 -16.08 0.66 -10.96
C TYR C 300 -14.84 -0.01 -11.52
N ARG C 301 -13.98 -0.49 -10.64
CA ARG C 301 -12.76 -1.17 -11.07
C ARG C 301 -13.13 -2.39 -11.93
N LEU C 302 -14.18 -3.09 -11.52
CA LEU C 302 -14.64 -4.26 -12.26
C LEU C 302 -15.10 -3.83 -13.64
N PHE C 303 -15.79 -2.70 -13.69
CA PHE C 303 -16.29 -2.13 -14.95
C PHE C 303 -15.09 -1.78 -15.85
N LEU C 304 -14.07 -1.16 -15.27
CA LEU C 304 -12.89 -0.76 -16.04
C LEU C 304 -12.14 -1.94 -16.65
N VAL C 305 -12.15 -3.07 -15.97
CA VAL C 305 -11.49 -4.25 -16.51
C VAL C 305 -12.29 -4.70 -17.73
N PHE C 306 -13.62 -4.75 -17.58
CA PHE C 306 -14.49 -5.15 -18.68
C PHE C 306 -14.46 -4.14 -19.82
N ASN C 307 -14.16 -2.89 -19.51
CA ASN C 307 -14.08 -1.89 -20.56
C ASN C 307 -12.94 -2.30 -21.49
N GLU C 308 -11.86 -2.82 -20.93
CA GLU C 308 -10.72 -3.26 -21.74
C GLU C 308 -11.13 -4.51 -22.51
N LEU C 309 -11.89 -5.39 -21.87
CA LEU C 309 -12.34 -6.62 -22.52
C LEU C 309 -13.24 -6.35 -23.70
N VAL C 310 -14.23 -5.47 -23.51
CA VAL C 310 -15.15 -5.14 -24.59
C VAL C 310 -14.45 -4.39 -25.72
N ASP C 311 -13.51 -3.53 -25.37
CA ASP C 311 -12.79 -2.78 -26.38
C ASP C 311 -12.05 -3.72 -27.31
N ALA C 312 -11.39 -4.72 -26.75
CA ALA C 312 -10.65 -5.70 -27.54
C ALA C 312 -11.64 -6.52 -28.37
N GLU C 313 -12.80 -6.79 -27.79
CA GLU C 313 -13.85 -7.54 -28.49
C GLU C 313 -14.35 -6.72 -29.67
N ALA C 314 -14.64 -5.45 -29.40
CA ALA C 314 -15.14 -4.52 -30.41
C ALA C 314 -14.24 -4.42 -31.64
N ARG C 315 -12.93 -4.36 -31.42
CA ARG C 315 -12.00 -4.26 -32.55
C ARG C 315 -11.56 -5.63 -33.06
N GLY C 316 -12.53 -6.52 -33.17
CA GLY C 316 -12.31 -7.87 -33.67
C GLY C 316 -11.06 -8.62 -33.29
N VAL C 317 -10.42 -8.27 -32.17
CA VAL C 317 -9.21 -8.97 -31.73
C VAL C 317 -9.44 -10.47 -31.89
N LYS C 318 -8.92 -11.03 -32.98
CA LYS C 318 -9.07 -12.44 -33.29
C LYS C 318 -8.37 -13.36 -32.29
N GLY C 319 -8.92 -14.57 -32.14
CA GLY C 319 -8.35 -15.52 -31.20
C GLY C 319 -8.40 -14.96 -29.80
N PHE C 320 -9.50 -14.30 -29.48
CA PHE C 320 -9.67 -13.69 -28.16
C PHE C 320 -10.81 -14.34 -27.39
N HIS C 321 -10.49 -15.37 -26.63
CA HIS C 321 -11.49 -16.06 -25.82
C HIS C 321 -10.93 -16.31 -24.43
N PRO C 322 -10.82 -15.23 -23.63
CA PRO C 322 -10.29 -15.34 -22.27
C PRO C 322 -11.22 -16.22 -21.44
N ALA C 323 -10.65 -17.10 -20.63
CA ALA C 323 -11.45 -17.97 -19.78
C ALA C 323 -11.85 -17.16 -18.56
N HIS C 324 -13.15 -17.03 -18.31
CA HIS C 324 -13.64 -16.28 -17.15
C HIS C 324 -14.03 -17.23 -16.03
N MET C 325 -13.52 -16.98 -14.84
CA MET C 325 -13.83 -17.83 -13.70
C MET C 325 -13.95 -17.00 -12.43
N ILE C 326 -14.75 -17.47 -11.49
CA ILE C 326 -14.90 -16.79 -10.22
C ILE C 326 -14.01 -17.55 -9.24
N ASP C 327 -13.22 -16.81 -8.47
CA ASP C 327 -12.35 -17.44 -7.47
C ASP C 327 -12.57 -16.64 -6.20
N GLN C 328 -13.50 -17.11 -5.38
CA GLN C 328 -13.84 -16.44 -4.14
C GLN C 328 -13.92 -17.40 -2.96
N ALA C 329 -13.99 -16.83 -1.76
CA ALA C 329 -14.11 -17.58 -0.53
C ALA C 329 -15.27 -16.89 0.19
N HIS C 330 -16.22 -17.68 0.66
CA HIS C 330 -17.36 -17.13 1.36
C HIS C 330 -17.32 -17.53 2.82
N ASN C 331 -16.96 -16.58 3.67
CA ASN C 331 -16.83 -16.87 5.09
C ASN C 331 -18.01 -16.44 5.95
N VAL C 332 -18.83 -15.50 5.46
CA VAL C 332 -19.96 -15.03 6.24
C VAL C 332 -21.28 -14.92 5.49
N THR C 333 -21.43 -15.70 4.44
CA THR C 333 -22.66 -15.72 3.65
C THR C 333 -22.91 -17.13 3.16
N ASP C 334 -24.11 -17.36 2.64
CA ASP C 334 -24.44 -18.66 2.07
C ASP C 334 -23.65 -18.65 0.75
N PRO C 335 -22.69 -19.57 0.60
CA PRO C 335 -21.85 -19.66 -0.61
C PRO C 335 -22.62 -19.59 -1.93
N ILE C 336 -23.79 -20.20 -1.97
CA ILE C 336 -24.59 -20.18 -3.19
C ILE C 336 -25.14 -18.79 -3.52
N GLU C 337 -25.57 -18.06 -2.50
CA GLU C 337 -26.13 -16.72 -2.73
C GLU C 337 -25.03 -15.75 -3.19
N SER C 338 -23.85 -15.86 -2.59
CA SER C 338 -22.74 -14.99 -2.97
C SER C 338 -22.31 -15.25 -4.41
N LEU C 339 -22.16 -16.52 -4.78
CA LEU C 339 -21.77 -16.85 -6.14
C LEU C 339 -22.82 -16.34 -7.13
N ILE C 340 -24.09 -16.43 -6.73
CA ILE C 340 -25.19 -15.95 -7.57
C ILE C 340 -25.05 -14.45 -7.83
N ASN C 341 -24.91 -13.67 -6.77
CA ASN C 341 -24.78 -12.23 -6.94
C ASN C 341 -23.45 -11.81 -7.56
N SER C 342 -22.41 -12.61 -7.37
CA SER C 342 -21.09 -12.32 -7.95
C SER C 342 -21.16 -12.52 -9.45
N ALA C 343 -21.78 -13.61 -9.88
CA ALA C 343 -21.95 -13.90 -11.29
C ALA C 343 -22.77 -12.76 -11.88
N ASN C 344 -23.76 -12.30 -11.12
CA ASN C 344 -24.61 -11.20 -11.57
C ASN C 344 -23.78 -9.93 -11.75
N GLU C 345 -23.00 -9.58 -10.73
CA GLU C 345 -22.15 -8.38 -10.79
C GLU C 345 -21.24 -8.38 -12.01
N ILE C 346 -20.71 -9.55 -12.35
CA ILE C 346 -19.82 -9.67 -13.49
C ILE C 346 -20.59 -9.36 -14.77
N ARG C 347 -21.82 -9.87 -14.88
CA ARG C 347 -22.63 -9.59 -16.06
C ARG C 347 -23.05 -8.13 -16.07
N ARG C 348 -23.13 -7.53 -14.87
CA ARG C 348 -23.51 -6.12 -14.76
C ARG C 348 -22.39 -5.25 -15.35
N ALA C 349 -21.16 -5.57 -14.95
CA ALA C 349 -20.00 -4.83 -15.44
C ALA C 349 -19.85 -5.04 -16.94
N TYR C 350 -20.07 -6.27 -17.40
CA TYR C 350 -19.96 -6.58 -18.82
C TYR C 350 -21.00 -5.79 -19.63
N ALA C 351 -22.24 -5.78 -19.15
CA ALA C 351 -23.33 -5.08 -19.81
C ALA C 351 -23.09 -3.58 -19.89
N GLN C 352 -22.56 -3.01 -18.82
CA GLN C 352 -22.29 -1.57 -18.79
C GLN C 352 -21.15 -1.23 -19.76
N ALA C 353 -20.17 -2.14 -19.85
CA ALA C 353 -19.05 -1.93 -20.76
C ALA C 353 -19.57 -1.93 -22.20
N LEU C 354 -20.62 -2.71 -22.46
CA LEU C 354 -21.20 -2.79 -23.80
C LEU C 354 -21.93 -1.51 -24.19
N LEU C 355 -22.34 -0.73 -23.19
CA LEU C 355 -23.05 0.52 -23.44
C LEU C 355 -22.12 1.69 -23.80
N VAL C 356 -20.82 1.50 -23.62
CA VAL C 356 -19.85 2.55 -23.93
C VAL C 356 -19.88 2.94 -25.40
N ASP C 357 -20.03 4.22 -25.67
CA ASP C 357 -20.03 4.73 -27.03
C ASP C 357 -18.57 4.74 -27.49
N ARG C 358 -18.13 3.65 -28.10
CA ARG C 358 -16.75 3.50 -28.56
C ARG C 358 -16.27 4.60 -29.50
N ALA C 359 -17.15 5.05 -30.40
CA ALA C 359 -16.79 6.10 -31.35
C ALA C 359 -16.51 7.41 -30.64
N ALA C 360 -17.41 7.79 -29.73
CA ALA C 360 -17.25 9.03 -28.98
C ALA C 360 -15.98 8.97 -28.12
N LEU C 361 -15.77 7.84 -27.47
CA LEU C 361 -14.59 7.69 -26.61
C LEU C 361 -13.31 7.86 -27.42
N SER C 362 -13.23 7.18 -28.56
CA SER C 362 -12.06 7.28 -29.43
C SER C 362 -11.81 8.73 -29.82
N GLY C 363 -12.90 9.45 -30.05
CA GLY C 363 -12.79 10.85 -30.43
C GLY C 363 -12.19 11.70 -29.33
N TYR C 364 -12.66 11.51 -28.09
CA TYR C 364 -12.15 12.28 -26.97
C TYR C 364 -10.71 11.90 -26.64
N GLN C 365 -10.37 10.64 -26.90
CA GLN C 365 -9.01 10.19 -26.64
C GLN C 365 -8.08 10.88 -27.64
N GLU C 366 -8.45 10.90 -28.92
CA GLU C 366 -7.62 11.54 -29.91
C GLU C 366 -7.47 13.04 -29.69
N ASP C 367 -8.53 13.68 -29.19
CA ASP C 367 -8.51 15.12 -28.93
C ASP C 367 -7.96 15.47 -27.55
N ASN C 368 -7.60 14.46 -26.77
CA ASN C 368 -7.10 14.68 -25.43
C ASN C 368 -8.13 15.42 -24.58
N ASP C 369 -9.39 15.05 -24.75
CA ASP C 369 -10.48 15.66 -23.98
C ASP C 369 -10.70 14.69 -22.82
N ALA C 370 -9.81 14.76 -21.84
CA ALA C 370 -9.88 13.87 -20.67
C ALA C 370 -11.23 13.86 -19.97
N LEU C 371 -11.79 15.03 -19.70
CA LEU C 371 -13.06 15.12 -19.01
C LEU C 371 -14.17 14.36 -19.73
N MET C 372 -14.35 14.62 -21.02
CA MET C 372 -15.40 13.97 -21.80
C MET C 372 -15.11 12.48 -22.03
N ALA C 373 -13.84 12.13 -22.08
CA ALA C 373 -13.47 10.73 -22.27
C ALA C 373 -13.92 9.96 -21.04
N THR C 374 -13.58 10.47 -19.85
CA THR C 374 -13.96 9.79 -18.62
C THR C 374 -15.48 9.83 -18.40
N GLU C 375 -16.11 10.92 -18.84
CA GLU C 375 -17.57 11.05 -18.70
C GLU C 375 -18.27 10.07 -19.65
N THR C 376 -17.63 9.76 -20.77
CA THR C 376 -18.20 8.82 -21.72
C THR C 376 -18.28 7.43 -21.09
N LEU C 377 -17.28 7.07 -20.30
CA LEU C 377 -17.28 5.78 -19.62
C LEU C 377 -18.32 5.78 -18.51
N LYS C 378 -18.37 6.88 -17.75
CA LYS C 378 -19.32 7.01 -16.66
C LYS C 378 -20.77 6.93 -17.12
N ARG C 379 -21.07 7.48 -18.28
CA ARG C 379 -22.44 7.44 -18.79
C ARG C 379 -22.90 6.01 -18.92
N ALA C 380 -21.98 5.12 -19.28
CA ALA C 380 -22.32 3.71 -19.41
C ALA C 380 -22.37 3.07 -18.04
N TYR C 381 -21.37 3.38 -17.21
CA TYR C 381 -21.29 2.82 -15.87
C TYR C 381 -22.45 3.23 -14.97
N ARG C 382 -22.84 4.51 -15.04
CA ARG C 382 -23.94 5.00 -14.20
C ARG C 382 -25.28 4.35 -14.54
N THR C 383 -25.36 3.75 -15.72
CA THR C 383 -26.60 3.12 -16.15
C THR C 383 -26.91 1.88 -15.32
N ASP C 384 -28.13 1.82 -14.78
CA ASP C 384 -28.57 0.68 -14.00
C ASP C 384 -29.07 -0.35 -15.00
N VAL C 385 -28.25 -1.37 -15.25
CA VAL C 385 -28.61 -2.40 -16.21
C VAL C 385 -29.27 -3.61 -15.58
N GLU C 386 -29.70 -3.49 -14.33
CA GLU C 386 -30.34 -4.60 -13.64
C GLU C 386 -31.51 -5.17 -14.44
N PRO C 387 -32.28 -4.31 -15.12
CA PRO C 387 -33.40 -4.83 -15.91
C PRO C 387 -32.94 -5.78 -17.02
N ILE C 388 -31.83 -5.44 -17.66
CA ILE C 388 -31.29 -6.27 -18.73
C ILE C 388 -30.84 -7.61 -18.14
N LEU C 389 -30.17 -7.56 -17.00
CA LEU C 389 -29.71 -8.78 -16.33
C LEU C 389 -30.89 -9.65 -15.92
N ALA C 390 -31.94 -9.01 -15.41
CA ALA C 390 -33.13 -9.72 -14.97
C ALA C 390 -33.88 -10.34 -16.13
N GLU C 391 -34.10 -9.55 -17.17
CA GLU C 391 -34.81 -10.03 -18.36
C GLU C 391 -34.05 -11.18 -19.01
N ALA C 392 -32.74 -11.05 -19.09
CA ALA C 392 -31.91 -12.10 -19.69
C ALA C 392 -32.12 -13.42 -18.96
N ARG C 393 -32.15 -13.36 -17.62
CA ARG C 393 -32.35 -14.56 -16.83
C ARG C 393 -33.74 -15.12 -17.09
N ARG C 394 -34.75 -14.26 -17.04
CA ARG C 394 -36.12 -14.67 -17.25
C ARG C 394 -36.33 -15.35 -18.59
N ARG C 395 -35.76 -14.78 -19.65
CA ARG C 395 -35.91 -15.34 -20.99
C ARG C 395 -35.12 -16.61 -21.24
N THR C 396 -34.20 -16.94 -20.34
CA THR C 396 -33.40 -18.14 -20.51
C THR C 396 -33.71 -19.23 -19.49
N GLY C 397 -34.78 -19.05 -18.74
CA GLY C 397 -35.16 -20.04 -17.74
C GLY C 397 -34.62 -19.78 -16.35
N GLY C 398 -34.17 -18.56 -16.11
CA GLY C 398 -33.63 -18.21 -14.81
C GLY C 398 -34.63 -17.39 -14.01
N ALA C 399 -34.18 -16.86 -12.86
CA ALA C 399 -35.06 -16.07 -12.00
C ALA C 399 -34.80 -14.57 -12.09
N VAL C 400 -35.88 -13.79 -12.09
CA VAL C 400 -35.79 -12.35 -12.13
C VAL C 400 -34.93 -11.90 -10.95
N ASP C 401 -35.23 -12.45 -9.77
CA ASP C 401 -34.48 -12.16 -8.56
C ASP C 401 -33.95 -13.51 -8.08
N PRO C 402 -32.75 -13.90 -8.51
CA PRO C 402 -32.10 -15.16 -8.15
C PRO C 402 -32.04 -15.50 -6.67
N VAL C 403 -31.53 -14.58 -5.86
CA VAL C 403 -31.42 -14.85 -4.43
C VAL C 403 -32.76 -15.00 -3.73
N ALA C 404 -33.74 -14.19 -4.15
CA ALA C 404 -35.07 -14.26 -3.56
C ALA C 404 -35.70 -15.61 -3.86
N THR C 405 -35.60 -16.04 -5.12
CA THR C 405 -36.14 -17.33 -5.52
C THR C 405 -35.44 -18.45 -4.75
N TYR C 406 -34.13 -18.29 -4.54
CA TYR C 406 -33.34 -19.28 -3.82
C TYR C 406 -33.82 -19.43 -2.39
N ARG C 407 -34.09 -18.31 -1.73
CA ARG C 407 -34.55 -18.36 -0.35
C ARG C 407 -35.98 -18.89 -0.27
N ALA C 408 -36.79 -18.56 -1.27
CA ALA C 408 -38.18 -19.02 -1.32
C ALA C 408 -38.26 -20.52 -1.55
N SER C 409 -37.25 -21.08 -2.21
CA SER C 409 -37.24 -22.50 -2.51
C SER C 409 -36.94 -23.37 -1.29
N GLY C 410 -36.23 -22.81 -0.32
CA GLY C 410 -35.88 -23.55 0.88
C GLY C 410 -34.78 -24.58 0.65
N TYR C 411 -34.02 -24.40 -0.43
CA TYR C 411 -32.94 -25.31 -0.78
C TYR C 411 -31.94 -25.54 0.35
N ARG C 412 -31.47 -24.46 0.97
CA ARG C 412 -30.49 -24.59 2.05
C ARG C 412 -30.99 -25.48 3.19
N ALA C 413 -32.23 -25.30 3.58
CA ALA C 413 -32.82 -26.10 4.65
C ALA C 413 -32.87 -27.56 4.20
N ARG C 414 -33.21 -27.75 2.93
CA ARG C 414 -33.30 -29.07 2.33
C ARG C 414 -31.99 -29.84 2.40
N VAL C 415 -30.94 -29.29 1.77
CA VAL C 415 -29.63 -29.96 1.78
C VAL C 415 -29.07 -30.08 3.19
N ALA C 416 -29.47 -29.16 4.06
CA ALA C 416 -29.01 -29.18 5.45
C ALA C 416 -29.53 -30.43 6.15
N ALA C 417 -30.67 -30.92 5.68
CA ALA C 417 -31.28 -32.11 6.27
C ALA C 417 -30.70 -33.38 5.66
N GLU C 418 -30.14 -33.26 4.46
CA GLU C 418 -29.58 -34.42 3.76
C GLU C 418 -28.10 -34.66 4.07
N ARG C 419 -27.38 -33.60 4.41
CA ARG C 419 -25.95 -33.72 4.67
C ARG C 419 -25.58 -33.69 6.15
N PRO C 420 -24.48 -34.37 6.51
CA PRO C 420 -24.02 -34.41 7.90
C PRO C 420 -23.64 -33.04 8.44
N ALA C 421 -23.74 -32.89 9.76
CA ALA C 421 -23.41 -31.64 10.41
C ALA C 421 -21.91 -31.38 10.33
N SER C 422 -21.53 -30.12 10.45
CA SER C 422 -20.12 -29.74 10.41
C SER C 422 -19.72 -29.14 11.75
N VAL C 423 -18.42 -28.99 11.96
CA VAL C 423 -17.93 -28.42 13.20
C VAL C 423 -16.98 -27.26 12.93
N ALA C 424 -17.08 -26.23 13.76
CA ALA C 424 -16.21 -25.07 13.63
C ALA C 424 -14.83 -25.47 14.14
N GLY C 425 -13.84 -24.62 13.86
CA GLY C 425 -12.50 -24.91 14.32
C GLY C 425 -11.55 -23.78 13.98
N GLY C 426 -10.28 -23.95 14.33
CA GLY C 426 -9.30 -22.93 14.03
C GLY C 426 -8.68 -23.16 12.66
N GLY C 427 -8.06 -22.13 12.12
CA GLY C 427 -7.42 -22.26 10.82
C GLY C 427 -6.02 -22.83 10.97
N GLY C 428 -5.22 -22.71 9.93
CA GLY C 428 -3.86 -23.22 9.97
C GLY C 428 -2.93 -22.48 10.91
N ILE C 429 -3.44 -21.45 11.61
CA ILE C 429 -2.61 -20.68 12.52
C ILE C 429 -1.84 -21.61 13.47
N ILE C 430 -2.50 -22.66 13.94
CA ILE C 430 -1.86 -23.63 14.84
C ILE C 430 -2.31 -25.06 14.50
N GLU D 3 15.53 -27.67 36.42
CA GLU D 3 16.01 -28.66 35.41
C GLU D 3 16.46 -27.95 34.13
N PHE D 4 17.25 -28.64 33.31
CA PHE D 4 17.76 -28.06 32.08
C PHE D 4 17.38 -28.91 30.85
N ARG D 5 16.61 -28.31 29.95
CA ARG D 5 16.20 -29.00 28.73
C ARG D 5 17.43 -29.33 27.89
N ILE D 6 18.42 -28.44 27.92
CA ILE D 6 19.66 -28.64 27.18
C ILE D 6 20.76 -28.99 28.18
N ALA D 7 21.47 -30.09 27.93
CA ALA D 7 22.54 -30.53 28.82
C ALA D 7 23.55 -29.42 29.07
N GLN D 8 23.86 -29.19 30.33
CA GLN D 8 24.80 -28.16 30.72
C GLN D 8 26.20 -28.35 30.13
N ASP D 9 26.58 -29.58 29.84
CA ASP D 9 27.90 -29.82 29.27
C ASP D 9 27.95 -29.44 27.79
N VAL D 10 26.81 -29.46 27.13
CA VAL D 10 26.76 -29.09 25.73
C VAL D 10 26.90 -27.56 25.65
N VAL D 11 26.27 -26.87 26.58
CA VAL D 11 26.33 -25.42 26.62
C VAL D 11 27.75 -24.95 26.89
N ALA D 12 28.38 -25.53 27.91
CA ALA D 12 29.75 -25.17 28.27
C ALA D 12 30.68 -25.45 27.10
N ARG D 13 30.46 -26.60 26.45
CA ARG D 13 31.27 -27.02 25.31
C ARG D 13 31.19 -26.03 24.15
N GLU D 14 29.97 -25.73 23.71
CA GLU D 14 29.76 -24.82 22.61
C GLU D 14 30.12 -23.37 22.93
N ASN D 15 30.24 -23.06 24.23
CA ASN D 15 30.61 -21.72 24.64
C ASN D 15 32.14 -21.63 24.61
N ASP D 16 32.80 -22.62 25.19
CA ASP D 16 34.26 -22.65 25.20
C ASP D 16 34.77 -22.59 23.77
N ARG D 17 34.10 -23.30 22.88
CA ARG D 17 34.50 -23.34 21.47
C ARG D 17 34.49 -21.95 20.82
N ARG D 18 33.69 -21.04 21.36
CA ARG D 18 33.59 -19.69 20.78
C ARG D 18 34.05 -18.57 21.70
N ALA D 19 34.49 -18.93 22.91
CA ALA D 19 34.94 -17.95 23.89
C ALA D 19 36.10 -17.05 23.45
N SER D 20 37.09 -17.64 22.79
CA SER D 20 38.23 -16.85 22.35
C SER D 20 37.81 -15.75 21.39
N ALA D 21 37.08 -16.14 20.35
CA ALA D 21 36.60 -15.18 19.35
C ALA D 21 35.74 -14.10 20.01
N LEU D 22 34.87 -14.49 20.94
CA LEU D 22 34.02 -13.52 21.63
C LEU D 22 34.84 -12.50 22.40
N LYS D 23 35.84 -12.98 23.12
CA LYS D 23 36.69 -12.09 23.90
C LYS D 23 37.32 -11.04 22.99
N GLU D 24 37.79 -11.48 21.83
CA GLU D 24 38.40 -10.56 20.86
C GLU D 24 37.42 -9.51 20.36
N ASP D 25 36.21 -9.95 20.01
CA ASP D 25 35.20 -9.03 19.50
C ASP D 25 34.68 -8.11 20.58
N TYR D 26 34.48 -8.64 21.79
CA TYR D 26 33.97 -7.85 22.89
C TYR D 26 34.97 -6.76 23.29
N GLU D 27 36.25 -7.13 23.39
CA GLU D 27 37.28 -6.16 23.76
C GLU D 27 37.43 -5.09 22.69
N ALA D 28 37.33 -5.48 21.42
CA ALA D 28 37.44 -4.53 20.33
C ALA D 28 36.29 -3.54 20.37
N LEU D 29 35.08 -4.06 20.58
CA LEU D 29 33.89 -3.22 20.66
C LEU D 29 33.98 -2.30 21.87
N GLY D 30 34.44 -2.85 22.98
CA GLY D 30 34.56 -2.05 24.19
C GLY D 30 35.50 -0.87 24.01
N ALA D 31 36.58 -1.09 23.26
CA ALA D 31 37.55 -0.04 23.00
C ALA D 31 36.92 1.01 22.08
N ASN D 32 36.17 0.55 21.08
CA ASN D 32 35.51 1.45 20.15
C ASN D 32 34.50 2.31 20.87
N LEU D 33 33.67 1.68 21.71
CA LEU D 33 32.66 2.42 22.46
C LEU D 33 33.32 3.40 23.43
N ALA D 34 34.41 2.98 24.06
CA ALA D 34 35.13 3.84 24.99
C ALA D 34 35.61 5.09 24.27
N ARG D 35 36.02 4.92 23.01
CA ARG D 35 36.46 6.05 22.21
C ARG D 35 35.29 6.98 21.94
N ARG D 36 34.07 6.42 21.98
CA ARG D 36 32.85 7.19 21.75
C ARG D 36 32.22 7.64 23.07
N GLY D 37 32.96 7.45 24.16
CA GLY D 37 32.46 7.85 25.47
C GLY D 37 31.36 6.95 26.03
N VAL D 38 31.35 5.69 25.61
CA VAL D 38 30.34 4.76 26.09
C VAL D 38 31.00 3.57 26.79
N ASP D 39 30.50 3.25 27.99
CA ASP D 39 31.03 2.13 28.76
C ASP D 39 30.26 0.89 28.34
N ILE D 40 30.94 -0.01 27.61
CA ILE D 40 30.29 -1.22 27.14
C ILE D 40 29.65 -2.03 28.26
N GLU D 41 30.25 -2.01 29.44
CA GLU D 41 29.71 -2.75 30.58
C GLU D 41 28.33 -2.27 30.98
N ALA D 42 28.08 -0.97 30.86
CA ALA D 42 26.80 -0.40 31.22
C ALA D 42 25.71 -0.88 30.27
N VAL D 43 26.09 -1.08 29.00
CA VAL D 43 25.16 -1.55 27.98
C VAL D 43 24.83 -3.03 28.20
N THR D 44 25.86 -3.83 28.39
CA THR D 44 25.67 -5.26 28.61
C THR D 44 24.81 -5.48 29.83
N ALA D 45 25.03 -4.68 30.87
CA ALA D 45 24.28 -4.80 32.10
C ALA D 45 22.80 -4.57 31.83
N LYS D 46 22.49 -3.62 30.94
CA LYS D 46 21.10 -3.34 30.62
C LYS D 46 20.49 -4.39 29.71
N VAL D 47 21.25 -4.85 28.72
CA VAL D 47 20.76 -5.85 27.79
C VAL D 47 20.37 -7.15 28.47
N GLU D 48 21.20 -7.61 29.41
CA GLU D 48 20.90 -8.87 30.10
C GLU D 48 19.68 -8.75 31.00
N LYS D 49 19.12 -7.54 31.07
CA LYS D 49 17.92 -7.29 31.86
C LYS D 49 16.70 -7.12 30.96
N PHE D 50 16.90 -7.15 29.66
CA PHE D 50 15.78 -6.97 28.74
C PHE D 50 15.10 -8.29 28.42
N PHE D 51 13.83 -8.40 28.76
CA PHE D 51 13.09 -9.63 28.49
C PHE D 51 11.88 -9.39 27.58
N VAL D 52 11.52 -10.42 26.84
CA VAL D 52 10.38 -10.38 25.94
C VAL D 52 9.68 -11.74 26.08
N ALA D 53 8.36 -11.72 26.25
CA ALA D 53 7.60 -12.96 26.42
C ALA D 53 7.42 -13.73 25.12
N VAL D 54 7.50 -15.06 25.21
CA VAL D 54 7.32 -15.90 24.03
C VAL D 54 5.89 -16.40 23.97
N PRO D 55 5.31 -16.46 22.76
CA PRO D 55 3.93 -16.93 22.56
C PRO D 55 3.82 -18.45 22.52
N SER D 56 3.01 -19.00 23.42
CA SER D 56 2.81 -20.45 23.47
C SER D 56 2.39 -20.97 22.10
N TRP D 57 1.56 -20.20 21.40
CA TRP D 57 1.05 -20.58 20.09
C TRP D 57 2.06 -20.42 18.97
N GLY D 58 3.30 -20.08 19.33
CA GLY D 58 4.34 -19.89 18.33
C GLY D 58 5.41 -20.96 18.44
N VAL D 59 5.28 -21.83 19.44
CA VAL D 59 6.24 -22.91 19.69
C VAL D 59 6.00 -24.07 18.74
N GLY D 60 4.78 -24.19 18.24
CA GLY D 60 4.44 -25.24 17.29
C GLY D 60 4.51 -24.61 15.91
N THR D 61 4.61 -25.42 14.86
CA THR D 61 4.70 -24.89 13.50
C THR D 61 3.40 -24.19 13.12
N GLY D 62 3.52 -23.04 12.45
CA GLY D 62 2.35 -22.30 12.03
C GLY D 62 1.92 -22.69 10.63
N GLY D 63 0.85 -22.08 10.15
CA GLY D 63 0.36 -22.39 8.81
C GLY D 63 -0.47 -21.24 8.27
N THR D 64 -1.00 -21.40 7.06
CA THR D 64 -1.83 -20.37 6.44
C THR D 64 -3.18 -20.99 6.10
N ARG D 65 -4.05 -20.21 5.46
CA ARG D 65 -5.34 -20.76 5.09
C ARG D 65 -5.20 -21.81 3.99
N PHE D 66 -4.03 -21.86 3.37
CA PHE D 66 -3.79 -22.82 2.30
C PHE D 66 -3.20 -24.16 2.76
N ALA D 67 -2.49 -24.17 3.87
CA ALA D 67 -1.88 -25.40 4.37
C ALA D 67 -0.99 -25.20 5.58
N ARG D 68 -0.71 -26.32 6.24
CA ARG D 68 0.17 -26.37 7.39
C ARG D 68 1.12 -27.53 7.11
N PHE D 69 2.42 -27.28 7.28
CA PHE D 69 3.44 -28.30 7.03
C PHE D 69 4.21 -28.49 8.32
N PRO D 70 3.66 -29.28 9.26
CA PRO D 70 4.33 -29.53 10.54
C PRO D 70 5.70 -30.18 10.42
N GLY D 71 6.56 -29.91 11.39
CA GLY D 71 7.88 -30.51 11.40
C GLY D 71 7.83 -31.72 12.30
N THR D 72 8.97 -32.19 12.77
CA THR D 72 9.01 -33.34 13.66
C THR D 72 8.99 -32.87 15.11
N GLY D 73 8.52 -33.72 16.02
CA GLY D 73 8.50 -33.36 17.43
C GLY D 73 7.61 -32.17 17.76
N GLU D 74 6.50 -32.04 17.03
CA GLU D 74 5.58 -30.94 17.28
C GLU D 74 5.01 -31.11 18.69
N PRO D 75 4.88 -30.01 19.43
CA PRO D 75 4.33 -30.09 20.80
C PRO D 75 2.89 -30.57 20.75
N ARG D 76 2.54 -31.50 21.64
CA ARG D 76 1.20 -32.06 21.68
C ARG D 76 0.22 -31.19 22.46
N GLY D 77 0.75 -30.35 23.33
CA GLY D 77 -0.11 -29.48 24.12
C GLY D 77 0.68 -28.40 24.85
N ILE D 78 0.01 -27.67 25.72
CA ILE D 78 0.67 -26.60 26.46
C ILE D 78 1.90 -27.06 27.23
N PHE D 79 1.85 -28.26 27.80
CA PHE D 79 3.01 -28.74 28.56
C PHE D 79 4.23 -28.99 27.67
N ASP D 80 4.03 -29.55 26.48
CA ASP D 80 5.17 -29.76 25.59
C ASP D 80 5.69 -28.38 25.18
N LYS D 81 4.76 -27.46 24.97
CA LYS D 81 5.10 -26.09 24.58
C LYS D 81 5.95 -25.41 25.63
N LEU D 82 5.58 -25.60 26.90
CA LEU D 82 6.35 -25.01 27.99
C LEU D 82 7.75 -25.62 28.00
N ASP D 83 7.84 -26.92 27.75
CA ASP D 83 9.13 -27.58 27.71
C ASP D 83 10.02 -26.94 26.65
N ASP D 84 9.46 -26.70 25.47
CA ASP D 84 10.22 -26.09 24.39
C ASP D 84 10.56 -24.64 24.68
N CYS D 85 9.67 -23.94 25.36
CA CYS D 85 9.93 -22.54 25.72
C CYS D 85 11.09 -22.48 26.71
N ALA D 86 11.22 -23.52 27.52
CA ALA D 86 12.30 -23.59 28.51
C ALA D 86 13.65 -23.60 27.81
N VAL D 87 13.70 -24.16 26.61
CA VAL D 87 14.94 -24.20 25.85
C VAL D 87 15.28 -22.80 25.38
N ILE D 88 14.29 -22.09 24.84
CA ILE D 88 14.49 -20.73 24.34
C ILE D 88 15.06 -19.85 25.45
N GLN D 89 14.49 -19.95 26.64
CA GLN D 89 14.95 -19.18 27.78
C GLN D 89 16.34 -19.61 28.24
N GLN D 90 16.56 -20.93 28.32
CA GLN D 90 17.85 -21.42 28.78
C GLN D 90 19.01 -20.95 27.90
N LEU D 91 18.79 -20.90 26.59
CA LEU D 91 19.84 -20.49 25.67
C LEU D 91 19.99 -18.98 25.46
N THR D 92 18.89 -18.25 25.38
CA THR D 92 18.96 -16.80 25.16
C THR D 92 18.88 -15.98 26.44
N ARG D 93 18.25 -16.55 27.47
CA ARG D 93 18.08 -15.89 28.75
C ARG D 93 17.31 -14.58 28.60
N ALA D 94 16.60 -14.45 27.48
CA ALA D 94 15.83 -13.23 27.23
C ALA D 94 14.33 -13.47 27.20
N THR D 95 13.90 -14.72 27.40
CA THR D 95 12.48 -15.05 27.35
C THR D 95 12.00 -15.83 28.59
N PRO D 96 12.14 -15.24 29.78
CA PRO D 96 11.72 -15.90 31.03
C PRO D 96 10.21 -16.12 31.18
N ASN D 97 9.40 -15.38 30.43
CA ASN D 97 7.96 -15.50 30.53
C ASN D 97 7.27 -16.00 29.27
N VAL D 98 6.16 -16.70 29.45
CA VAL D 98 5.39 -17.25 28.33
C VAL D 98 3.99 -16.68 28.33
N SER D 99 3.46 -16.41 27.14
CA SER D 99 2.11 -15.89 26.99
C SER D 99 1.16 -17.04 26.69
N LEU D 100 0.16 -17.23 27.54
CA LEU D 100 -0.80 -18.32 27.33
C LEU D 100 -2.01 -17.81 26.55
N HIS D 101 -2.64 -18.72 25.82
CA HIS D 101 -3.82 -18.42 25.02
C HIS D 101 -4.91 -19.40 25.45
N ILE D 102 -6.08 -18.86 25.80
CA ILE D 102 -7.20 -19.70 26.25
C ILE D 102 -8.28 -19.63 25.17
N PRO D 103 -8.94 -20.77 24.87
CA PRO D 103 -8.76 -22.11 25.43
C PRO D 103 -7.66 -23.03 24.90
N TRP D 104 -6.88 -22.58 23.92
CA TRP D 104 -5.82 -23.44 23.38
C TRP D 104 -4.95 -24.09 24.47
N ASP D 105 -4.52 -23.29 25.45
CA ASP D 105 -3.66 -23.78 26.52
C ASP D 105 -4.39 -24.11 27.81
N LYS D 106 -5.71 -24.20 27.77
CA LYS D 106 -6.44 -24.49 29.00
C LYS D 106 -5.95 -25.81 29.62
N ALA D 107 -5.66 -25.75 30.92
CA ALA D 107 -5.19 -26.90 31.68
C ALA D 107 -5.17 -26.47 33.14
N ASP D 108 -5.04 -27.41 34.06
CA ASP D 108 -5.01 -27.07 35.48
C ASP D 108 -3.99 -25.98 35.76
N PRO D 109 -4.47 -24.77 36.08
CA PRO D 109 -3.59 -23.62 36.37
C PRO D 109 -2.50 -23.99 37.38
N LYS D 110 -2.88 -24.79 38.36
CA LYS D 110 -1.93 -25.21 39.39
C LYS D 110 -0.78 -26.02 38.80
N GLU D 111 -1.08 -26.87 37.83
CA GLU D 111 -0.05 -27.68 37.19
C GLU D 111 0.80 -26.80 36.28
N LEU D 112 0.16 -25.84 35.62
CA LEU D 112 0.89 -24.94 34.74
C LEU D 112 1.93 -24.19 35.54
N LYS D 113 1.51 -23.63 36.68
CA LYS D 113 2.41 -22.88 37.56
C LYS D 113 3.54 -23.78 38.02
N ALA D 114 3.19 -25.01 38.41
CA ALA D 114 4.18 -25.96 38.88
C ALA D 114 5.23 -26.21 37.80
N ARG D 115 4.78 -26.55 36.60
CA ARG D 115 5.68 -26.82 35.49
C ARG D 115 6.51 -25.58 35.18
N GLY D 116 5.87 -24.42 35.23
CA GLY D 116 6.55 -23.17 34.97
C GLY D 116 7.68 -22.95 35.95
N ASP D 117 7.39 -23.06 37.24
CA ASP D 117 8.41 -22.86 38.27
C ASP D 117 9.57 -23.83 38.09
N ALA D 118 9.27 -25.09 37.78
CA ALA D 118 10.29 -26.11 37.60
C ALA D 118 11.15 -25.83 36.37
N LEU D 119 10.56 -25.23 35.36
CA LEU D 119 11.29 -24.92 34.13
C LEU D 119 11.95 -23.55 34.16
N GLY D 120 11.69 -22.78 35.20
CA GLY D 120 12.29 -21.46 35.32
C GLY D 120 11.55 -20.45 34.46
N LEU D 121 10.28 -20.72 34.19
CA LEU D 121 9.48 -19.82 33.37
C LEU D 121 8.35 -19.18 34.15
N GLY D 122 7.97 -17.99 33.72
CA GLY D 122 6.88 -17.26 34.33
C GLY D 122 5.82 -17.03 33.27
N PHE D 123 4.74 -16.36 33.64
CA PHE D 123 3.65 -16.11 32.70
C PHE D 123 3.34 -14.63 32.51
N ASP D 124 3.27 -14.21 31.25
CA ASP D 124 2.97 -12.83 30.91
C ASP D 124 1.45 -12.71 30.75
N ALA D 125 1.03 -11.68 30.01
CA ALA D 125 -0.39 -11.44 29.78
C ALA D 125 -1.16 -12.63 29.21
N MET D 126 -2.39 -12.79 29.71
CA MET D 126 -3.27 -13.86 29.23
C MET D 126 -3.89 -13.37 27.93
N ASN D 127 -4.21 -14.31 27.04
CA ASN D 127 -4.82 -13.98 25.76
C ASN D 127 -6.17 -14.69 25.62
N SER D 128 -7.23 -13.90 25.46
CA SER D 128 -8.57 -14.46 25.28
C SER D 128 -8.75 -14.85 23.82
N ASN D 129 -9.71 -15.74 23.56
CA ASN D 129 -9.97 -16.22 22.20
C ASN D 129 -11.46 -16.25 21.87
N THR D 130 -11.95 -15.23 21.20
CA THR D 130 -13.35 -15.20 20.79
C THR D 130 -13.37 -14.93 19.30
N PHE D 131 -12.36 -15.45 18.62
CA PHE D 131 -12.25 -15.32 17.17
C PHE D 131 -12.39 -16.70 16.53
N SER D 132 -12.73 -17.69 17.37
CA SER D 132 -12.92 -19.07 16.92
C SER D 132 -13.86 -19.77 17.91
N ASP D 133 -14.63 -20.74 17.42
CA ASP D 133 -15.56 -21.45 18.31
C ASP D 133 -14.91 -22.66 18.98
N ALA D 134 -15.27 -22.87 20.24
CA ALA D 134 -14.74 -23.98 21.01
C ALA D 134 -15.81 -25.08 21.12
N PRO D 135 -15.40 -26.31 21.42
CA PRO D 135 -16.35 -27.42 21.54
C PRO D 135 -17.43 -27.12 22.57
N GLY D 136 -18.68 -27.42 22.22
CA GLY D 136 -19.78 -27.20 23.14
C GLY D 136 -20.18 -25.76 23.35
N GLN D 137 -19.59 -24.85 22.58
CA GLN D 137 -19.89 -23.43 22.69
C GLN D 137 -21.34 -23.20 22.31
N ALA D 138 -22.08 -22.49 23.15
CA ALA D 138 -23.49 -22.22 22.90
C ALA D 138 -23.77 -21.28 21.73
N HIS D 139 -22.95 -20.24 21.60
CA HIS D 139 -23.14 -19.25 20.53
C HIS D 139 -21.87 -19.13 19.71
N SER D 140 -22.03 -19.08 18.39
CA SER D 140 -20.89 -18.97 17.48
C SER D 140 -20.42 -17.53 17.33
N TYR D 141 -19.10 -17.36 17.17
CA TYR D 141 -18.52 -16.03 17.01
C TYR D 141 -18.34 -15.71 15.52
N LYS D 142 -19.07 -16.42 14.68
CA LYS D 142 -18.99 -16.24 13.23
C LYS D 142 -19.21 -14.78 12.80
N TYR D 143 -20.18 -14.13 13.45
CA TYR D 143 -20.50 -12.74 13.11
C TYR D 143 -20.02 -11.76 14.17
N GLY D 144 -19.02 -12.17 14.95
CA GLY D 144 -18.49 -11.30 15.99
C GLY D 144 -18.57 -11.93 17.37
N SER D 145 -18.10 -11.21 18.38
CA SER D 145 -18.12 -11.73 19.74
C SER D 145 -18.49 -10.64 20.73
N LEU D 146 -17.52 -9.84 21.14
CA LEU D 146 -17.79 -8.77 22.08
C LEU D 146 -18.68 -7.68 21.46
N SER D 147 -18.71 -7.63 20.13
CA SER D 147 -19.52 -6.62 19.44
C SER D 147 -20.63 -7.26 18.58
N HIS D 148 -20.88 -8.54 18.83
CA HIS D 148 -21.90 -9.30 18.10
C HIS D 148 -23.25 -8.63 18.37
N THR D 149 -24.14 -8.65 17.38
CA THR D 149 -25.46 -8.03 17.54
C THR D 149 -26.32 -8.71 18.61
N ASN D 150 -26.07 -10.00 18.84
CA ASN D 150 -26.83 -10.78 19.81
C ASN D 150 -26.26 -10.64 21.24
N ALA D 151 -27.07 -10.11 22.14
CA ALA D 151 -26.65 -9.91 23.53
C ALA D 151 -26.06 -11.16 24.19
N ALA D 152 -26.74 -12.30 24.02
CA ALA D 152 -26.29 -13.56 24.61
C ALA D 152 -24.88 -13.91 24.14
N THR D 153 -24.57 -13.62 22.88
CA THR D 153 -23.25 -13.91 22.37
C THR D 153 -22.23 -12.99 23.04
N ARG D 154 -22.57 -11.71 23.13
CA ARG D 154 -21.68 -10.76 23.77
C ARG D 154 -21.43 -11.17 25.22
N ALA D 155 -22.47 -11.57 25.92
CA ALA D 155 -22.34 -11.99 27.32
C ALA D 155 -21.40 -13.19 27.43
N GLN D 156 -21.54 -14.12 26.49
CA GLN D 156 -20.70 -15.32 26.48
C GLN D 156 -19.23 -14.95 26.27
N ALA D 157 -18.98 -13.97 25.40
CA ALA D 157 -17.62 -13.52 25.12
C ALA D 157 -17.04 -12.86 26.37
N VAL D 158 -17.87 -12.07 27.05
CA VAL D 158 -17.45 -11.40 28.27
C VAL D 158 -17.06 -12.43 29.32
N GLU D 159 -17.93 -13.42 29.54
CA GLU D 159 -17.66 -14.46 30.52
C GLU D 159 -16.36 -15.18 30.20
N HIS D 160 -16.11 -15.46 28.93
CA HIS D 160 -14.88 -16.15 28.54
C HIS D 160 -13.66 -15.36 28.99
N ASN D 161 -13.69 -14.04 28.77
CA ASN D 161 -12.58 -13.20 29.15
C ASN D 161 -12.39 -13.21 30.66
N LEU D 162 -13.49 -13.19 31.40
CA LEU D 162 -13.41 -13.23 32.86
C LEU D 162 -12.75 -14.52 33.29
N GLU D 163 -13.06 -15.62 32.60
CA GLU D 163 -12.46 -16.90 32.93
C GLU D 163 -10.96 -16.83 32.66
N CYS D 164 -10.58 -16.11 31.62
CA CYS D 164 -9.16 -15.98 31.29
C CYS D 164 -8.45 -15.29 32.45
N ILE D 165 -9.13 -14.31 33.06
CA ILE D 165 -8.57 -13.59 34.18
C ILE D 165 -8.42 -14.51 35.39
N GLU D 166 -9.38 -15.40 35.59
CA GLU D 166 -9.32 -16.33 36.72
C GLU D 166 -8.11 -17.26 36.56
N ILE D 167 -7.89 -17.74 35.34
CA ILE D 167 -6.77 -18.62 35.07
C ILE D 167 -5.46 -17.86 35.29
N GLY D 168 -5.40 -16.63 34.81
CA GLY D 168 -4.20 -15.82 34.96
C GLY D 168 -3.88 -15.49 36.41
N LYS D 169 -4.90 -15.28 37.22
CA LYS D 169 -4.69 -14.96 38.63
C LYS D 169 -4.05 -16.14 39.36
N ALA D 170 -4.35 -17.34 38.88
CA ALA D 170 -3.83 -18.57 39.47
C ALA D 170 -2.38 -18.85 39.14
N ILE D 171 -1.91 -18.36 38.00
CA ILE D 171 -0.53 -18.62 37.60
C ILE D 171 0.43 -17.46 37.75
N GLY D 172 -0.10 -16.28 38.10
CA GLY D 172 0.76 -15.13 38.29
C GLY D 172 0.77 -14.10 37.18
N SER D 173 -0.19 -14.21 36.26
CA SER D 173 -0.30 -13.26 35.16
C SER D 173 -0.87 -11.96 35.72
N LYS D 174 -0.50 -10.83 35.14
CA LYS D 174 -1.02 -9.55 35.62
C LYS D 174 -1.65 -8.73 34.51
N ALA D 175 -2.12 -9.39 33.46
CA ALA D 175 -2.74 -8.67 32.36
C ALA D 175 -3.53 -9.56 31.42
N LEU D 176 -4.49 -8.94 30.74
CA LEU D 176 -5.34 -9.63 29.78
C LEU D 176 -5.26 -8.89 28.46
N THR D 177 -4.90 -9.61 27.40
CA THR D 177 -4.82 -9.01 26.06
C THR D 177 -6.03 -9.46 25.26
N VAL D 178 -6.75 -8.48 24.72
CA VAL D 178 -7.95 -8.77 23.95
C VAL D 178 -7.82 -8.41 22.47
N TRP D 179 -7.74 -9.45 21.64
CA TRP D 179 -7.71 -9.24 20.20
C TRP D 179 -8.85 -10.05 19.65
N ILE D 180 -9.74 -9.39 18.93
CA ILE D 180 -10.87 -10.07 18.33
C ILE D 180 -10.86 -9.82 16.84
N GLY D 181 -11.54 -10.69 16.09
CA GLY D 181 -11.59 -10.51 14.65
C GLY D 181 -12.80 -9.70 14.23
N ASP D 182 -13.67 -9.39 15.19
CA ASP D 182 -14.88 -8.62 14.95
C ASP D 182 -14.75 -7.56 13.87
N GLY D 183 -15.62 -7.64 12.88
CA GLY D 183 -15.61 -6.70 11.78
C GLY D 183 -16.59 -7.18 10.73
N SER D 184 -16.47 -6.65 9.52
CA SER D 184 -17.36 -7.03 8.44
C SER D 184 -16.59 -7.28 7.15
N ASN D 185 -17.18 -8.07 6.26
CA ASN D 185 -16.56 -8.37 4.97
C ASN D 185 -17.28 -7.63 3.84
N PHE D 186 -18.40 -6.98 4.16
CA PHE D 186 -19.16 -6.26 3.14
C PHE D 186 -19.66 -4.91 3.62
N PRO D 187 -19.70 -3.92 2.70
CA PRO D 187 -20.20 -2.60 3.11
C PRO D 187 -21.64 -2.78 3.56
N GLY D 188 -22.02 -2.11 4.64
CA GLY D 188 -23.39 -2.22 5.13
C GLY D 188 -23.66 -3.38 6.09
N GLN D 189 -22.84 -4.42 6.03
CA GLN D 189 -23.01 -5.58 6.91
C GLN D 189 -23.09 -5.14 8.36
N SER D 190 -22.21 -4.22 8.74
CA SER D 190 -22.18 -3.71 10.10
C SER D 190 -22.39 -2.21 10.13
N ASN D 191 -22.94 -1.71 11.23
CA ASN D 191 -23.11 -0.28 11.38
C ASN D 191 -21.88 0.06 12.24
N PHE D 192 -20.90 0.70 11.62
CA PHE D 192 -19.65 1.05 12.28
C PHE D 192 -19.77 1.54 13.72
N THR D 193 -20.63 2.52 13.93
CA THR D 193 -20.81 3.09 15.24
C THR D 193 -21.50 2.19 16.25
N ARG D 194 -22.60 1.55 15.84
CA ARG D 194 -23.32 0.66 16.76
C ARG D 194 -22.46 -0.53 17.16
N ALA D 195 -21.68 -1.03 16.22
CA ALA D 195 -20.81 -2.17 16.52
C ALA D 195 -19.78 -1.74 17.54
N PHE D 196 -19.22 -0.56 17.36
CA PHE D 196 -18.21 -0.04 18.27
C PHE D 196 -18.83 0.22 19.65
N GLU D 197 -20.05 0.74 19.66
CA GLU D 197 -20.73 1.01 20.93
C GLU D 197 -20.92 -0.31 21.67
N ARG D 198 -21.31 -1.35 20.94
CA ARG D 198 -21.50 -2.66 21.56
C ARG D 198 -20.18 -3.17 22.15
N TYR D 199 -19.11 -2.99 21.40
CA TYR D 199 -17.79 -3.42 21.84
C TYR D 199 -17.36 -2.70 23.12
N LEU D 200 -17.58 -1.38 23.16
CA LEU D 200 -17.21 -0.59 24.34
C LEU D 200 -17.97 -1.03 25.59
N SER D 201 -19.25 -1.32 25.43
CA SER D 201 -20.09 -1.75 26.55
C SER D 201 -19.63 -3.10 27.08
N ALA D 202 -19.26 -4.01 26.19
CA ALA D 202 -18.80 -5.33 26.61
C ALA D 202 -17.43 -5.21 27.30
N MET D 203 -16.52 -4.43 26.72
CA MET D 203 -15.21 -4.26 27.32
C MET D 203 -15.31 -3.62 28.71
N ALA D 204 -16.32 -2.76 28.90
CA ALA D 204 -16.53 -2.11 30.18
C ALA D 204 -16.84 -3.17 31.23
N GLU D 205 -17.54 -4.22 30.80
CA GLU D 205 -17.90 -5.32 31.70
C GLU D 205 -16.64 -6.11 32.09
N ILE D 206 -15.77 -6.32 31.13
CA ILE D 206 -14.53 -7.04 31.38
C ILE D 206 -13.67 -6.20 32.31
N TYR D 207 -13.59 -4.89 32.03
CA TYR D 207 -12.81 -3.97 32.85
C TYR D 207 -13.33 -4.00 34.28
N LYS D 208 -14.64 -4.12 34.44
CA LYS D 208 -15.26 -4.15 35.76
C LYS D 208 -14.75 -5.37 36.53
N GLY D 209 -14.48 -6.45 35.81
CA GLY D 209 -14.01 -7.67 36.47
C GLY D 209 -12.50 -7.79 36.51
N LEU D 210 -11.81 -6.74 36.07
CA LEU D 210 -10.35 -6.74 36.04
C LEU D 210 -9.78 -6.43 37.43
N PRO D 211 -8.86 -7.26 37.93
CA PRO D 211 -8.27 -7.02 39.26
C PRO D 211 -7.60 -5.65 39.26
N ASP D 212 -7.45 -5.04 40.43
CA ASP D 212 -6.83 -3.73 40.50
C ASP D 212 -5.30 -3.76 40.43
N ASP D 213 -4.75 -4.92 40.14
CA ASP D 213 -3.30 -5.04 40.00
C ASP D 213 -3.00 -5.58 38.61
N TRP D 214 -4.02 -5.53 37.76
CA TRP D 214 -3.95 -6.01 36.38
C TRP D 214 -4.13 -4.87 35.39
N LYS D 215 -3.76 -5.14 34.14
CA LYS D 215 -3.93 -4.18 33.06
C LYS D 215 -4.74 -4.86 31.97
N LEU D 216 -5.50 -4.07 31.22
CA LEU D 216 -6.32 -4.60 30.14
C LEU D 216 -5.81 -4.04 28.81
N PHE D 217 -5.29 -4.93 27.95
CA PHE D 217 -4.75 -4.51 26.67
C PHE D 217 -5.66 -4.82 25.47
N SER D 218 -5.94 -3.79 24.67
CA SER D 218 -6.74 -3.98 23.47
C SER D 218 -5.77 -3.88 22.29
N GLU D 219 -5.89 -4.82 21.35
CA GLU D 219 -4.99 -4.88 20.20
C GLU D 219 -5.69 -4.54 18.88
N HIS D 220 -5.23 -3.48 18.22
CA HIS D 220 -5.83 -3.08 16.96
C HIS D 220 -5.22 -3.85 15.78
N LYS D 221 -6.01 -3.97 14.72
CA LYS D 221 -5.56 -4.67 13.52
C LYS D 221 -6.36 -4.12 12.35
N MET D 222 -5.68 -3.74 11.29
CA MET D 222 -6.36 -3.18 10.12
C MET D 222 -7.34 -4.13 9.45
N TYR D 223 -6.95 -5.39 9.28
CA TYR D 223 -7.82 -6.37 8.63
C TYR D 223 -7.35 -7.79 8.92
N GLU D 224 -8.22 -8.75 8.55
CA GLU D 224 -8.01 -10.18 8.73
C GLU D 224 -8.23 -10.55 10.20
N PRO D 225 -9.21 -11.42 10.48
CA PRO D 225 -10.11 -12.08 9.53
C PRO D 225 -11.19 -11.26 8.80
N ALA D 226 -11.41 -10.02 9.22
CA ALA D 226 -12.42 -9.18 8.56
C ALA D 226 -11.76 -8.50 7.37
N PHE D 227 -12.41 -8.57 6.20
CA PHE D 227 -11.84 -7.99 4.98
C PHE D 227 -12.45 -6.72 4.39
N TYR D 228 -13.37 -6.09 5.11
CA TYR D 228 -13.92 -4.81 4.66
C TYR D 228 -13.69 -3.81 5.79
N SER D 229 -14.15 -4.16 6.99
CA SER D 229 -13.97 -3.30 8.16
C SER D 229 -13.70 -4.14 9.40
N THR D 230 -13.02 -3.53 10.37
CA THR D 230 -12.68 -4.20 11.62
C THR D 230 -13.01 -3.20 12.73
N VAL D 231 -13.73 -3.64 13.76
CA VAL D 231 -14.11 -2.74 14.84
C VAL D 231 -12.90 -2.01 15.44
N VAL D 232 -11.90 -2.75 15.90
CA VAL D 232 -10.70 -2.14 16.47
C VAL D 232 -9.66 -2.17 15.34
N GLN D 233 -9.84 -1.30 14.34
CA GLN D 233 -8.97 -1.29 13.17
C GLN D 233 -7.61 -0.58 13.25
N ASP D 234 -7.49 0.46 14.07
CA ASP D 234 -6.21 1.15 14.17
C ASP D 234 -5.96 1.74 15.57
N TRP D 235 -4.83 2.42 15.72
CA TRP D 235 -4.47 2.99 17.01
C TRP D 235 -5.36 4.13 17.44
N GLY D 236 -6.02 4.78 16.48
CA GLY D 236 -6.92 5.87 16.80
C GLY D 236 -8.11 5.31 17.56
N THR D 237 -8.70 4.27 17.00
CA THR D 237 -9.83 3.63 17.66
C THR D 237 -9.33 3.03 18.96
N ASN D 238 -8.14 2.42 18.92
CA ASN D 238 -7.57 1.80 20.12
C ASN D 238 -7.40 2.81 21.26
N TYR D 239 -6.99 4.02 20.93
CA TYR D 239 -6.81 5.05 21.96
C TYR D 239 -8.16 5.38 22.59
N LEU D 240 -9.17 5.58 21.76
CA LEU D 240 -10.52 5.90 22.24
C LEU D 240 -10.97 4.83 23.21
N ILE D 241 -10.67 3.58 22.90
CA ILE D 241 -11.05 2.45 23.74
C ILE D 241 -10.40 2.56 25.12
N ALA D 242 -9.08 2.61 25.14
CA ALA D 242 -8.33 2.69 26.38
C ALA D 242 -8.76 3.90 27.21
N GLN D 243 -8.86 5.05 26.55
CA GLN D 243 -9.26 6.28 27.23
C GLN D 243 -10.65 6.13 27.86
N THR D 244 -11.57 5.51 27.13
CA THR D 244 -12.93 5.33 27.63
C THR D 244 -13.01 4.32 28.78
N LEU D 245 -12.30 3.20 28.65
CA LEU D 245 -12.33 2.16 29.68
C LEU D 245 -11.77 2.56 31.03
N GLY D 246 -10.61 3.21 31.05
CA GLY D 246 -10.04 3.61 32.33
C GLY D 246 -8.53 3.49 32.43
N PRO D 247 -7.93 3.93 33.55
CA PRO D 247 -6.50 3.91 33.81
C PRO D 247 -5.81 2.56 33.59
N LYS D 248 -6.52 1.47 33.89
CA LYS D 248 -5.94 0.15 33.73
C LYS D 248 -5.98 -0.37 32.30
N ALA D 249 -6.64 0.37 31.42
CA ALA D 249 -6.75 -0.04 30.02
C ALA D 249 -5.74 0.68 29.13
N GLN D 250 -5.00 -0.08 28.34
CA GLN D 250 -4.00 0.49 27.44
C GLN D 250 -3.99 -0.20 26.08
N CYS D 251 -3.27 0.38 25.13
CA CYS D 251 -3.21 -0.17 23.78
C CYS D 251 -1.97 -1.03 23.55
N LEU D 252 -2.17 -2.13 22.83
CA LEU D 252 -1.08 -3.02 22.49
C LEU D 252 -0.80 -2.87 21.00
N VAL D 253 0.45 -2.63 20.64
CA VAL D 253 0.84 -2.44 19.25
C VAL D 253 1.51 -3.67 18.65
N ASP D 254 0.87 -4.27 17.65
CA ASP D 254 1.44 -5.43 16.97
C ASP D 254 1.99 -4.90 15.65
N LEU D 255 3.30 -4.96 15.51
CA LEU D 255 4.00 -4.44 14.34
C LEU D 255 3.38 -4.67 12.95
N GLY D 256 2.91 -5.88 12.67
CA GLY D 256 2.33 -6.15 11.36
C GLY D 256 0.86 -5.83 11.17
N HIS D 257 0.27 -5.06 12.09
CA HIS D 257 -1.15 -4.75 12.00
C HIS D 257 -1.50 -3.37 11.44
N HIS D 258 -0.56 -2.76 10.72
CA HIS D 258 -0.78 -1.43 10.18
C HIS D 258 -0.84 -1.36 8.66
N ALA D 259 -1.47 -0.31 8.14
CA ALA D 259 -1.60 -0.12 6.71
C ALA D 259 -0.22 0.02 6.08
N PRO D 260 -0.12 -0.27 4.77
CA PRO D 260 1.16 -0.14 4.09
C PRO D 260 1.75 1.25 4.25
N ASN D 261 3.05 1.31 4.53
CA ASN D 261 3.82 2.54 4.67
C ASN D 261 3.58 3.36 5.93
N THR D 262 2.73 2.86 6.82
CA THR D 262 2.45 3.52 8.09
C THR D 262 3.73 3.81 8.85
N ASN D 263 3.82 4.97 9.50
CA ASN D 263 5.00 5.26 10.30
C ASN D 263 4.62 4.76 11.69
N ILE D 264 5.01 3.52 11.98
CA ILE D 264 4.68 2.87 13.25
C ILE D 264 5.40 3.45 14.47
N GLU D 265 6.67 3.84 14.32
CA GLU D 265 7.38 4.41 15.45
C GLU D 265 6.69 5.69 15.94
N MET D 266 6.01 6.40 15.06
CA MET D 266 5.29 7.60 15.49
C MET D 266 4.09 7.21 16.36
N ILE D 267 3.39 6.16 15.97
CA ILE D 267 2.23 5.69 16.73
C ILE D 267 2.68 5.36 18.14
N VAL D 268 3.84 4.72 18.23
CA VAL D 268 4.42 4.36 19.51
C VAL D 268 4.66 5.62 20.34
N ALA D 269 5.26 6.64 19.73
CA ALA D 269 5.54 7.90 20.43
C ALA D 269 4.26 8.57 20.91
N ARG D 270 3.25 8.59 20.05
CA ARG D 270 1.97 9.21 20.39
C ARG D 270 1.33 8.53 21.60
N LEU D 271 1.30 7.20 21.58
CA LEU D 271 0.70 6.46 22.69
C LEU D 271 1.45 6.72 23.99
N ILE D 272 2.78 6.78 23.92
CA ILE D 272 3.59 7.05 25.11
C ILE D 272 3.24 8.42 25.67
N GLN D 273 3.16 9.43 24.80
CA GLN D 273 2.85 10.79 25.24
C GLN D 273 1.54 10.82 26.02
N PHE D 274 0.55 10.06 25.55
CA PHE D 274 -0.74 10.05 26.22
C PHE D 274 -0.94 8.87 27.16
N GLY D 275 0.18 8.31 27.59
CA GLY D 275 0.19 7.21 28.53
C GLY D 275 -0.68 6.01 28.26
N LYS D 276 -0.82 5.64 26.99
CA LYS D 276 -1.65 4.49 26.65
C LYS D 276 -0.92 3.39 25.91
N LEU D 277 0.41 3.38 25.98
CA LEU D 277 1.17 2.32 25.33
C LEU D 277 1.30 1.18 26.34
N GLY D 278 0.46 0.17 26.22
CA GLY D 278 0.51 -0.95 27.15
C GLY D 278 1.62 -1.93 26.84
N GLY D 279 1.87 -2.18 25.56
CA GLY D 279 2.91 -3.11 25.17
C GLY D 279 2.99 -3.36 23.68
N PHE D 280 3.85 -4.29 23.30
CA PHE D 280 4.07 -4.66 21.89
C PHE D 280 3.95 -6.14 21.61
N HIS D 281 3.70 -6.43 20.34
CA HIS D 281 3.67 -7.80 19.83
C HIS D 281 4.69 -7.64 18.73
N PHE D 282 5.88 -8.19 18.93
CA PHE D 282 6.95 -8.09 17.95
C PHE D 282 6.92 -9.17 16.88
N ASN D 283 7.26 -8.76 15.67
CA ASN D 283 7.33 -9.63 14.50
C ASN D 283 7.73 -8.75 13.33
N ASP D 284 7.96 -9.33 12.17
CA ASP D 284 8.30 -8.54 11.01
C ASP D 284 7.34 -8.92 9.91
N SER D 285 7.33 -8.14 8.84
CA SER D 285 6.43 -8.40 7.73
C SER D 285 6.82 -7.55 6.53
N LYS D 286 6.27 -7.88 5.37
CA LYS D 286 6.54 -7.14 4.15
C LYS D 286 5.25 -6.80 3.41
N TYR D 287 4.25 -7.66 3.55
CA TYR D 287 2.99 -7.48 2.85
C TYR D 287 1.77 -7.20 3.74
N GLY D 288 1.44 -8.16 4.62
CA GLY D 288 0.32 -7.98 5.52
C GLY D 288 0.77 -8.30 6.93
N ASP D 289 -0.06 -9.00 7.68
CA ASP D 289 0.31 -9.38 9.04
C ASP D 289 1.00 -10.74 8.85
N ASP D 290 2.17 -10.69 8.21
CA ASP D 290 2.97 -11.86 7.89
C ASP D 290 3.53 -12.67 9.08
N ASP D 291 3.61 -12.04 10.24
CA ASP D 291 4.10 -12.71 11.44
C ASP D 291 5.46 -13.39 11.31
N LEU D 292 6.39 -12.75 10.59
CA LEU D 292 7.73 -13.30 10.39
C LEU D 292 8.67 -12.97 11.56
N ASP D 293 9.81 -13.63 11.58
CA ASP D 293 10.81 -13.42 12.63
C ASP D 293 11.16 -11.95 12.72
N ALA D 294 11.06 -11.39 13.93
CA ALA D 294 11.36 -9.98 14.14
C ALA D 294 12.70 -9.57 13.56
N GLY D 295 12.70 -8.45 12.84
CA GLY D 295 13.92 -7.94 12.24
C GLY D 295 14.44 -8.68 11.02
N ALA D 296 13.78 -9.76 10.61
CA ALA D 296 14.25 -10.52 9.46
C ALA D 296 14.01 -9.79 8.14
N ILE D 297 13.08 -8.84 8.13
CA ILE D 297 12.75 -8.10 6.92
C ILE D 297 13.20 -6.63 6.99
N GLU D 298 12.85 -5.94 8.07
CA GLU D 298 13.22 -4.54 8.22
C GLU D 298 13.81 -4.26 9.59
N PRO D 299 15.11 -4.58 9.77
CA PRO D 299 15.76 -4.36 11.06
C PRO D 299 15.83 -2.90 11.53
N TYR D 300 15.93 -1.95 10.60
CA TYR D 300 16.03 -0.55 10.99
C TYR D 300 14.73 -0.07 11.62
N ARG D 301 13.61 -0.48 11.03
CA ARG D 301 12.31 -0.11 11.58
C ARG D 301 12.24 -0.60 13.04
N LEU D 302 12.75 -1.80 13.30
CA LEU D 302 12.73 -2.33 14.66
C LEU D 302 13.53 -1.41 15.58
N PHE D 303 14.71 -0.99 15.11
CA PHE D 303 15.57 -0.08 15.85
C PHE D 303 14.83 1.23 16.11
N LEU D 304 14.17 1.76 15.09
CA LEU D 304 13.47 3.03 15.24
C LEU D 304 12.35 2.98 16.27
N VAL D 305 11.71 1.81 16.42
CA VAL D 305 10.67 1.65 17.41
C VAL D 305 11.32 1.71 18.80
N PHE D 306 12.44 1.00 18.95
CA PHE D 306 13.15 1.00 20.24
C PHE D 306 13.77 2.35 20.53
N ASN D 307 14.07 3.12 19.49
CA ASN D 307 14.63 4.44 19.68
C ASN D 307 13.60 5.31 20.41
N GLU D 308 12.32 5.13 20.10
CA GLU D 308 11.26 5.89 20.76
C GLU D 308 11.09 5.44 22.20
N LEU D 309 11.32 4.15 22.46
CA LEU D 309 11.20 3.64 23.82
C LEU D 309 12.30 4.20 24.71
N VAL D 310 13.54 4.20 24.20
CA VAL D 310 14.66 4.72 24.96
C VAL D 310 14.56 6.23 25.13
N ASP D 311 14.05 6.91 24.11
CA ASP D 311 13.91 8.35 24.19
C ASP D 311 12.91 8.71 25.30
N ALA D 312 11.87 7.90 25.45
CA ALA D 312 10.86 8.14 26.49
C ALA D 312 11.54 8.19 27.85
N GLU D 313 12.49 7.28 28.06
CA GLU D 313 13.21 7.23 29.32
C GLU D 313 14.10 8.47 29.43
N ALA D 314 14.78 8.80 28.33
CA ALA D 314 15.66 9.97 28.29
C ALA D 314 14.92 11.28 28.53
N ARG D 315 13.66 11.34 28.07
CA ARG D 315 12.86 12.55 28.26
C ARG D 315 12.33 12.61 29.69
N GLY D 316 12.45 11.51 30.41
CA GLY D 316 11.98 11.48 31.78
C GLY D 316 10.55 11.01 31.99
N VAL D 317 9.97 10.36 30.99
CA VAL D 317 8.61 9.86 31.14
C VAL D 317 8.61 8.88 32.32
N LYS D 318 7.60 9.00 33.19
CA LYS D 318 7.52 8.13 34.36
C LYS D 318 6.46 7.04 34.26
N GLY D 319 6.62 6.00 35.08
CA GLY D 319 5.69 4.88 35.11
C GLY D 319 5.54 4.15 33.79
N PHE D 320 6.58 4.20 32.96
CA PHE D 320 6.56 3.57 31.64
C PHE D 320 7.26 2.21 31.61
N HIS D 321 6.47 1.14 31.68
CA HIS D 321 7.00 -0.22 31.65
C HIS D 321 6.16 -1.05 30.69
N PRO D 322 6.38 -0.89 29.39
CA PRO D 322 5.65 -1.61 28.34
C PRO D 322 5.84 -3.11 28.45
N ALA D 323 4.79 -3.85 28.13
CA ALA D 323 4.86 -5.30 28.13
C ALA D 323 5.42 -5.68 26.76
N HIS D 324 6.49 -6.47 26.74
CA HIS D 324 7.10 -6.87 25.48
C HIS D 324 6.83 -8.34 25.19
N MET D 325 6.26 -8.62 24.03
CA MET D 325 5.95 -10.00 23.67
C MET D 325 6.17 -10.25 22.18
N ILE D 326 6.50 -11.49 21.87
CA ILE D 326 6.69 -11.87 20.48
C ILE D 326 5.40 -12.54 20.04
N ASP D 327 4.91 -12.16 18.87
CA ASP D 327 3.71 -12.77 18.30
C ASP D 327 4.11 -13.09 16.87
N GLN D 328 4.50 -14.33 16.65
CA GLN D 328 4.95 -14.75 15.33
C GLN D 328 4.42 -16.13 14.97
N ALA D 329 4.47 -16.45 13.69
CA ALA D 329 4.05 -17.75 13.20
C ALA D 329 5.27 -18.28 12.47
N HIS D 330 5.68 -19.49 12.79
CA HIS D 330 6.84 -20.05 12.15
C HIS D 330 6.41 -21.21 11.27
N ASN D 331 6.25 -20.90 9.99
CA ASN D 331 5.77 -21.87 9.01
C ASN D 331 6.82 -22.68 8.26
N VAL D 332 8.04 -22.17 8.13
CA VAL D 332 9.07 -22.90 7.39
C VAL D 332 10.42 -23.04 8.08
N THR D 333 10.42 -22.98 9.41
CA THR D 333 11.65 -23.11 10.17
C THR D 333 11.29 -23.84 11.47
N ASP D 334 12.32 -24.18 12.25
CA ASP D 334 12.10 -24.82 13.55
C ASP D 334 11.66 -23.66 14.44
N PRO D 335 10.42 -23.70 14.96
CA PRO D 335 9.88 -22.65 15.82
C PRO D 335 10.82 -22.18 16.92
N ILE D 336 11.52 -23.12 17.56
CA ILE D 336 12.44 -22.77 18.63
C ILE D 336 13.59 -21.90 18.12
N GLU D 337 14.17 -22.27 16.98
CA GLU D 337 15.28 -21.51 16.41
C GLU D 337 14.82 -20.11 16.01
N SER D 338 13.65 -20.00 15.41
CA SER D 338 13.12 -18.69 15.02
C SER D 338 12.88 -17.82 16.24
N LEU D 339 12.26 -18.38 17.27
CA LEU D 339 12.00 -17.60 18.47
C LEU D 339 13.32 -17.16 19.12
N ILE D 340 14.31 -18.05 19.08
CA ILE D 340 15.63 -17.75 19.64
C ILE D 340 16.24 -16.52 18.94
N ASN D 341 16.34 -16.58 17.61
CA ASN D 341 16.91 -15.48 16.85
C ASN D 341 16.04 -14.22 16.86
N SER D 342 14.74 -14.38 17.08
CA SER D 342 13.84 -13.22 17.12
C SER D 342 14.06 -12.49 18.44
N ALA D 343 14.15 -13.26 19.52
CA ALA D 343 14.39 -12.69 20.83
C ALA D 343 15.73 -11.97 20.73
N ASN D 344 16.69 -12.59 20.04
CA ASN D 344 18.01 -12.01 19.86
C ASN D 344 17.93 -10.67 19.10
N GLU D 345 17.19 -10.64 17.99
CA GLU D 345 17.05 -9.43 17.19
C GLU D 345 16.45 -8.28 17.99
N ILE D 346 15.53 -8.62 18.87
CA ILE D 346 14.87 -7.60 19.68
C ILE D 346 15.88 -6.99 20.65
N ARG D 347 16.74 -7.81 21.24
CA ARG D 347 17.76 -7.30 22.15
C ARG D 347 18.79 -6.50 21.36
N ARG D 348 18.99 -6.88 20.10
CA ARG D 348 19.95 -6.19 19.24
C ARG D 348 19.49 -4.75 19.00
N ALA D 349 18.23 -4.58 18.61
CA ALA D 349 17.67 -3.26 18.35
C ALA D 349 17.68 -2.44 19.63
N TYR D 350 17.33 -3.08 20.74
CA TYR D 350 17.32 -2.40 22.03
C TYR D 350 18.72 -1.89 22.38
N ALA D 351 19.72 -2.76 22.24
CA ALA D 351 21.10 -2.39 22.54
C ALA D 351 21.58 -1.21 21.69
N GLN D 352 21.28 -1.24 20.40
CA GLN D 352 21.69 -0.16 19.51
C GLN D 352 21.01 1.14 19.90
N ALA D 353 19.75 1.05 20.34
CA ALA D 353 19.03 2.24 20.76
C ALA D 353 19.69 2.85 21.99
N LEU D 354 20.30 2.00 22.82
CA LEU D 354 20.97 2.48 24.02
C LEU D 354 22.26 3.21 23.66
N LEU D 355 22.80 2.92 22.48
CA LEU D 355 24.04 3.55 22.04
C LEU D 355 23.88 4.96 21.48
N VAL D 356 22.67 5.34 21.10
CA VAL D 356 22.41 6.67 20.55
C VAL D 356 22.89 7.77 21.49
N ASP D 357 23.69 8.69 20.97
CA ASP D 357 24.17 9.82 21.77
C ASP D 357 22.98 10.80 21.83
N ARG D 358 22.23 10.73 22.92
CA ARG D 358 21.05 11.57 23.10
C ARG D 358 21.35 13.07 23.12
N ALA D 359 22.43 13.47 23.77
CA ALA D 359 22.77 14.90 23.84
C ALA D 359 23.06 15.44 22.44
N ALA D 360 23.87 14.71 21.68
CA ALA D 360 24.21 15.12 20.33
C ALA D 360 22.95 15.18 19.46
N LEU D 361 22.15 14.12 19.54
CA LEU D 361 20.90 14.07 18.76
C LEU D 361 20.04 15.28 19.06
N SER D 362 19.82 15.53 20.35
CA SER D 362 19.01 16.65 20.80
C SER D 362 19.52 17.94 20.18
N GLY D 363 20.84 18.13 20.21
CA GLY D 363 21.42 19.33 19.64
C GLY D 363 21.11 19.47 18.15
N TYR D 364 21.27 18.39 17.40
CA TYR D 364 21.00 18.42 15.97
C TYR D 364 19.52 18.65 15.67
N GLN D 365 18.64 18.18 16.55
CA GLN D 365 17.22 18.36 16.35
C GLN D 365 16.83 19.83 16.57
N GLU D 366 17.41 20.44 17.59
CA GLU D 366 17.11 21.84 17.89
C GLU D 366 17.63 22.76 16.80
N ASP D 367 18.78 22.41 16.22
CA ASP D 367 19.38 23.21 15.18
C ASP D 367 18.89 22.85 13.78
N ASN D 368 17.98 21.88 13.71
CA ASN D 368 17.43 21.44 12.43
C ASN D 368 18.50 20.94 11.46
N ASP D 369 19.49 20.24 12.00
CA ASP D 369 20.58 19.66 11.22
C ASP D 369 20.13 18.22 10.96
N ALA D 370 19.20 18.07 10.01
CA ALA D 370 18.63 16.78 9.66
C ALA D 370 19.63 15.69 9.31
N LEU D 371 20.66 16.06 8.56
CA LEU D 371 21.68 15.10 8.15
C LEU D 371 22.45 14.53 9.33
N MET D 372 22.98 15.39 10.19
CA MET D 372 23.72 14.90 11.35
C MET D 372 22.79 14.22 12.36
N ALA D 373 21.52 14.62 12.38
CA ALA D 373 20.58 13.99 13.30
C ALA D 373 20.36 12.54 12.89
N THR D 374 20.14 12.30 11.60
CA THR D 374 19.90 10.95 11.14
C THR D 374 21.19 10.13 11.23
N GLU D 375 22.33 10.78 10.97
CA GLU D 375 23.62 10.12 11.05
C GLU D 375 23.93 9.72 12.50
N THR D 376 23.38 10.48 13.45
CA THR D 376 23.59 10.17 14.86
C THR D 376 22.86 8.86 15.19
N LEU D 377 21.70 8.66 14.59
CA LEU D 377 20.97 7.41 14.82
C LEU D 377 21.72 6.27 14.13
N LYS D 378 22.21 6.53 12.92
CA LYS D 378 22.94 5.51 12.16
C LYS D 378 24.22 5.05 12.86
N ARG D 379 24.93 5.97 13.51
CA ARG D 379 26.16 5.59 14.20
C ARG D 379 25.86 4.52 15.23
N ALA D 380 24.67 4.59 15.82
CA ALA D 380 24.25 3.63 16.83
C ALA D 380 23.78 2.34 16.13
N TYR D 381 22.90 2.49 15.15
CA TYR D 381 22.36 1.35 14.44
C TYR D 381 23.41 0.56 13.66
N ARG D 382 24.41 1.25 13.10
CA ARG D 382 25.45 0.56 12.33
C ARG D 382 26.35 -0.28 13.22
N THR D 383 26.39 0.03 14.51
CA THR D 383 27.25 -0.71 15.44
C THR D 383 26.80 -2.17 15.60
N ASP D 384 27.73 -3.10 15.37
CA ASP D 384 27.44 -4.52 15.52
C ASP D 384 27.54 -4.84 17.02
N VAL D 385 26.37 -5.01 17.65
CA VAL D 385 26.32 -5.30 19.08
C VAL D 385 26.26 -6.80 19.42
N GLU D 386 26.43 -7.65 18.41
CA GLU D 386 26.37 -9.09 18.66
C GLU D 386 27.28 -9.50 19.83
N PRO D 387 28.49 -8.93 19.93
CA PRO D 387 29.38 -9.29 21.04
C PRO D 387 28.74 -9.02 22.40
N ILE D 388 28.00 -7.92 22.50
CA ILE D 388 27.34 -7.58 23.75
C ILE D 388 26.23 -8.60 24.02
N LEU D 389 25.47 -8.93 22.99
CA LEU D 389 24.39 -9.90 23.12
C LEU D 389 24.92 -11.28 23.52
N ALA D 390 26.00 -11.70 22.88
CA ALA D 390 26.59 -13.01 23.17
C ALA D 390 27.19 -13.07 24.58
N GLU D 391 27.90 -12.02 24.97
CA GLU D 391 28.52 -12.00 26.31
C GLU D 391 27.42 -12.00 27.37
N ALA D 392 26.36 -11.22 27.12
CA ALA D 392 25.23 -11.14 28.04
C ALA D 392 24.70 -12.56 28.28
N ARG D 393 24.51 -13.31 27.21
CA ARG D 393 24.01 -14.67 27.33
C ARG D 393 25.02 -15.52 28.12
N ARG D 394 26.30 -15.42 27.74
CA ARG D 394 27.34 -16.19 28.41
C ARG D 394 27.36 -15.93 29.92
N ARG D 395 27.32 -14.67 30.32
CA ARG D 395 27.34 -14.30 31.74
C ARG D 395 26.11 -14.70 32.52
N THR D 396 25.00 -14.96 31.82
CA THR D 396 23.77 -15.31 32.51
C THR D 396 23.32 -16.77 32.38
N GLY D 397 24.21 -17.63 31.90
CA GLY D 397 23.87 -19.04 31.76
C GLY D 397 23.39 -19.46 30.39
N GLY D 398 23.46 -18.54 29.42
CA GLY D 398 23.01 -18.86 28.07
C GLY D 398 24.13 -19.31 27.17
N ALA D 399 23.84 -19.35 25.87
CA ALA D 399 24.81 -19.78 24.87
C ALA D 399 25.32 -18.63 24.02
N VAL D 400 26.62 -18.62 23.75
CA VAL D 400 27.23 -17.61 22.92
C VAL D 400 26.50 -17.59 21.58
N ASP D 401 26.27 -18.78 21.02
CA ASP D 401 25.55 -18.92 19.77
C ASP D 401 24.41 -19.89 20.07
N PRO D 402 23.24 -19.35 20.44
CA PRO D 402 22.03 -20.13 20.78
C PRO D 402 21.62 -21.21 19.78
N VAL D 403 21.38 -20.82 18.53
CA VAL D 403 20.97 -21.80 17.51
C VAL D 403 22.02 -22.88 17.29
N ALA D 404 23.31 -22.52 17.34
CA ALA D 404 24.36 -23.50 17.16
C ALA D 404 24.36 -24.49 18.31
N THR D 405 24.21 -23.98 19.53
CA THR D 405 24.20 -24.85 20.70
C THR D 405 22.93 -25.71 20.68
N TYR D 406 21.84 -25.14 20.19
CA TYR D 406 20.57 -25.85 20.10
C TYR D 406 20.69 -27.05 19.17
N ARG D 407 21.29 -26.83 18.00
CA ARG D 407 21.45 -27.91 17.03
C ARG D 407 22.46 -28.95 17.51
N ALA D 408 23.49 -28.50 18.23
CA ALA D 408 24.51 -29.41 18.75
C ALA D 408 23.91 -30.33 19.80
N SER D 409 22.85 -29.86 20.47
CA SER D 409 22.19 -30.64 21.51
C SER D 409 21.35 -31.78 20.95
N GLY D 410 20.86 -31.60 19.72
CA GLY D 410 20.03 -32.61 19.11
C GLY D 410 18.66 -32.66 19.75
N TYR D 411 18.28 -31.57 20.40
CA TYR D 411 16.99 -31.45 21.09
C TYR D 411 15.79 -31.78 20.20
N ARG D 412 15.80 -31.28 18.96
CA ARG D 412 14.69 -31.52 18.05
C ARG D 412 14.47 -33.02 17.77
N ALA D 413 15.55 -33.74 17.52
CA ALA D 413 15.45 -35.18 17.26
C ALA D 413 14.95 -35.89 18.52
N ARG D 414 15.38 -35.38 19.67
CA ARG D 414 14.97 -35.96 20.94
C ARG D 414 13.46 -35.89 21.16
N VAL D 415 12.89 -34.69 21.05
CA VAL D 415 11.44 -34.55 21.23
C VAL D 415 10.68 -35.20 20.08
N ALA D 416 11.34 -35.33 18.94
CA ALA D 416 10.71 -35.96 17.78
C ALA D 416 10.49 -37.43 18.14
N ALA D 417 11.42 -38.02 18.89
CA ALA D 417 11.31 -39.41 19.30
C ALA D 417 10.33 -39.57 20.46
N GLU D 418 10.22 -38.55 21.31
CA GLU D 418 9.32 -38.61 22.45
C GLU D 418 7.89 -38.25 22.08
N ARG D 419 7.73 -37.57 20.94
CA ARG D 419 6.41 -37.15 20.50
C ARG D 419 5.97 -37.86 19.22
N PRO D 420 4.64 -38.02 19.04
CA PRO D 420 4.06 -38.68 17.87
C PRO D 420 4.50 -38.04 16.55
N ALA D 421 3.98 -38.57 15.45
CA ALA D 421 4.31 -38.06 14.13
C ALA D 421 3.08 -37.39 13.51
MN MN E . 14.87 8.26 -11.59
MN MN F . 11.52 9.55 -9.68
C1 RNS G . 11.28 10.78 -12.23
C2 RNS G . 12.51 9.91 -12.50
C3 RNS G . 13.49 10.65 -13.43
C4 RNS G . 13.69 12.10 -12.96
C5 RNS G . 14.89 12.72 -13.67
C6 RNS G . 15.08 14.15 -13.19
O1 RNS G . 10.48 10.46 -11.35
O2 RNS G . 13.15 9.61 -11.28
O3 RNS G . 14.72 9.97 -13.43
O4 RNS G . 13.89 12.14 -11.56
O5 RNS G . 14.68 12.70 -15.08
MN MN H . -7.05 19.32 1.71
MN MN I . -3.83 17.44 0.00
C1 RNS J . -2.57 19.63 1.14
C2 RNS J . -3.94 19.80 1.82
C3 RNS J . -4.29 21.27 1.91
C4 RNS J . -3.97 22.00 0.60
C5 RNS J . -4.59 23.40 0.62
C6 RNS J . -4.16 24.16 -0.63
O1 RNS J . -2.15 18.50 0.86
O2 RNS J . -4.93 19.10 1.07
O3 RNS J . -5.67 21.39 2.21
O4 RNS J . -4.45 21.27 -0.52
O5 RNS J . -4.16 24.09 1.78
MN MN K . -7.15 -17.41 -8.20
MN MN L . -5.99 -16.03 -4.49
C1 RNS M . -4.67 -18.49 -4.62
C2 RNS M . -5.18 -18.46 -6.05
C3 RNS M . -5.61 -19.86 -6.48
C4 RNS M . -6.51 -20.53 -5.44
C5 RNS M . -7.09 -21.82 -6.01
C6 RNS M . -7.88 -22.53 -4.93
O1 RNS M . -4.44 -17.43 -4.03
O2 RNS M . -6.27 -17.57 -6.16
O3 RNS M . -6.27 -19.79 -7.74
O4 RNS M . -7.56 -19.65 -5.08
O5 RNS M . -6.04 -22.66 -6.47
MN MN N . -0.67 -9.84 17.96
MN MN O . -1.60 -10.62 14.07
C1 RNS P . -3.75 -11.59 15.37
C2 RNS P . -3.14 -10.89 16.59
C3 RNS P . -3.34 -11.75 17.82
C4 RNS P . -2.99 -13.21 17.53
C5 RNS P . -2.83 -14.02 18.82
C6 RNS P . -2.73 -15.50 18.49
O1 RNS P . -3.63 -11.09 14.25
O2 RNS P . -1.76 -10.67 16.38
O3 RNS P . -2.53 -11.24 18.88
O4 RNS P . -1.79 -13.29 16.75
O5 RNS P . -3.95 -13.78 19.66
#